data_6ARR
#
_entry.id   6ARR
#
_cell.length_a   71.410
_cell.length_b   105.270
_cell.length_c   110.450
_cell.angle_alpha   90.000
_cell.angle_beta   108.610
_cell.angle_gamma   90.000
#
_symmetry.space_group_name_H-M   'P 1 21 1'
#
loop_
_entity.id
_entity.type
_entity.pdbx_description
1 polymer 'Acetyl-CoA acetyltransferase'
2 non-polymer 'CHLORIDE ION'
3 non-polymer 'CESIUM ION'
4 non-polymer GLYCEROL
5 water water
#
_entity_poly.entity_id   1
_entity_poly.type   'polypeptide(L)'
_entity_poly.pdbx_seq_one_letter_code
;GMSSLPAVYIVSSARTPVGSFLGSLSSLTAPQLGAHAIKAALAKVDGLKPSDVQEVFFGNVISANVGQNPARQCALGAGL
EESTICTTVNKVCASGLKAIILGAQTIMTGNADVVVAGGTESMSNAPHYLPNLRTGAKYGHQSLVDGIMKDGLTDAGKQE
LMGLQAEECAQDHGFSREQQDEYAIRTYEKAQAAQKAGLFDEEIAPIQLPGFRGKPDVTVTQDEEPKNLNPEKLRAIKPA
FIPGSGTVTAPNSSPLNDGAAAVVLVSEAKLKELNLKPVAKILGWGDAAQQPSKFTTAPALAIPKALKHAGVGQDAIDAF
EINEAFSVVALANMKLLGIPEEKVNLHGGAVAIGHPIGASGARILTTLLGVLKAKKGKLGCAGICNGGGGASALVVELL
;
_entity_poly.pdbx_strand_id   A,B,C,D
#
loop_
_chem_comp.id
_chem_comp.type
_chem_comp.name
_chem_comp.formula
CL non-polymer 'CHLORIDE ION' 'Cl -1'
CS non-polymer 'CESIUM ION' 'Cs 1'
GOL non-polymer GLYCEROL 'C3 H8 O3'
#
# COMPACT_ATOMS: atom_id res chain seq x y z
N LEU A 5 -31.05 31.08 -30.70
CA LEU A 5 -31.21 30.34 -29.45
C LEU A 5 -31.20 31.28 -28.24
N PRO A 6 -31.85 30.85 -27.14
CA PRO A 6 -31.95 31.72 -25.97
C PRO A 6 -30.60 32.22 -25.47
N ALA A 7 -30.57 33.47 -25.03
CA ALA A 7 -29.37 34.04 -24.43
C ALA A 7 -29.09 33.36 -23.09
N VAL A 8 -27.80 33.32 -22.73
CA VAL A 8 -27.36 32.78 -21.46
C VAL A 8 -26.62 33.88 -20.72
N TYR A 9 -27.06 34.20 -19.51
CA TYR A 9 -26.44 35.25 -18.72
C TYR A 9 -25.70 34.68 -17.52
N ILE A 10 -24.53 35.24 -17.24
CA ILE A 10 -23.81 35.00 -16.00
C ILE A 10 -24.30 36.04 -14.99
N VAL A 11 -24.81 35.57 -13.85
CA VAL A 11 -25.29 36.49 -12.82
C VAL A 11 -24.33 36.62 -11.64
N SER A 12 -23.37 35.71 -11.49
CA SER A 12 -22.35 35.86 -10.46
C SER A 12 -21.29 34.78 -10.65
N SER A 13 -20.16 34.99 -10.01
CA SER A 13 -19.10 33.99 -9.97
C SER A 13 -18.38 34.11 -8.64
N ALA A 14 -17.68 33.03 -8.27
CA ALA A 14 -16.89 33.01 -7.06
C ALA A 14 -15.89 31.89 -7.18
N ARG A 15 -14.73 32.07 -6.55
CA ARG A 15 -13.69 31.05 -6.51
C ARG A 15 -13.08 31.01 -5.12
N THR A 16 -12.69 29.81 -4.69
CA THR A 16 -11.89 29.72 -3.48
C THR A 16 -10.55 30.43 -3.71
N PRO A 17 -9.85 30.79 -2.64
CA PRO A 17 -8.41 31.02 -2.79
C PRO A 17 -7.78 29.77 -3.37
N VAL A 18 -6.67 29.94 -4.08
CA VAL A 18 -5.95 28.80 -4.63
C VAL A 18 -4.88 28.38 -3.62
N GLY A 19 -5.02 27.18 -3.07
CA GLY A 19 -4.08 26.68 -2.10
C GLY A 19 -2.93 25.93 -2.76
N SER A 20 -1.78 25.97 -2.10
CA SER A 20 -0.61 25.24 -2.58
C SER A 20 -0.78 23.75 -2.32
N PHE A 21 0.04 22.95 -3.03
CA PHE A 21 0.04 21.50 -2.88
C PHE A 21 0.40 21.13 -1.44
N LEU A 22 -0.47 20.34 -0.81
CA LEU A 22 -0.30 19.98 0.59
C LEU A 22 -0.21 21.22 1.47
N GLY A 23 -0.99 22.26 1.14
CA GLY A 23 -0.86 23.53 1.80
C GLY A 23 -2.11 24.01 2.52
N SER A 24 -2.48 25.28 2.30
CA SER A 24 -3.44 25.94 3.16
C SER A 24 -4.85 25.36 3.04
N LEU A 25 -5.16 24.67 1.95
CA LEU A 25 -6.47 24.08 1.75
C LEU A 25 -6.43 22.55 1.72
N SER A 26 -5.26 21.97 2.01
CA SER A 26 -5.08 20.52 1.89
C SER A 26 -6.01 19.73 2.81
N SER A 27 -6.55 20.35 3.85
CA SER A 27 -7.49 19.65 4.72
C SER A 27 -8.89 19.53 4.14
N LEU A 28 -9.16 20.15 2.99
CA LEU A 28 -10.49 20.16 2.41
C LEU A 28 -10.56 19.23 1.20
N THR A 29 -11.65 18.49 1.10
CA THR A 29 -11.85 17.62 -0.05
C THR A 29 -12.35 18.43 -1.25
N ALA A 30 -12.23 17.82 -2.44
CA ALA A 30 -12.69 18.51 -3.65
C ALA A 30 -14.17 18.91 -3.59
N PRO A 31 -15.09 18.08 -3.06
CA PRO A 31 -16.48 18.55 -2.93
C PRO A 31 -16.67 19.62 -1.88
N GLN A 32 -15.79 19.74 -0.89
CA GLN A 32 -15.93 20.83 0.07
C GLN A 32 -15.54 22.16 -0.56
N LEU A 33 -14.43 22.19 -1.29
CA LEU A 33 -14.04 23.37 -2.05
C LEU A 33 -15.11 23.75 -3.06
N GLY A 34 -15.64 22.74 -3.77
CA GLY A 34 -16.68 23.00 -4.75
C GLY A 34 -17.96 23.53 -4.13
N ALA A 35 -18.40 22.89 -3.03
CA ALA A 35 -19.57 23.38 -2.31
C ALA A 35 -19.38 24.84 -1.89
N HIS A 36 -18.19 25.17 -1.38
CA HIS A 36 -17.91 26.53 -0.93
C HIS A 36 -18.11 27.54 -2.06
N ALA A 37 -17.58 27.21 -3.25
CA ALA A 37 -17.61 28.15 -4.37
C ALA A 37 -19.02 28.32 -4.92
N ILE A 38 -19.81 27.24 -4.94
CA ILE A 38 -21.20 27.34 -5.38
C ILE A 38 -22.01 28.21 -4.43
N LYS A 39 -21.81 27.98 -3.12
CA LYS A 39 -22.57 28.75 -2.11
C LYS A 39 -22.24 30.23 -2.19
N ALA A 40 -20.96 30.57 -2.42
CA ALA A 40 -20.57 31.97 -2.49
C ALA A 40 -21.09 32.65 -3.75
N ALA A 41 -21.09 31.93 -4.88
CA ALA A 41 -21.64 32.50 -6.10
C ALA A 41 -23.14 32.76 -5.94
N LEU A 42 -23.85 31.83 -5.30
CA LEU A 42 -25.31 31.94 -5.20
C LEU A 42 -25.73 33.01 -4.20
N ALA A 43 -24.90 33.30 -3.19
CA ALA A 43 -25.25 34.38 -2.27
C ALA A 43 -25.10 35.75 -2.89
N LYS A 44 -24.45 35.87 -4.05
CA LYS A 44 -24.25 37.17 -4.69
C LYS A 44 -25.46 37.63 -5.51
N VAL A 45 -26.36 36.73 -5.90
CA VAL A 45 -27.47 37.05 -6.80
C VAL A 45 -28.71 37.28 -5.95
N ASP A 46 -28.99 38.54 -5.61
CA ASP A 46 -30.24 38.83 -4.92
C ASP A 46 -31.41 38.64 -5.88
N GLY A 47 -32.52 38.11 -5.36
CA GLY A 47 -33.65 37.71 -6.17
C GLY A 47 -33.60 36.28 -6.65
N LEU A 48 -32.53 35.56 -6.36
CA LEU A 48 -32.33 34.18 -6.79
C LEU A 48 -32.13 33.32 -5.56
N LYS A 49 -32.99 32.32 -5.37
CA LYS A 49 -32.78 31.43 -4.25
C LYS A 49 -31.94 30.23 -4.66
N PRO A 50 -31.11 29.69 -3.75
CA PRO A 50 -30.37 28.46 -4.05
C PRO A 50 -31.27 27.31 -4.48
N SER A 51 -32.53 27.34 -4.05
CA SER A 51 -33.49 26.33 -4.48
C SER A 51 -33.97 26.54 -5.92
N ASP A 52 -33.59 27.65 -6.56
CA ASP A 52 -33.92 27.91 -7.96
C ASP A 52 -32.99 27.20 -8.95
N VAL A 53 -31.90 26.61 -8.48
CA VAL A 53 -30.93 25.97 -9.36
C VAL A 53 -31.43 24.57 -9.71
N GLN A 54 -31.61 24.32 -11.01
CA GLN A 54 -32.13 23.04 -11.47
C GLN A 54 -31.05 22.03 -11.85
N GLU A 55 -29.86 22.48 -12.21
CA GLU A 55 -28.86 21.57 -12.76
C GLU A 55 -27.46 22.10 -12.46
N VAL A 56 -26.55 21.16 -12.22
CA VAL A 56 -25.14 21.45 -11.96
C VAL A 56 -24.29 20.62 -12.92
N PHE A 57 -23.31 21.27 -13.54
CA PHE A 57 -22.18 20.61 -14.20
C PHE A 57 -20.92 21.05 -13.49
N PHE A 58 -20.11 20.10 -13.00
CA PHE A 58 -18.90 20.47 -12.31
C PHE A 58 -17.72 19.63 -12.79
N GLY A 59 -16.63 20.31 -13.11
CA GLY A 59 -15.43 19.61 -13.54
C GLY A 59 -14.64 19.05 -12.37
N ASN A 60 -13.97 17.94 -12.65
CA ASN A 60 -13.07 17.30 -11.70
C ASN A 60 -12.29 16.26 -12.48
N VAL A 61 -10.97 16.23 -12.32
CA VAL A 61 -10.18 15.35 -13.17
C VAL A 61 -9.81 14.10 -12.38
N ILE A 62 -9.15 14.29 -11.25
CA ILE A 62 -8.67 13.17 -10.42
C ILE A 62 -9.74 12.90 -9.38
N SER A 63 -10.72 12.09 -9.77
CA SER A 63 -11.88 11.82 -8.94
C SER A 63 -11.69 10.61 -8.02
N ALA A 64 -10.56 9.91 -8.12
CA ALA A 64 -10.33 8.73 -7.29
C ALA A 64 -10.47 9.07 -5.80
N ASN A 65 -11.25 8.26 -5.09
CA ASN A 65 -11.49 8.37 -3.64
C ASN A 65 -12.29 9.62 -3.28
N VAL A 66 -12.79 10.38 -4.26
CA VAL A 66 -13.67 11.50 -3.93
C VAL A 66 -15.07 11.01 -3.58
N GLY A 67 -15.43 9.79 -4.00
CA GLY A 67 -16.76 9.25 -3.79
C GLY A 67 -17.66 9.49 -4.99
N GLN A 68 -18.86 8.91 -4.91
CA GLN A 68 -19.85 8.98 -5.98
C GLN A 68 -20.12 10.41 -6.45
N ASN A 69 -20.02 10.62 -7.78
CA ASN A 69 -20.43 11.84 -8.49
C ASN A 69 -19.98 13.10 -7.75
N PRO A 70 -18.71 13.49 -7.87
CA PRO A 70 -18.22 14.68 -7.17
C PRO A 70 -19.12 15.89 -7.29
N ALA A 71 -19.71 16.12 -8.47
CA ALA A 71 -20.55 17.30 -8.66
C ALA A 71 -21.81 17.23 -7.81
N ARG A 72 -22.36 16.03 -7.64
CA ARG A 72 -23.50 15.85 -6.75
C ARG A 72 -23.12 16.22 -5.32
N GLN A 73 -21.92 15.85 -4.90
CA GLN A 73 -21.47 16.20 -3.56
C GLN A 73 -21.24 17.70 -3.42
N CYS A 74 -20.65 18.33 -4.44
CA CYS A 74 -20.53 19.78 -4.43
C CYS A 74 -21.91 20.43 -4.28
N ALA A 75 -22.86 20.00 -5.12
CA ALA A 75 -24.17 20.64 -5.12
C ALA A 75 -24.86 20.50 -3.76
N LEU A 76 -24.93 19.28 -3.22
CA LEU A 76 -25.59 19.09 -1.94
C LEU A 76 -24.85 19.82 -0.82
N GLY A 77 -23.52 19.80 -0.85
CA GLY A 77 -22.76 20.53 0.16
C GLY A 77 -23.01 22.03 0.15
N ALA A 78 -23.40 22.58 -0.99
CA ALA A 78 -23.70 24.00 -1.09
C ALA A 78 -25.13 24.32 -0.67
N GLY A 79 -25.93 23.31 -0.37
CA GLY A 79 -27.31 23.53 0.02
C GLY A 79 -28.29 23.55 -1.12
N LEU A 80 -27.91 23.09 -2.31
CA LEU A 80 -28.87 22.96 -3.39
C LEU A 80 -29.84 21.82 -3.08
N GLU A 81 -30.99 21.87 -3.75
CA GLU A 81 -32.04 20.89 -3.51
C GLU A 81 -31.63 19.50 -4.01
N GLU A 82 -32.19 18.48 -3.36
CA GLU A 82 -31.96 17.11 -3.80
C GLU A 82 -32.54 16.86 -5.19
N SER A 83 -33.43 17.74 -5.66
CA SER A 83 -34.02 17.63 -6.99
C SER A 83 -33.09 18.10 -8.10
N THR A 84 -31.88 18.52 -7.75
CA THR A 84 -30.95 19.10 -8.71
C THR A 84 -30.27 18.03 -9.55
N ILE A 85 -30.15 18.29 -10.84
CA ILE A 85 -29.42 17.40 -11.75
C ILE A 85 -27.94 17.73 -11.67
N CYS A 86 -27.11 16.73 -11.39
CA CYS A 86 -25.69 16.95 -11.15
C CYS A 86 -24.86 16.02 -12.01
N THR A 87 -23.91 16.58 -12.74
CA THR A 87 -23.05 15.77 -13.61
C THR A 87 -21.60 16.22 -13.48
N THR A 88 -20.71 15.26 -13.33
CA THR A 88 -19.29 15.53 -13.25
C THR A 88 -18.66 15.37 -14.64
N VAL A 89 -17.80 16.29 -15.01
CA VAL A 89 -17.21 16.30 -16.34
C VAL A 89 -15.69 16.31 -16.24
N ASN A 90 -15.05 15.57 -17.13
CA ASN A 90 -13.60 15.47 -17.20
C ASN A 90 -13.19 15.67 -18.64
N LYS A 91 -12.63 16.84 -18.93
CA LYS A 91 -11.85 17.11 -20.14
C LYS A 91 -10.48 17.62 -19.72
N VAL A 92 -9.89 16.92 -18.75
CA VAL A 92 -8.65 17.25 -18.05
C VAL A 92 -8.63 18.73 -17.65
N CYS A 93 -7.61 19.47 -18.09
CA CYS A 93 -7.44 20.86 -17.63
C CYS A 93 -8.57 21.78 -18.11
N ALA A 94 -9.36 21.35 -19.10
CA ALA A 94 -10.45 22.17 -19.63
C ALA A 94 -11.79 21.85 -18.98
N SER A 95 -11.82 20.98 -17.96
CA SER A 95 -13.09 20.50 -17.40
C SER A 95 -13.94 21.64 -16.84
N GLY A 96 -13.31 22.63 -16.19
CA GLY A 96 -14.07 23.70 -15.57
C GLY A 96 -14.78 24.56 -16.60
N LEU A 97 -14.14 24.80 -17.75
CA LEU A 97 -14.76 25.59 -18.80
C LEU A 97 -15.76 24.77 -19.60
N LYS A 98 -15.42 23.50 -19.89
CA LYS A 98 -16.34 22.63 -20.61
C LYS A 98 -17.63 22.40 -19.83
N ALA A 99 -17.52 22.33 -18.49
CA ALA A 99 -18.73 22.27 -17.68
C ALA A 99 -19.64 23.47 -17.93
N ILE A 100 -19.07 24.65 -18.10
CA ILE A 100 -19.86 25.87 -18.31
C ILE A 100 -20.50 25.86 -19.68
N ILE A 101 -19.76 25.40 -20.70
CA ILE A 101 -20.35 25.27 -22.03
C ILE A 101 -21.53 24.30 -22.00
N LEU A 102 -21.38 23.18 -21.29
CA LEU A 102 -22.50 22.24 -21.17
C LEU A 102 -23.67 22.86 -20.43
N GLY A 103 -23.39 23.66 -19.41
CA GLY A 103 -24.47 24.34 -18.69
C GLY A 103 -25.19 25.36 -19.55
N ALA A 104 -24.43 26.13 -20.35
CA ALA A 104 -25.06 27.07 -21.26
C ALA A 104 -25.91 26.34 -22.29
N GLN A 105 -25.42 25.21 -22.80
CA GLN A 105 -26.19 24.41 -23.75
C GLN A 105 -27.49 23.89 -23.14
N THR A 106 -27.44 23.48 -21.87
CA THR A 106 -28.63 22.98 -21.19
C THR A 106 -29.70 24.07 -21.11
N ILE A 107 -29.29 25.32 -20.89
CA ILE A 107 -30.23 26.44 -20.92
C ILE A 107 -30.72 26.68 -22.34
N MET A 108 -29.82 26.61 -23.33
CA MET A 108 -30.19 26.97 -24.70
C MET A 108 -31.18 25.97 -25.30
N THR A 109 -31.11 24.69 -24.91
CA THR A 109 -32.08 23.71 -25.36
C THR A 109 -33.35 23.68 -24.52
N GLY A 110 -33.44 24.53 -23.49
CA GLY A 110 -34.68 24.67 -22.74
C GLY A 110 -34.98 23.60 -21.72
N ASN A 111 -33.95 22.91 -21.22
CA ASN A 111 -34.14 21.91 -20.17
C ASN A 111 -33.88 22.48 -18.77
N ALA A 112 -33.32 23.68 -18.67
CA ALA A 112 -33.12 24.32 -17.38
C ALA A 112 -33.15 25.84 -17.57
N ASP A 113 -33.45 26.55 -16.48
CA ASP A 113 -33.43 28.00 -16.46
C ASP A 113 -32.35 28.60 -15.56
N VAL A 114 -31.88 27.85 -14.57
CA VAL A 114 -30.81 28.28 -13.68
C VAL A 114 -29.86 27.10 -13.52
N VAL A 115 -28.62 27.27 -13.98
CA VAL A 115 -27.60 26.22 -13.94
C VAL A 115 -26.39 26.76 -13.21
N VAL A 116 -25.77 25.92 -12.38
CA VAL A 116 -24.50 26.24 -11.75
C VAL A 116 -23.44 25.37 -12.42
N ALA A 117 -22.38 26.00 -12.90
CA ALA A 117 -21.31 25.27 -13.57
C ALA A 117 -19.97 25.79 -13.09
N GLY A 118 -18.95 24.94 -13.21
CA GLY A 118 -17.63 25.29 -12.72
C GLY A 118 -16.77 24.04 -12.57
N GLY A 119 -15.85 24.09 -11.61
CA GLY A 119 -14.98 22.95 -11.38
C GLY A 119 -14.31 23.00 -10.03
N THR A 120 -13.77 21.84 -9.62
CA THR A 120 -13.05 21.72 -8.36
C THR A 120 -11.95 20.68 -8.50
N GLU A 121 -10.86 20.89 -7.78
CA GLU A 121 -9.80 19.89 -7.74
C GLU A 121 -9.10 20.00 -6.39
N SER A 122 -8.86 18.85 -5.75
CA SER A 122 -8.04 18.77 -4.55
C SER A 122 -6.88 17.86 -4.91
N MET A 123 -5.81 18.45 -5.44
CA MET A 123 -4.66 17.64 -5.81
C MET A 123 -3.90 17.17 -4.58
N SER A 124 -4.03 17.90 -3.46
CA SER A 124 -3.45 17.45 -2.20
C SER A 124 -3.99 16.07 -1.80
N ASN A 125 -5.26 15.81 -2.06
CA ASN A 125 -5.92 14.59 -1.59
C ASN A 125 -6.11 13.57 -2.70
N ALA A 126 -5.40 13.73 -3.82
CA ALA A 126 -5.38 12.69 -4.83
C ALA A 126 -4.61 11.49 -4.28
N PRO A 127 -5.14 10.27 -4.38
CA PRO A 127 -4.50 9.12 -3.73
C PRO A 127 -3.44 8.48 -4.61
N HIS A 128 -2.80 7.45 -4.07
CA HIS A 128 -2.01 6.49 -4.83
C HIS A 128 -2.85 5.23 -5.08
N TYR A 129 -2.53 4.52 -6.16
CA TYR A 129 -3.31 3.36 -6.62
C TYR A 129 -2.49 2.09 -6.47
N LEU A 130 -3.14 1.03 -6.00
CA LEU A 130 -2.55 -0.30 -6.11
C LEU A 130 -3.37 -1.05 -7.16
N PRO A 131 -2.84 -1.27 -8.36
CA PRO A 131 -3.69 -1.76 -9.46
C PRO A 131 -3.83 -3.28 -9.59
N ASN A 132 -3.07 -4.09 -8.87
CA ASN A 132 -3.12 -5.53 -9.14
C ASN A 132 -3.42 -6.35 -7.88
N LEU A 133 -4.12 -5.75 -6.90
CA LEU A 133 -4.48 -6.48 -5.69
C LEU A 133 -5.58 -7.52 -5.95
N ARG A 134 -6.47 -7.29 -6.91
CA ARG A 134 -7.60 -8.22 -7.10
C ARG A 134 -7.13 -9.57 -7.61
N THR A 135 -6.33 -9.58 -8.67
CA THR A 135 -5.78 -10.81 -9.21
C THR A 135 -4.50 -11.25 -8.50
N GLY A 136 -3.81 -10.32 -7.85
CA GLY A 136 -2.64 -10.63 -7.05
C GLY A 136 -1.36 -10.62 -7.86
N ALA A 137 -0.24 -10.67 -7.13
CA ALA A 137 1.09 -10.69 -7.72
C ALA A 137 1.96 -11.59 -6.85
N LYS A 138 2.34 -12.76 -7.38
CA LYS A 138 2.85 -13.82 -6.52
C LYS A 138 4.27 -13.54 -6.00
N TYR A 139 5.11 -12.87 -6.79
CA TYR A 139 6.51 -12.70 -6.42
C TYR A 139 7.10 -11.51 -7.17
N GLY A 140 7.68 -10.57 -6.42
CA GLY A 140 8.35 -9.41 -6.98
C GLY A 140 7.84 -8.11 -6.39
N HIS A 141 8.69 -7.07 -6.45
CA HIS A 141 8.26 -5.75 -5.98
C HIS A 141 7.14 -5.22 -6.87
N GLN A 142 6.26 -4.41 -6.30
CA GLN A 142 5.10 -3.92 -7.01
C GLN A 142 5.04 -2.40 -6.88
N SER A 143 4.18 -1.78 -7.68
CA SER A 143 4.13 -0.33 -7.82
C SER A 143 2.87 0.24 -7.18
N LEU A 144 3.02 1.40 -6.54
CA LEU A 144 1.90 2.24 -6.14
C LEU A 144 1.91 3.46 -7.06
N VAL A 145 0.86 3.59 -7.87
CA VAL A 145 0.79 4.61 -8.92
C VAL A 145 0.33 5.92 -8.30
N ASP A 146 1.04 7.00 -8.59
CA ASP A 146 0.64 8.33 -8.13
C ASP A 146 -0.50 8.80 -9.02
N GLY A 147 -1.68 9.00 -8.43
CA GLY A 147 -2.85 9.35 -9.21
C GLY A 147 -2.78 10.70 -9.90
N ILE A 148 -1.98 11.63 -9.37
CA ILE A 148 -1.77 12.90 -10.06
C ILE A 148 -1.04 12.65 -11.38
N MET A 149 0.03 11.85 -11.33
CA MET A 149 0.80 11.59 -12.54
C MET A 149 -0.02 10.80 -13.55
N LYS A 150 -0.74 9.77 -13.08
CA LYS A 150 -1.40 8.86 -14.01
CA LYS A 150 -1.41 8.85 -13.99
C LYS A 150 -2.60 9.52 -14.69
N ASP A 151 -3.51 10.09 -13.91
CA ASP A 151 -4.76 10.58 -14.43
C ASP A 151 -4.78 12.07 -14.69
N GLY A 152 -3.80 12.83 -14.19
CA GLY A 152 -3.78 14.25 -14.45
C GLY A 152 -2.67 14.71 -15.38
N LEU A 153 -1.44 14.27 -15.13
CA LEU A 153 -0.28 14.94 -15.73
C LEU A 153 0.39 14.18 -16.86
N THR A 154 0.07 12.90 -17.08
CA THR A 154 0.76 12.11 -18.10
C THR A 154 -0.08 11.98 -19.34
N ASP A 155 0.53 12.21 -20.50
CA ASP A 155 -0.15 11.96 -21.76
C ASP A 155 -0.35 10.46 -21.95
N ALA A 156 -1.53 10.08 -22.46
CA ALA A 156 -1.91 8.67 -22.49
C ALA A 156 -1.05 7.89 -23.48
N GLY A 157 -0.92 8.39 -24.71
CA GLY A 157 -0.15 7.68 -25.73
C GLY A 157 1.36 7.71 -25.55
N LYS A 158 1.91 8.86 -25.13
CA LYS A 158 3.34 9.00 -25.00
C LYS A 158 3.88 8.47 -23.68
N GLN A 159 3.05 8.45 -22.63
CA GLN A 159 3.49 8.13 -21.28
C GLN A 159 4.59 9.08 -20.81
N GLU A 160 4.46 10.36 -21.16
CA GLU A 160 5.40 11.39 -20.75
C GLU A 160 4.67 12.50 -20.02
N LEU A 161 5.27 12.96 -18.91
CA LEU A 161 4.71 14.04 -18.11
C LEU A 161 4.50 15.30 -18.94
N MET A 162 3.59 16.15 -18.48
CA MET A 162 3.26 17.37 -19.22
C MET A 162 4.46 18.30 -19.35
N GLY A 163 5.39 18.25 -18.40
CA GLY A 163 6.59 19.08 -18.49
C GLY A 163 7.41 18.78 -19.72
N LEU A 164 7.30 17.55 -20.26
CA LEU A 164 8.02 17.19 -21.47
C LEU A 164 7.28 17.62 -22.72
N GLN A 165 5.94 17.60 -22.70
CA GLN A 165 5.20 18.27 -23.78
C GLN A 165 5.48 19.76 -23.78
N ALA A 166 5.79 20.34 -22.61
CA ALA A 166 6.12 21.76 -22.53
C ALA A 166 7.47 22.05 -23.18
N GLU A 167 8.45 21.16 -22.98
CA GLU A 167 9.73 21.32 -23.64
C GLU A 167 9.59 21.21 -25.15
N GLU A 168 8.70 20.32 -25.61
CA GLU A 168 8.33 20.31 -27.01
C GLU A 168 7.87 21.69 -27.45
N CYS A 169 7.00 22.32 -26.65
CA CYS A 169 6.48 23.64 -27.00
C CYS A 169 7.59 24.66 -27.15
N ALA A 170 8.63 24.57 -26.33
CA ALA A 170 9.75 25.50 -26.42
C ALA A 170 10.51 25.32 -27.72
N GLN A 171 10.86 24.07 -28.05
CA GLN A 171 11.64 23.81 -29.25
C GLN A 171 10.82 24.04 -30.51
N ASP A 172 9.50 23.85 -30.44
CA ASP A 172 8.66 24.02 -31.62
C ASP A 172 8.51 25.48 -32.01
N HIS A 173 8.51 26.39 -31.03
CA HIS A 173 8.24 27.79 -31.29
C HIS A 173 9.36 28.73 -30.84
N GLY A 174 10.46 28.21 -30.29
CA GLY A 174 11.64 29.00 -30.04
C GLY A 174 11.55 29.95 -28.87
N PHE A 175 11.34 29.42 -27.66
CA PHE A 175 11.34 30.21 -26.44
C PHE A 175 12.36 29.62 -25.47
N SER A 176 13.24 30.46 -24.96
CA SER A 176 14.38 29.99 -24.18
C SER A 176 14.04 29.90 -22.70
N ARG A 177 15.01 29.36 -21.94
CA ARG A 177 14.90 29.35 -20.48
C ARG A 177 14.72 30.77 -19.94
N GLU A 178 15.36 31.75 -20.56
CA GLU A 178 15.23 33.13 -20.11
C GLU A 178 13.84 33.69 -20.41
N GLN A 179 13.41 33.58 -21.67
CA GLN A 179 12.12 34.14 -22.08
C GLN A 179 10.97 33.64 -21.20
N GLN A 180 10.97 32.35 -20.87
CA GLN A 180 9.95 31.80 -19.99
C GLN A 180 10.13 32.28 -18.56
N ASP A 181 11.38 32.46 -18.12
CA ASP A 181 11.65 32.95 -16.78
C ASP A 181 11.21 34.40 -16.62
N GLU A 182 11.37 35.22 -17.66
CA GLU A 182 10.92 36.61 -17.58
C GLU A 182 9.40 36.70 -17.58
N TYR A 183 8.73 35.89 -18.39
CA TYR A 183 7.27 35.84 -18.36
C TYR A 183 6.76 35.42 -16.99
N ALA A 184 7.33 34.34 -16.43
CA ALA A 184 6.92 33.89 -15.11
C ALA A 184 7.07 35.01 -14.08
N ILE A 185 8.21 35.70 -14.11
CA ILE A 185 8.40 36.83 -13.20
C ILE A 185 7.35 37.91 -13.46
N ARG A 186 7.05 38.19 -14.74
CA ARG A 186 6.07 39.23 -15.04
C ARG A 186 4.69 38.87 -14.50
N THR A 187 4.25 37.62 -14.73
CA THR A 187 2.93 37.23 -14.25
C THR A 187 2.91 37.13 -12.72
N TYR A 188 4.06 36.88 -12.10
CA TYR A 188 4.14 36.87 -10.65
C TYR A 188 3.91 38.26 -10.07
N GLU A 189 4.61 39.27 -10.59
CA GLU A 189 4.39 40.61 -10.05
C GLU A 189 3.09 41.23 -10.54
N LYS A 190 2.54 40.76 -11.66
CA LYS A 190 1.16 41.12 -11.98
C LYS A 190 0.20 40.56 -10.95
N ALA A 191 0.45 39.33 -10.48
CA ALA A 191 -0.41 38.73 -9.47
C ALA A 191 -0.23 39.40 -8.11
N GLN A 192 1.03 39.68 -7.73
CA GLN A 192 1.27 40.34 -6.45
C GLN A 192 0.71 41.76 -6.43
N ALA A 193 0.72 42.44 -7.58
CA ALA A 193 0.14 43.77 -7.64
C ALA A 193 -1.36 43.74 -7.38
N ALA A 194 -2.03 42.66 -7.80
CA ALA A 194 -3.48 42.58 -7.63
C ALA A 194 -3.85 42.32 -6.17
N GLN A 195 -3.08 41.49 -5.47
CA GLN A 195 -3.35 41.23 -4.05
C GLN A 195 -3.30 42.51 -3.24
N LYS A 196 -2.18 43.25 -3.34
CA LYS A 196 -2.02 44.45 -2.53
C LYS A 196 -2.97 45.56 -2.96
N ALA A 197 -3.38 45.57 -4.22
CA ALA A 197 -4.37 46.54 -4.69
C ALA A 197 -5.79 46.00 -4.62
N GLY A 198 -5.98 44.75 -4.19
CA GLY A 198 -7.29 44.25 -3.84
C GLY A 198 -8.19 43.79 -4.98
N LEU A 199 -7.65 43.56 -6.18
CA LEU A 199 -8.49 43.24 -7.32
C LEU A 199 -8.98 41.79 -7.33
N PHE A 200 -8.54 40.95 -6.36
CA PHE A 200 -9.06 39.61 -6.20
C PHE A 200 -10.12 39.50 -5.11
N ASP A 201 -10.32 40.55 -4.31
CA ASP A 201 -11.16 40.43 -3.12
C ASP A 201 -12.62 40.15 -3.47
N GLU A 202 -13.11 40.69 -4.59
CA GLU A 202 -14.50 40.46 -4.97
C GLU A 202 -14.73 38.99 -5.33
N GLU A 203 -13.84 38.43 -6.15
CA GLU A 203 -14.08 37.10 -6.72
C GLU A 203 -13.78 35.98 -5.73
N ILE A 204 -12.91 36.22 -4.77
CA ILE A 204 -12.48 35.18 -3.84
C ILE A 204 -13.46 35.10 -2.67
N ALA A 205 -13.89 33.87 -2.36
CA ALA A 205 -14.69 33.60 -1.17
C ALA A 205 -13.78 32.99 -0.12
N PRO A 206 -13.36 33.74 0.90
CA PRO A 206 -12.38 33.20 1.85
C PRO A 206 -12.94 32.00 2.60
N ILE A 207 -12.03 31.14 3.06
CA ILE A 207 -12.40 29.88 3.70
C ILE A 207 -12.04 29.96 5.18
N GLN A 208 -12.97 29.54 6.03
CA GLN A 208 -12.75 29.46 7.46
C GLN A 208 -12.38 28.04 7.85
N LEU A 209 -11.24 27.88 8.51
CA LEU A 209 -10.82 26.60 9.05
C LEU A 209 -10.81 26.72 10.57
N PRO A 210 -11.86 26.26 11.27
CA PRO A 210 -11.92 26.45 12.72
C PRO A 210 -11.25 25.34 13.50
N GLY A 211 -10.24 25.69 14.31
CA GLY A 211 -9.66 24.75 15.25
C GLY A 211 -10.36 24.86 16.59
N PHE A 212 -10.77 23.71 17.13
CA PHE A 212 -11.55 23.72 18.37
C PHE A 212 -11.12 22.62 19.33
N ARG A 213 -9.86 22.19 19.26
CA ARG A 213 -9.24 21.43 20.34
C ARG A 213 -8.40 22.35 21.24
N GLY A 214 -8.81 23.62 21.34
CA GLY A 214 -7.96 24.67 21.85
C GLY A 214 -7.18 25.40 20.77
N LYS A 215 -7.15 24.86 19.54
CA LYS A 215 -6.35 25.42 18.47
C LYS A 215 -6.95 26.76 18.01
N PRO A 216 -6.12 27.61 17.38
CA PRO A 216 -6.64 28.89 16.89
C PRO A 216 -7.33 28.74 15.55
N ASP A 217 -8.41 29.50 15.37
CA ASP A 217 -9.14 29.52 14.11
C ASP A 217 -8.28 30.14 13.01
N VAL A 218 -8.42 29.63 11.79
CA VAL A 218 -7.62 30.04 10.65
C VAL A 218 -8.55 30.45 9.50
N THR A 219 -8.24 31.58 8.87
CA THR A 219 -8.94 32.06 7.68
C THR A 219 -7.95 32.12 6.52
N VAL A 220 -8.33 31.52 5.39
CA VAL A 220 -7.54 31.59 4.16
C VAL A 220 -8.22 32.60 3.25
N THR A 221 -7.55 33.70 2.97
CA THR A 221 -8.11 34.76 2.12
C THR A 221 -7.33 35.00 0.84
N GLN A 222 -6.04 34.65 0.78
CA GLN A 222 -5.20 34.90 -0.37
C GLN A 222 -4.88 33.62 -1.11
N ASP A 223 -4.57 33.76 -2.40
CA ASP A 223 -3.90 32.68 -3.12
C ASP A 223 -2.51 32.50 -2.53
N GLU A 224 -2.09 31.23 -2.40
CA GLU A 224 -0.88 30.95 -1.65
C GLU A 224 0.38 31.15 -2.48
N GLU A 225 0.30 30.97 -3.80
CA GLU A 225 1.48 30.92 -4.64
C GLU A 225 2.13 32.26 -4.96
N PRO A 226 1.39 33.34 -5.24
CA PRO A 226 2.05 34.56 -5.74
C PRO A 226 3.11 35.13 -4.81
N LYS A 227 2.96 34.98 -3.50
CA LYS A 227 3.96 35.52 -2.56
CA LYS A 227 3.95 35.52 -2.58
C LYS A 227 5.28 34.77 -2.60
N ASN A 228 5.35 33.62 -3.29
CA ASN A 228 6.54 32.78 -3.29
C ASN A 228 7.62 33.24 -4.25
N LEU A 229 7.36 34.26 -5.07
CA LEU A 229 8.34 34.67 -6.08
C LEU A 229 9.65 35.12 -5.43
N ASN A 230 10.75 34.51 -5.86
CA ASN A 230 12.10 34.97 -5.54
C ASN A 230 12.86 34.95 -6.86
N PRO A 231 13.03 36.11 -7.51
CA PRO A 231 13.61 36.10 -8.86
C PRO A 231 15.04 35.61 -8.90
N GLU A 232 15.85 35.90 -7.87
CA GLU A 232 17.19 35.34 -7.80
C GLU A 232 17.14 33.81 -7.77
N LYS A 233 16.35 33.27 -6.84
CA LYS A 233 16.17 31.82 -6.78
C LYS A 233 15.59 31.27 -8.07
N LEU A 234 14.71 32.03 -8.72
CA LEU A 234 13.99 31.54 -9.89
C LEU A 234 14.92 31.41 -11.09
N ARG A 235 15.76 32.43 -11.35
CA ARG A 235 16.62 32.39 -12.52
C ARG A 235 17.70 31.33 -12.42
N ALA A 236 18.12 30.98 -11.21
CA ALA A 236 19.26 30.10 -10.99
C ALA A 236 18.88 28.67 -10.66
N ILE A 237 17.60 28.33 -10.66
CA ILE A 237 17.18 26.96 -10.37
C ILE A 237 17.47 26.07 -11.58
N LYS A 238 17.73 24.79 -11.31
CA LYS A 238 18.01 23.84 -12.38
C LYS A 238 16.72 23.48 -13.12
N PRO A 239 16.84 23.01 -14.37
CA PRO A 239 15.65 22.61 -15.11
C PRO A 239 14.98 21.39 -14.48
N ALA A 240 13.67 21.27 -14.71
CA ALA A 240 12.86 20.28 -14.01
C ALA A 240 12.65 18.99 -14.80
N PHE A 241 12.70 19.03 -16.14
CA PHE A 241 12.38 17.86 -16.94
C PHE A 241 13.46 17.46 -17.94
N ILE A 242 14.38 18.35 -18.31
CA ILE A 242 15.50 17.98 -19.17
C ILE A 242 16.77 18.56 -18.54
N PRO A 243 17.70 17.73 -18.07
CA PRO A 243 18.88 18.27 -17.39
C PRO A 243 19.78 19.02 -18.36
N GLY A 244 20.34 20.12 -17.88
CA GLY A 244 21.30 20.89 -18.65
C GLY A 244 20.69 21.78 -19.72
N SER A 245 20.03 21.17 -20.72
CA SER A 245 19.48 21.91 -21.85
C SER A 245 18.01 22.28 -21.69
N GLY A 246 17.36 21.84 -20.61
CA GLY A 246 15.95 22.11 -20.45
C GLY A 246 15.65 23.59 -20.27
N THR A 247 14.41 23.96 -20.58
CA THR A 247 13.92 25.31 -20.39
C THR A 247 12.81 25.42 -19.36
N VAL A 248 12.14 24.32 -19.03
CA VAL A 248 10.99 24.30 -18.14
C VAL A 248 11.46 24.00 -16.73
N THR A 249 11.00 24.80 -15.76
CA THR A 249 11.33 24.62 -14.35
C THR A 249 10.05 24.64 -13.53
N ALA A 250 10.18 24.26 -12.26
CA ALA A 250 9.06 24.43 -11.34
C ALA A 250 8.64 25.90 -11.18
N PRO A 251 9.55 26.86 -11.02
CA PRO A 251 9.09 28.26 -10.91
C PRO A 251 8.37 28.80 -12.14
N ASN A 252 8.72 28.37 -13.35
CA ASN A 252 8.08 28.92 -14.55
C ASN A 252 6.95 28.05 -15.07
N SER A 253 6.66 26.94 -14.41
CA SER A 253 5.51 26.11 -14.72
C SER A 253 4.42 26.38 -13.70
N SER A 254 3.21 25.92 -14.01
CA SER A 254 2.15 25.97 -13.02
CA SER A 254 2.14 25.94 -13.04
C SER A 254 2.47 24.98 -11.90
N PRO A 255 1.99 25.25 -10.70
CA PRO A 255 2.20 24.27 -9.61
C PRO A 255 1.07 23.27 -9.58
N LEU A 256 1.10 22.38 -8.58
CA LEU A 256 -0.05 21.57 -8.23
C LEU A 256 -0.82 22.33 -7.15
N ASN A 257 -2.13 22.44 -7.29
CA ASN A 257 -2.87 23.32 -6.41
C ASN A 257 -4.24 22.74 -6.09
N ASP A 258 -4.86 23.30 -5.05
CA ASP A 258 -6.23 22.99 -4.66
C ASP A 258 -7.10 24.23 -4.88
N GLY A 259 -8.34 24.03 -5.29
CA GLY A 259 -9.23 25.17 -5.45
C GLY A 259 -10.48 24.80 -6.22
N ALA A 260 -11.42 25.74 -6.21
CA ALA A 260 -12.69 25.55 -6.92
C ALA A 260 -13.22 26.90 -7.37
N ALA A 261 -14.18 26.86 -8.30
CA ALA A 261 -14.74 28.07 -8.87
C ALA A 261 -16.07 27.73 -9.54
N ALA A 262 -17.02 28.66 -9.47
CA ALA A 262 -18.36 28.40 -9.96
C ALA A 262 -18.96 29.67 -10.55
N VAL A 263 -19.84 29.47 -11.53
CA VAL A 263 -20.63 30.52 -12.12
C VAL A 263 -22.09 30.11 -12.08
N VAL A 264 -22.97 31.09 -11.93
CA VAL A 264 -24.40 30.89 -11.99
C VAL A 264 -24.89 31.42 -13.33
N LEU A 265 -25.61 30.57 -14.07
CA LEU A 265 -26.10 30.90 -15.41
C LEU A 265 -27.63 30.91 -15.39
N VAL A 266 -28.23 31.87 -16.10
CA VAL A 266 -29.68 31.99 -16.19
C VAL A 266 -30.10 32.21 -17.64
N SER A 267 -31.31 31.75 -17.95
CA SER A 267 -31.93 31.96 -19.25
C SER A 267 -32.41 33.40 -19.40
N GLU A 268 -32.74 33.76 -20.65
CA GLU A 268 -33.33 35.08 -20.91
C GLU A 268 -34.59 35.28 -20.09
N ALA A 269 -35.50 34.30 -20.13
CA ALA A 269 -36.78 34.41 -19.44
C ALA A 269 -36.59 34.58 -17.94
N LYS A 270 -35.70 33.79 -17.33
CA LYS A 270 -35.55 33.82 -15.88
C LYS A 270 -34.94 35.14 -15.41
N LEU A 271 -34.02 35.69 -16.19
CA LEU A 271 -33.44 36.98 -15.84
C LEU A 271 -34.51 38.05 -15.76
N LYS A 272 -35.46 38.04 -16.70
CA LYS A 272 -36.55 39.01 -16.70
C LYS A 272 -37.60 38.65 -15.66
N GLU A 273 -37.93 37.36 -15.53
CA GLU A 273 -38.96 36.96 -14.57
C GLU A 273 -38.61 37.34 -13.15
N LEU A 274 -37.37 37.11 -12.75
CA LEU A 274 -36.92 37.37 -11.38
C LEU A 274 -36.25 38.73 -11.22
N ASN A 275 -36.13 39.52 -12.29
CA ASN A 275 -35.53 40.85 -12.24
C ASN A 275 -34.08 40.80 -11.76
N LEU A 276 -33.31 39.87 -12.31
CA LEU A 276 -31.91 39.70 -11.94
C LEU A 276 -31.03 40.65 -12.74
N LYS A 277 -29.93 41.07 -12.11
CA LYS A 277 -28.96 41.94 -12.76
C LYS A 277 -27.81 41.11 -13.30
N PRO A 278 -27.60 41.05 -14.62
CA PRO A 278 -26.57 40.16 -15.17
C PRO A 278 -25.18 40.76 -15.07
N VAL A 279 -24.20 39.90 -14.77
CA VAL A 279 -22.81 40.32 -14.80
C VAL A 279 -22.27 40.32 -16.22
N ALA A 280 -22.65 39.33 -17.02
CA ALA A 280 -22.12 39.20 -18.37
C ALA A 280 -23.08 38.36 -19.19
N LYS A 281 -22.81 38.29 -20.50
CA LYS A 281 -23.56 37.45 -21.42
C LYS A 281 -22.57 36.55 -22.15
N ILE A 282 -22.87 35.25 -22.20
CA ILE A 282 -22.04 34.31 -22.94
C ILE A 282 -22.31 34.47 -24.43
N LEU A 283 -21.27 34.86 -25.18
CA LEU A 283 -21.42 35.15 -26.60
C LEU A 283 -21.16 33.92 -27.47
N GLY A 284 -20.23 33.06 -27.08
CA GLY A 284 -19.92 31.89 -27.88
C GLY A 284 -18.79 31.11 -27.23
N TRP A 285 -18.47 29.97 -27.87
CA TRP A 285 -17.42 29.09 -27.37
C TRP A 285 -16.92 28.21 -28.50
N GLY A 286 -15.76 27.59 -28.25
CA GLY A 286 -15.19 26.65 -29.19
C GLY A 286 -14.31 25.60 -28.52
N ASP A 287 -14.46 24.35 -28.93
CA ASP A 287 -13.56 23.28 -28.54
C ASP A 287 -12.74 22.87 -29.76
N ALA A 288 -11.47 22.55 -29.54
CA ALA A 288 -10.63 22.07 -30.63
C ALA A 288 -9.62 21.09 -30.06
N ALA A 289 -9.03 20.29 -30.95
CA ALA A 289 -8.08 19.27 -30.54
C ALA A 289 -7.15 18.96 -31.72
N GLN A 290 -5.90 18.62 -31.39
CA GLN A 290 -4.93 18.21 -32.39
C GLN A 290 -4.06 17.09 -31.82
N GLN A 291 -2.82 16.96 -32.29
CA GLN A 291 -1.95 15.89 -31.80
CA GLN A 291 -1.96 15.89 -31.80
C GLN A 291 -1.85 15.96 -30.27
N PRO A 292 -1.96 14.83 -29.56
CA PRO A 292 -1.92 14.89 -28.09
C PRO A 292 -0.75 15.66 -27.50
N SER A 293 0.49 15.37 -27.93
CA SER A 293 1.65 16.04 -27.36
C SER A 293 1.76 17.51 -27.76
N LYS A 294 0.99 17.95 -28.75
CA LYS A 294 0.92 19.36 -29.12
C LYS A 294 -0.30 20.06 -28.52
N PHE A 295 -0.73 19.65 -27.33
CA PHE A 295 -1.90 20.27 -26.71
C PHE A 295 -1.62 21.71 -26.31
N THR A 296 -0.37 22.03 -26.03
CA THR A 296 0.00 23.40 -25.68
C THR A 296 -0.46 24.40 -26.72
N THR A 297 -0.56 23.99 -27.98
CA THR A 297 -0.93 24.85 -29.09
C THR A 297 -2.42 24.78 -29.44
N ALA A 298 -3.17 23.88 -28.82
CA ALA A 298 -4.58 23.76 -29.14
C ALA A 298 -5.39 25.04 -28.88
N PRO A 299 -5.09 25.87 -27.88
CA PRO A 299 -5.79 27.16 -27.79
C PRO A 299 -5.73 27.97 -29.07
N ALA A 300 -4.65 27.83 -29.86
CA ALA A 300 -4.57 28.51 -31.13
C ALA A 300 -5.66 28.09 -32.10
N LEU A 301 -6.34 26.98 -31.83
CA LEU A 301 -7.49 26.55 -32.61
C LEU A 301 -8.82 26.88 -31.93
N ALA A 302 -8.89 26.69 -30.61
CA ALA A 302 -10.15 26.92 -29.91
C ALA A 302 -10.49 28.39 -29.83
N ILE A 303 -9.49 29.24 -29.57
CA ILE A 303 -9.75 30.68 -29.43
C ILE A 303 -10.35 31.26 -30.71
N PRO A 304 -9.75 31.07 -31.90
CA PRO A 304 -10.43 31.57 -33.12
C PRO A 304 -11.79 30.94 -33.35
N LYS A 305 -11.96 29.67 -32.97
CA LYS A 305 -13.25 29.01 -33.15
C LYS A 305 -14.30 29.63 -32.23
N ALA A 306 -13.92 29.97 -31.00
CA ALA A 306 -14.84 30.63 -30.09
C ALA A 306 -15.17 32.04 -30.54
N LEU A 307 -14.17 32.77 -31.04
CA LEU A 307 -14.42 34.12 -31.55
C LEU A 307 -15.34 34.08 -32.77
N LYS A 308 -15.13 33.12 -33.66
CA LYS A 308 -15.96 33.01 -34.85
C LYS A 308 -17.38 32.57 -34.50
N HIS A 309 -17.52 31.64 -33.54
CA HIS A 309 -18.85 31.19 -33.12
C HIS A 309 -19.62 32.30 -32.40
N ALA A 310 -18.91 33.18 -31.70
CA ALA A 310 -19.56 34.32 -31.06
C ALA A 310 -19.78 35.48 -32.01
N GLY A 311 -19.22 35.44 -33.21
CA GLY A 311 -19.32 36.54 -34.15
C GLY A 311 -18.54 37.77 -33.73
N VAL A 312 -17.33 37.59 -33.22
CA VAL A 312 -16.51 38.68 -32.70
C VAL A 312 -15.09 38.51 -33.21
N GLY A 313 -14.43 39.62 -33.55
CA GLY A 313 -13.07 39.58 -34.02
C GLY A 313 -12.05 39.63 -32.90
N GLN A 314 -10.85 39.10 -33.20
CA GLN A 314 -9.79 39.07 -32.22
C GLN A 314 -9.37 40.46 -31.77
N ASP A 315 -9.44 41.45 -32.67
CA ASP A 315 -9.00 42.81 -32.34
C ASP A 315 -9.92 43.49 -31.33
N ALA A 316 -11.14 42.99 -31.14
CA ALA A 316 -12.11 43.65 -30.28
C ALA A 316 -12.02 43.23 -28.82
N ILE A 317 -11.24 42.19 -28.50
CA ILE A 317 -11.19 41.69 -27.13
C ILE A 317 -10.38 42.65 -26.26
N ASP A 318 -10.96 43.02 -25.12
CA ASP A 318 -10.28 43.91 -24.17
C ASP A 318 -9.31 43.17 -23.25
N ALA A 319 -9.50 41.87 -23.04
CA ALA A 319 -8.61 41.11 -22.17
C ALA A 319 -8.74 39.64 -22.50
N PHE A 320 -7.60 38.96 -22.54
CA PHE A 320 -7.52 37.52 -22.70
C PHE A 320 -7.07 36.89 -21.39
N GLU A 321 -7.70 35.78 -21.02
CA GLU A 321 -7.17 34.86 -20.03
C GLU A 321 -6.78 33.60 -20.79
N ILE A 322 -5.48 33.41 -20.97
CA ILE A 322 -4.93 32.20 -21.60
C ILE A 322 -4.22 31.44 -20.49
N ASN A 323 -4.78 30.28 -20.13
CA ASN A 323 -4.30 29.57 -18.96
C ASN A 323 -2.83 29.20 -19.11
N GLU A 324 -2.05 29.56 -18.09
CA GLU A 324 -0.60 29.32 -18.09
C GLU A 324 -0.31 27.94 -17.51
N ALA A 325 -0.64 26.91 -18.28
CA ALA A 325 -0.19 25.57 -17.91
C ALA A 325 1.32 25.55 -17.72
N PHE A 326 2.04 26.23 -18.61
CA PHE A 326 3.45 26.57 -18.47
C PHE A 326 3.62 27.96 -19.05
N SER A 327 4.65 28.69 -18.58
CA SER A 327 4.93 30.00 -19.15
CA SER A 327 4.91 30.00 -19.14
C SER A 327 5.13 29.93 -20.65
N VAL A 328 5.67 28.80 -21.14
CA VAL A 328 5.90 28.64 -22.57
C VAL A 328 4.58 28.51 -23.33
N VAL A 329 3.52 28.05 -22.65
CA VAL A 329 2.23 27.91 -23.32
C VAL A 329 1.63 29.27 -23.63
N ALA A 330 1.65 30.19 -22.66
CA ALA A 330 1.17 31.54 -22.91
C ALA A 330 1.99 32.21 -24.01
N LEU A 331 3.32 32.07 -23.94
CA LEU A 331 4.19 32.67 -24.95
C LEU A 331 3.88 32.11 -26.33
N ALA A 332 3.70 30.79 -26.43
CA ALA A 332 3.47 30.19 -27.74
C ALA A 332 2.16 30.64 -28.34
N ASN A 333 1.06 30.53 -27.59
CA ASN A 333 -0.24 30.88 -28.12
C ASN A 333 -0.36 32.37 -28.44
N MET A 334 0.30 33.23 -27.66
CA MET A 334 0.32 34.65 -28.02
C MET A 334 1.04 34.87 -29.34
N LYS A 335 2.03 34.03 -29.64
CA LYS A 335 2.77 34.17 -30.89
C LYS A 335 1.92 33.79 -32.09
N LEU A 336 1.14 32.71 -31.98
CA LEU A 336 0.40 32.19 -33.12
C LEU A 336 -0.87 33.00 -33.40
N LEU A 337 -1.52 33.52 -32.36
CA LEU A 337 -2.70 34.35 -32.55
C LEU A 337 -2.36 35.81 -32.80
N GLY A 338 -1.16 36.25 -32.43
CA GLY A 338 -0.79 37.63 -32.55
C GLY A 338 -1.46 38.50 -31.50
N ILE A 339 -1.31 38.14 -30.24
CA ILE A 339 -1.92 38.84 -29.12
C ILE A 339 -0.81 39.47 -28.30
N PRO A 340 -0.88 40.76 -27.98
CA PRO A 340 0.15 41.38 -27.14
C PRO A 340 -0.07 41.06 -25.67
N GLU A 341 1.04 40.87 -24.95
CA GLU A 341 0.97 40.48 -23.55
C GLU A 341 0.32 41.56 -22.68
N GLU A 342 0.25 42.80 -23.16
CA GLU A 342 -0.41 43.85 -22.38
CA GLU A 342 -0.42 43.87 -22.41
C GLU A 342 -1.91 43.64 -22.29
N LYS A 343 -2.46 42.64 -23.00
CA LYS A 343 -3.88 42.30 -22.96
C LYS A 343 -4.10 40.85 -22.55
N VAL A 344 -3.17 40.29 -21.77
CA VAL A 344 -3.20 38.88 -21.39
C VAL A 344 -2.97 38.77 -19.90
N ASN A 345 -3.84 38.04 -19.21
CA ASN A 345 -3.68 37.67 -17.80
C ASN A 345 -3.25 38.88 -16.97
N LEU A 346 -4.11 39.90 -16.95
CA LEU A 346 -3.74 41.19 -16.40
C LEU A 346 -3.67 41.20 -14.88
N HIS A 347 -4.23 40.20 -14.22
CA HIS A 347 -4.07 40.02 -12.78
C HIS A 347 -3.15 38.86 -12.46
N GLY A 348 -2.41 38.37 -13.43
CA GLY A 348 -1.56 37.19 -13.27
C GLY A 348 -2.22 35.95 -13.84
N GLY A 349 -1.42 34.89 -13.92
CA GLY A 349 -1.88 33.62 -14.45
C GLY A 349 -1.55 32.42 -13.58
N ALA A 350 -1.78 31.21 -14.11
CA ALA A 350 -1.72 30.01 -13.30
C ALA A 350 -0.30 29.71 -12.79
N VAL A 351 0.72 30.15 -13.51
CA VAL A 351 2.10 29.96 -13.05
C VAL A 351 2.29 30.62 -11.68
N ALA A 352 1.70 31.80 -11.50
CA ALA A 352 1.81 32.54 -10.25
C ALA A 352 0.63 32.32 -9.31
N ILE A 353 -0.56 32.06 -9.83
CA ILE A 353 -1.75 31.91 -9.01
C ILE A 353 -1.98 30.47 -8.60
N GLY A 354 -1.69 29.52 -9.47
CA GLY A 354 -1.97 28.12 -9.17
C GLY A 354 -2.90 27.49 -10.18
N HIS A 355 -2.91 26.15 -10.25
CA HIS A 355 -3.56 25.43 -11.35
C HIS A 355 -4.24 24.16 -10.84
N PRO A 356 -5.35 24.30 -10.10
CA PRO A 356 -6.15 23.11 -9.75
C PRO A 356 -6.90 22.65 -10.99
N ILE A 357 -6.49 21.52 -11.57
CA ILE A 357 -6.71 21.30 -13.00
C ILE A 357 -8.21 21.25 -13.33
N GLY A 358 -9.00 20.56 -12.52
CA GLY A 358 -10.43 20.52 -12.79
C GLY A 358 -11.16 21.84 -12.60
N ALA A 359 -10.50 22.84 -12.01
CA ALA A 359 -11.18 24.10 -11.72
C ALA A 359 -10.67 25.27 -12.55
N SER A 360 -9.45 25.19 -13.09
CA SER A 360 -8.84 26.34 -13.72
C SER A 360 -9.68 26.89 -14.86
N GLY A 361 -10.38 26.03 -15.60
CA GLY A 361 -11.23 26.51 -16.68
C GLY A 361 -12.31 27.46 -16.20
N ALA A 362 -12.84 27.23 -15.01
CA ALA A 362 -13.78 28.17 -14.40
C ALA A 362 -13.06 29.26 -13.61
N ARG A 363 -11.90 28.94 -13.02
CA ARG A 363 -11.13 29.92 -12.28
C ARG A 363 -10.70 31.08 -13.18
N ILE A 364 -10.24 30.78 -14.40
CA ILE A 364 -9.76 31.86 -15.25
C ILE A 364 -10.91 32.71 -15.78
N LEU A 365 -12.10 32.11 -15.95
CA LEU A 365 -13.25 32.93 -16.33
C LEU A 365 -13.64 33.88 -15.20
N THR A 366 -13.69 33.37 -13.97
CA THR A 366 -13.94 34.22 -12.82
C THR A 366 -12.96 35.38 -12.75
N THR A 367 -11.67 35.10 -12.92
CA THR A 367 -10.67 36.17 -12.92
C THR A 367 -10.85 37.08 -14.12
N LEU A 368 -11.33 36.54 -15.24
CA LEU A 368 -11.54 37.35 -16.43
C LEU A 368 -12.58 38.45 -16.19
N LEU A 369 -13.68 38.10 -15.53
CA LEU A 369 -14.71 39.11 -15.25
C LEU A 369 -14.20 40.18 -14.30
N GLY A 370 -13.31 39.82 -13.38
CA GLY A 370 -12.68 40.82 -12.53
C GLY A 370 -11.72 41.71 -13.28
N VAL A 371 -11.06 41.17 -14.31
CA VAL A 371 -10.18 42.00 -15.15
C VAL A 371 -11.02 42.99 -15.95
N LEU A 372 -12.11 42.51 -16.57
CA LEU A 372 -12.95 43.41 -17.36
C LEU A 372 -13.56 44.51 -16.49
N LYS A 373 -13.95 44.17 -15.25
CA LYS A 373 -14.50 45.18 -14.34
C LYS A 373 -13.44 46.23 -14.00
N ALA A 374 -12.25 45.79 -13.60
CA ALA A 374 -11.22 46.71 -13.13
C ALA A 374 -10.56 47.46 -14.28
N LYS A 375 -10.48 46.86 -15.46
CA LYS A 375 -9.91 47.52 -16.62
C LYS A 375 -10.98 48.22 -17.46
N LYS A 376 -12.24 48.19 -17.03
CA LYS A 376 -13.35 48.83 -17.74
C LYS A 376 -13.38 48.38 -19.19
N GLY A 377 -13.43 47.06 -19.38
CA GLY A 377 -13.50 46.46 -20.70
C GLY A 377 -14.87 45.84 -20.94
N LYS A 378 -15.09 45.48 -22.20
CA LYS A 378 -16.38 44.95 -22.63
C LYS A 378 -16.31 43.51 -23.12
N LEU A 379 -15.27 43.14 -23.87
CA LEU A 379 -15.17 41.81 -24.47
C LEU A 379 -13.96 41.08 -23.90
N GLY A 380 -14.22 39.95 -23.26
CA GLY A 380 -13.17 39.10 -22.74
C GLY A 380 -13.23 37.71 -23.34
N CYS A 381 -12.06 37.09 -23.49
CA CYS A 381 -11.96 35.74 -24.01
C CYS A 381 -11.05 34.92 -23.10
N ALA A 382 -11.49 33.72 -22.75
CA ALA A 382 -10.71 32.78 -21.96
C ALA A 382 -10.53 31.49 -22.73
N GLY A 383 -9.29 31.03 -22.83
CA GLY A 383 -8.99 29.76 -23.48
C GLY A 383 -8.09 28.92 -22.60
N ILE A 384 -8.26 27.60 -22.71
CA ILE A 384 -7.53 26.69 -21.83
C ILE A 384 -7.20 25.38 -22.55
N CYS A 385 -5.92 25.04 -22.61
CA CYS A 385 -5.46 23.78 -23.15
C CYS A 385 -5.66 22.66 -22.12
N ASN A 386 -5.77 21.43 -22.61
CA ASN A 386 -5.91 20.28 -21.73
C ASN A 386 -5.10 19.10 -22.25
N GLY A 387 -4.62 18.29 -21.31
CA GLY A 387 -3.88 17.11 -21.69
C GLY A 387 -4.70 16.19 -22.58
N GLY A 388 -4.03 15.59 -23.57
CA GLY A 388 -4.67 14.76 -24.57
C GLY A 388 -4.75 15.39 -25.93
N GLY A 389 -4.47 16.70 -26.05
CA GLY A 389 -4.49 17.38 -27.33
C GLY A 389 -5.59 18.40 -27.51
N GLY A 390 -6.43 18.63 -26.50
CA GLY A 390 -7.59 19.48 -26.64
C GLY A 390 -7.40 20.87 -26.05
N ALA A 391 -8.43 21.70 -26.27
CA ALA A 391 -8.52 23.03 -25.70
C ALA A 391 -9.97 23.49 -25.78
N SER A 392 -10.32 24.44 -24.92
CA SER A 392 -11.65 25.02 -24.90
C SER A 392 -11.52 26.53 -24.72
N ALA A 393 -12.42 27.26 -25.35
CA ALA A 393 -12.40 28.72 -25.29
C ALA A 393 -13.83 29.23 -25.21
N LEU A 394 -13.98 30.38 -24.56
CA LEU A 394 -15.30 30.99 -24.37
C LEU A 394 -15.16 32.50 -24.48
N VAL A 395 -16.20 33.15 -25.01
CA VAL A 395 -16.23 34.60 -25.23
C VAL A 395 -17.39 35.19 -24.43
N VAL A 396 -17.10 36.23 -23.64
CA VAL A 396 -18.11 36.88 -22.80
C VAL A 396 -18.11 38.38 -23.06
N GLU A 397 -19.26 38.99 -22.80
CA GLU A 397 -19.43 40.43 -22.87
C GLU A 397 -19.91 40.91 -21.51
N LEU A 398 -19.10 41.73 -20.84
CA LEU A 398 -19.50 42.31 -19.58
C LEU A 398 -20.63 43.32 -19.80
N LEU A 399 -21.54 43.41 -18.83
CA LEU A 399 -22.74 44.24 -18.98
C LEU A 399 -22.84 45.36 -17.95
N GLY B 1 -40.68 24.09 -27.11
CA GLY B 1 -40.75 22.66 -27.35
C GLY B 1 -39.51 22.10 -28.02
N MET B 2 -39.49 20.77 -28.21
CA MET B 2 -38.40 20.14 -28.94
C MET B 2 -38.43 20.50 -30.41
N SER B 3 -39.60 20.84 -30.95
CA SER B 3 -39.71 21.09 -32.39
C SER B 3 -39.07 22.40 -32.82
N SER B 4 -38.83 23.33 -31.89
CA SER B 4 -38.12 24.56 -32.24
C SER B 4 -36.61 24.35 -32.27
N LEU B 5 -36.15 23.10 -32.16
CA LEU B 5 -34.75 22.74 -32.15
C LEU B 5 -34.48 21.67 -33.20
N PRO B 6 -33.25 21.61 -33.72
CA PRO B 6 -32.92 20.60 -34.75
C PRO B 6 -33.17 19.20 -34.25
N ALA B 7 -33.59 18.32 -35.16
CA ALA B 7 -33.79 16.92 -34.81
C ALA B 7 -32.46 16.18 -34.77
N VAL B 8 -32.41 15.13 -33.97
CA VAL B 8 -31.18 14.34 -33.78
C VAL B 8 -31.51 12.87 -34.04
N TYR B 9 -30.74 12.24 -34.93
CA TYR B 9 -31.01 10.88 -35.37
C TYR B 9 -29.93 9.92 -34.88
N ILE B 10 -30.37 8.76 -34.41
CA ILE B 10 -29.48 7.63 -34.13
C ILE B 10 -29.37 6.81 -35.40
N VAL B 11 -28.17 6.76 -35.97
CA VAL B 11 -27.95 5.98 -37.19
C VAL B 11 -27.22 4.68 -36.91
N SER B 12 -26.93 4.36 -35.65
CA SER B 12 -26.09 3.22 -35.31
C SER B 12 -25.98 3.01 -33.80
N SER B 13 -25.86 1.75 -33.38
CA SER B 13 -25.50 1.45 -32.00
C SER B 13 -24.77 0.11 -31.96
N ALA B 14 -23.95 -0.07 -30.93
CA ALA B 14 -23.18 -1.29 -30.76
C ALA B 14 -22.75 -1.40 -29.30
N ARG B 15 -22.46 -2.63 -28.89
CA ARG B 15 -21.99 -2.87 -27.54
C ARG B 15 -21.07 -4.08 -27.53
N THR B 16 -20.11 -4.07 -26.61
CA THR B 16 -19.33 -5.27 -26.36
C THR B 16 -20.22 -6.28 -25.65
N PRO B 17 -19.81 -7.56 -25.59
CA PRO B 17 -20.39 -8.45 -24.59
C PRO B 17 -20.19 -7.84 -23.21
N VAL B 18 -21.07 -8.19 -22.29
CA VAL B 18 -20.89 -7.79 -20.90
C VAL B 18 -20.16 -8.92 -20.18
N GLY B 19 -18.97 -8.63 -19.67
CA GLY B 19 -18.21 -9.63 -18.98
C GLY B 19 -18.47 -9.62 -17.49
N SER B 20 -18.20 -10.75 -16.85
CA SER B 20 -18.32 -10.86 -15.40
C SER B 20 -17.09 -10.29 -14.72
N PHE B 21 -17.27 -9.96 -13.44
CA PHE B 21 -16.20 -9.40 -12.61
C PHE B 21 -15.01 -10.34 -12.62
N LEU B 22 -13.84 -9.82 -13.03
CA LEU B 22 -12.63 -10.62 -13.18
C LEU B 22 -12.85 -11.81 -14.13
N GLY B 23 -13.76 -11.64 -15.09
CA GLY B 23 -14.12 -12.70 -16.01
C GLY B 23 -13.59 -12.50 -17.41
N SER B 24 -14.48 -12.69 -18.40
CA SER B 24 -14.07 -12.88 -19.79
C SER B 24 -13.35 -11.69 -20.38
N LEU B 25 -13.72 -10.46 -19.97
CA LEU B 25 -13.12 -9.25 -20.52
C LEU B 25 -12.21 -8.55 -19.53
N SER B 26 -11.77 -9.27 -18.49
CA SER B 26 -11.00 -8.63 -17.42
C SER B 26 -9.61 -8.17 -17.87
N SER B 27 -9.11 -8.70 -18.98
CA SER B 27 -7.81 -8.28 -19.50
C SER B 27 -7.86 -7.00 -20.32
N LEU B 28 -9.05 -6.45 -20.57
CA LEU B 28 -9.20 -5.24 -21.35
C LEU B 28 -9.47 -4.05 -20.44
N THR B 29 -8.91 -2.91 -20.77
CA THR B 29 -9.18 -1.68 -20.03
C THR B 29 -10.46 -1.03 -20.54
N ALA B 30 -11.02 -0.15 -19.72
CA ALA B 30 -12.19 0.61 -20.15
C ALA B 30 -12.02 1.31 -21.49
N PRO B 31 -10.89 1.97 -21.80
CA PRO B 31 -10.79 2.58 -23.13
C PRO B 31 -10.72 1.57 -24.26
N GLN B 32 -10.24 0.35 -23.98
CA GLN B 32 -10.21 -0.67 -25.02
C GLN B 32 -11.60 -1.19 -25.33
N LEU B 33 -12.42 -1.42 -24.28
CA LEU B 33 -13.82 -1.73 -24.49
C LEU B 33 -14.53 -0.59 -25.20
N GLY B 34 -14.22 0.65 -24.80
CA GLY B 34 -14.88 1.80 -25.41
C GLY B 34 -14.53 1.94 -26.87
N ALA B 35 -13.24 1.84 -27.19
CA ALA B 35 -12.81 1.88 -28.58
C ALA B 35 -13.50 0.81 -29.42
N HIS B 36 -13.68 -0.38 -28.84
CA HIS B 36 -14.29 -1.49 -29.56
C HIS B 36 -15.74 -1.17 -29.95
N ALA B 37 -16.52 -0.66 -28.99
CA ALA B 37 -17.93 -0.36 -29.27
C ALA B 37 -18.09 0.80 -30.25
N ILE B 38 -17.23 1.82 -30.14
CA ILE B 38 -17.30 2.96 -31.05
C ILE B 38 -16.99 2.52 -32.48
N LYS B 39 -15.93 1.73 -32.65
CA LYS B 39 -15.56 1.27 -33.98
C LYS B 39 -16.65 0.39 -34.58
N ALA B 40 -17.28 -0.45 -33.75
CA ALA B 40 -18.33 -1.33 -34.26
C ALA B 40 -19.57 -0.53 -34.67
N ALA B 41 -19.95 0.46 -33.86
CA ALA B 41 -21.09 1.29 -34.19
C ALA B 41 -20.87 2.03 -35.50
N LEU B 42 -19.66 2.57 -35.71
CA LEU B 42 -19.40 3.35 -36.91
C LEU B 42 -19.32 2.49 -38.15
N ALA B 43 -18.81 1.25 -38.02
CA ALA B 43 -18.73 0.33 -39.14
C ALA B 43 -20.09 -0.03 -39.71
N LYS B 44 -21.18 0.30 -39.01
CA LYS B 44 -22.52 -0.07 -39.42
C LYS B 44 -23.23 1.03 -40.21
N VAL B 45 -22.66 2.22 -40.33
CA VAL B 45 -23.29 3.33 -41.02
C VAL B 45 -22.74 3.40 -42.44
N ASP B 46 -23.57 3.03 -43.42
CA ASP B 46 -23.20 3.18 -44.81
C ASP B 46 -23.27 4.65 -45.21
N GLY B 47 -22.16 5.16 -45.75
CA GLY B 47 -22.08 6.55 -46.16
C GLY B 47 -21.43 7.47 -45.15
N LEU B 48 -20.95 6.94 -44.04
CA LEU B 48 -20.31 7.71 -42.99
C LEU B 48 -18.88 7.20 -42.79
N LYS B 49 -17.97 8.12 -42.56
CA LYS B 49 -16.61 7.71 -42.27
C LYS B 49 -16.27 8.06 -40.82
N PRO B 50 -15.35 7.31 -40.20
CA PRO B 50 -14.94 7.67 -38.83
C PRO B 50 -14.42 9.09 -38.72
N SER B 51 -13.70 9.58 -39.74
CA SER B 51 -13.20 10.95 -39.75
C SER B 51 -14.31 11.99 -39.78
N ASP B 52 -15.56 11.58 -40.01
CA ASP B 52 -16.67 12.52 -39.95
C ASP B 52 -17.12 12.81 -38.53
N VAL B 53 -16.74 11.97 -37.57
CA VAL B 53 -17.13 12.19 -36.19
C VAL B 53 -16.37 13.38 -35.62
N GLN B 54 -17.10 14.34 -35.09
CA GLN B 54 -16.53 15.59 -34.60
C GLN B 54 -16.34 15.63 -33.10
N GLU B 55 -17.23 15.02 -32.33
CA GLU B 55 -17.22 15.14 -30.88
C GLU B 55 -17.66 13.83 -30.25
N VAL B 56 -17.12 13.54 -29.06
CA VAL B 56 -17.44 12.32 -28.33
C VAL B 56 -17.80 12.67 -26.89
N PHE B 57 -18.90 12.13 -26.40
CA PHE B 57 -19.22 12.13 -24.97
C PHE B 57 -19.26 10.68 -24.50
N PHE B 58 -18.43 10.33 -23.52
CA PHE B 58 -18.39 8.95 -23.04
C PHE B 58 -18.46 8.88 -21.52
N GLY B 59 -19.38 8.05 -21.03
CA GLY B 59 -19.48 7.82 -19.61
C GLY B 59 -18.41 6.89 -19.09
N ASN B 60 -17.97 7.15 -17.85
CA ASN B 60 -17.07 6.29 -17.10
C ASN B 60 -17.10 6.75 -15.66
N VAL B 61 -17.32 5.83 -14.72
CA VAL B 61 -17.51 6.18 -13.32
C VAL B 61 -16.21 6.04 -12.53
N ILE B 62 -15.62 4.84 -12.55
CA ILE B 62 -14.42 4.58 -11.75
C ILE B 62 -13.22 4.80 -12.68
N SER B 63 -12.82 6.06 -12.80
CA SER B 63 -11.78 6.44 -13.74
C SER B 63 -10.37 6.32 -13.19
N ALA B 64 -10.22 5.95 -11.92
CA ALA B 64 -8.90 5.85 -11.30
C ALA B 64 -8.02 4.85 -12.06
N ASN B 65 -6.81 5.28 -12.39
CA ASN B 65 -5.78 4.52 -13.10
C ASN B 65 -6.15 4.25 -14.56
N VAL B 66 -7.22 4.87 -15.07
CA VAL B 66 -7.53 4.75 -16.50
C VAL B 66 -6.66 5.70 -17.33
N GLY B 67 -6.18 6.78 -16.72
CA GLY B 67 -5.36 7.76 -17.43
C GLY B 67 -6.17 8.97 -17.85
N GLN B 68 -5.45 9.95 -18.41
CA GLN B 68 -6.04 11.19 -18.89
C GLN B 68 -7.24 10.95 -19.79
N ASN B 69 -8.38 11.59 -19.44
CA ASN B 69 -9.62 11.67 -20.22
C ASN B 69 -9.99 10.35 -20.87
N PRO B 70 -10.65 9.44 -20.15
CA PRO B 70 -11.03 8.14 -20.74
C PRO B 70 -11.72 8.24 -22.09
N ALA B 71 -12.60 9.24 -22.25
CA ALA B 71 -13.33 9.40 -23.50
C ALA B 71 -12.39 9.69 -24.67
N ARG B 72 -11.33 10.47 -24.42
CA ARG B 72 -10.36 10.73 -25.47
C ARG B 72 -9.61 9.45 -25.84
N GLN B 73 -9.30 8.61 -24.85
CA GLN B 73 -8.64 7.33 -25.14
C GLN B 73 -9.56 6.40 -25.93
N CYS B 74 -10.87 6.40 -25.62
CA CYS B 74 -11.81 5.60 -26.40
C CYS B 74 -11.86 6.08 -27.85
N ALA B 75 -11.87 7.41 -28.04
CA ALA B 75 -11.98 7.95 -29.39
C ALA B 75 -10.71 7.65 -30.21
N LEU B 76 -9.54 7.98 -29.66
CA LEU B 76 -8.30 7.75 -30.39
C LEU B 76 -8.08 6.27 -30.63
N GLY B 77 -8.42 5.43 -29.66
CA GLY B 77 -8.32 3.99 -29.84
C GLY B 77 -9.30 3.43 -30.85
N ALA B 78 -10.38 4.14 -31.12
CA ALA B 78 -11.35 3.69 -32.11
C ALA B 78 -10.98 4.10 -33.52
N GLY B 79 -9.95 4.91 -33.69
CA GLY B 79 -9.57 5.39 -35.00
C GLY B 79 -10.15 6.73 -35.35
N LEU B 80 -10.67 7.47 -34.38
CA LEU B 80 -11.22 8.78 -34.66
C LEU B 80 -10.10 9.80 -34.82
N GLU B 81 -10.38 10.85 -35.59
CA GLU B 81 -9.38 11.88 -35.84
C GLU B 81 -8.96 12.56 -34.55
N GLU B 82 -7.69 12.99 -34.50
CA GLU B 82 -7.17 13.68 -33.34
C GLU B 82 -7.80 15.05 -33.14
N SER B 83 -8.53 15.55 -34.14
CA SER B 83 -9.31 16.77 -34.01
C SER B 83 -10.62 16.57 -33.27
N THR B 84 -10.90 15.36 -32.78
CA THR B 84 -12.19 15.06 -32.16
C THR B 84 -12.26 15.65 -30.76
N ILE B 85 -13.36 16.32 -30.45
CA ILE B 85 -13.62 16.83 -29.10
C ILE B 85 -14.08 15.68 -28.22
N CYS B 86 -13.41 15.49 -27.09
CA CYS B 86 -13.70 14.35 -26.22
C CYS B 86 -13.90 14.80 -24.79
N THR B 87 -15.01 14.39 -24.19
CA THR B 87 -15.34 14.69 -22.81
C THR B 87 -15.84 13.44 -22.11
N THR B 88 -15.28 13.13 -20.95
CA THR B 88 -15.74 12.04 -20.12
C THR B 88 -16.82 12.55 -19.16
N VAL B 89 -17.85 11.74 -18.93
CA VAL B 89 -19.06 12.13 -18.22
C VAL B 89 -19.25 11.16 -17.06
N ASN B 90 -19.55 11.68 -15.88
CA ASN B 90 -19.80 10.85 -14.71
C ASN B 90 -21.11 11.31 -14.08
N LYS B 91 -22.16 10.52 -14.27
CA LYS B 91 -23.41 10.62 -13.53
C LYS B 91 -23.71 9.27 -12.89
N VAL B 92 -22.67 8.64 -12.33
CA VAL B 92 -22.68 7.27 -11.83
C VAL B 92 -23.39 6.37 -12.85
N CYS B 93 -24.40 5.63 -12.39
CA CYS B 93 -25.02 4.59 -13.20
C CYS B 93 -25.67 5.15 -14.47
N ALA B 94 -26.02 6.45 -14.50
CA ALA B 94 -26.67 7.06 -15.63
C ALA B 94 -25.70 7.69 -16.63
N SER B 95 -24.38 7.60 -16.36
CA SER B 95 -23.38 8.29 -17.15
C SER B 95 -23.53 8.01 -18.64
N GLY B 96 -23.76 6.74 -19.00
CA GLY B 96 -23.82 6.39 -20.41
C GLY B 96 -24.99 7.01 -21.14
N LEU B 97 -26.12 7.23 -20.43
CA LEU B 97 -27.27 7.87 -21.04
C LEU B 97 -27.16 9.39 -21.03
N LYS B 98 -26.57 9.98 -19.99
CA LYS B 98 -26.35 11.42 -19.97
C LYS B 98 -25.37 11.83 -21.05
N ALA B 99 -24.37 11.01 -21.32
CA ALA B 99 -23.44 11.29 -22.43
C ALA B 99 -24.20 11.38 -23.75
N ILE B 100 -25.19 10.50 -23.96
CA ILE B 100 -25.98 10.54 -25.18
C ILE B 100 -26.80 11.83 -25.24
N ILE B 101 -27.38 12.24 -24.10
CA ILE B 101 -28.13 13.48 -24.04
C ILE B 101 -27.23 14.67 -24.35
N LEU B 102 -26.04 14.71 -23.75
CA LEU B 102 -25.12 15.81 -24.01
C LEU B 102 -24.69 15.81 -25.48
N GLY B 103 -24.57 14.63 -26.09
CA GLY B 103 -24.29 14.58 -27.52
C GLY B 103 -25.43 15.13 -28.36
N ALA B 104 -26.66 14.70 -28.06
CA ALA B 104 -27.82 15.25 -28.75
C ALA B 104 -27.88 16.76 -28.63
N GLN B 105 -27.63 17.29 -27.43
CA GLN B 105 -27.68 18.74 -27.23
C GLN B 105 -26.61 19.47 -28.03
N THR B 106 -25.45 18.84 -28.22
CA THR B 106 -24.37 19.51 -28.95
C THR B 106 -24.71 19.65 -30.43
N ILE B 107 -25.46 18.70 -30.98
CA ILE B 107 -26.02 18.90 -32.32
C ILE B 107 -27.10 19.99 -32.29
N MET B 108 -27.99 19.92 -31.30
CA MET B 108 -29.15 20.81 -31.29
C MET B 108 -28.74 22.27 -31.13
N THR B 109 -27.62 22.55 -30.45
CA THR B 109 -27.11 23.91 -30.42
C THR B 109 -26.22 24.23 -31.62
N GLY B 110 -26.06 23.28 -32.55
CA GLY B 110 -25.34 23.54 -33.79
C GLY B 110 -23.84 23.59 -33.70
N ASN B 111 -23.24 22.88 -32.74
CA ASN B 111 -21.79 22.86 -32.61
C ASN B 111 -21.16 21.60 -33.18
N ALA B 112 -21.97 20.64 -33.63
CA ALA B 112 -21.44 19.43 -34.23
C ALA B 112 -22.53 18.85 -35.13
N ASP B 113 -22.08 18.07 -36.12
CA ASP B 113 -22.98 17.36 -37.02
C ASP B 113 -22.95 15.86 -36.86
N VAL B 114 -21.83 15.30 -36.39
CA VAL B 114 -21.69 13.86 -36.18
C VAL B 114 -21.06 13.65 -34.80
N VAL B 115 -21.77 12.95 -33.92
CA VAL B 115 -21.36 12.77 -32.53
C VAL B 115 -21.47 11.30 -32.16
N VAL B 116 -20.44 10.77 -31.51
CA VAL B 116 -20.49 9.44 -30.90
C VAL B 116 -20.68 9.62 -29.40
N ALA B 117 -21.61 8.87 -28.82
CA ALA B 117 -21.86 8.95 -27.39
C ALA B 117 -22.17 7.57 -26.82
N GLY B 118 -21.86 7.41 -25.54
CA GLY B 118 -22.01 6.12 -24.88
C GLY B 118 -21.26 6.09 -23.57
N GLY B 119 -20.81 4.89 -23.19
CA GLY B 119 -20.09 4.73 -21.94
C GLY B 119 -19.31 3.43 -21.91
N THR B 120 -18.41 3.35 -20.94
CA THR B 120 -17.57 2.18 -20.77
C THR B 120 -17.24 2.03 -19.29
N GLU B 121 -16.90 0.80 -18.89
CA GLU B 121 -16.51 0.53 -17.52
C GLU B 121 -15.78 -0.81 -17.47
N SER B 122 -14.62 -0.84 -16.83
CA SER B 122 -13.94 -2.07 -16.49
C SER B 122 -13.88 -2.13 -14.97
N MET B 123 -14.88 -2.74 -14.36
CA MET B 123 -14.88 -2.86 -12.91
C MET B 123 -13.81 -3.83 -12.44
N SER B 124 -13.40 -4.76 -13.31
CA SER B 124 -12.31 -5.67 -13.00
C SER B 124 -11.01 -4.93 -12.75
N ASN B 125 -10.78 -3.85 -13.50
CA ASN B 125 -9.52 -3.13 -13.39
C ASN B 125 -9.64 -1.86 -12.56
N ALA B 126 -10.72 -1.70 -11.80
CA ALA B 126 -10.77 -0.68 -10.76
C ALA B 126 -9.72 -0.96 -9.68
N PRO B 127 -8.85 -0.01 -9.36
CA PRO B 127 -7.79 -0.26 -8.37
C PRO B 127 -8.30 -0.09 -6.95
N HIS B 128 -7.39 -0.34 -5.99
CA HIS B 128 -7.50 0.06 -4.60
C HIS B 128 -6.71 1.34 -4.38
N TYR B 129 -7.13 2.14 -3.41
CA TYR B 129 -6.54 3.46 -3.17
C TYR B 129 -5.76 3.44 -1.85
N LEU B 130 -4.60 4.08 -1.85
CA LEU B 130 -3.93 4.43 -0.60
C LEU B 130 -4.08 5.93 -0.40
N PRO B 131 -4.98 6.38 0.48
CA PRO B 131 -5.40 7.79 0.47
C PRO B 131 -4.50 8.76 1.21
N ASN B 132 -3.55 8.29 2.04
CA ASN B 132 -2.81 9.21 2.91
C ASN B 132 -1.30 9.00 2.82
N LEU B 133 -0.79 8.57 1.66
CA LEU B 133 0.66 8.42 1.50
C LEU B 133 1.39 9.75 1.39
N ARG B 134 0.71 10.84 1.00
CA ARG B 134 1.43 12.08 0.73
C ARG B 134 1.84 12.78 2.01
N THR B 135 0.92 12.89 2.96
CA THR B 135 1.20 13.52 4.24
C THR B 135 1.72 12.52 5.25
N GLY B 136 1.38 11.24 5.07
CA GLY B 136 1.80 10.22 5.98
C GLY B 136 0.77 9.93 7.06
N ALA B 137 0.93 8.76 7.65
CA ALA B 137 0.19 8.34 8.83
C ALA B 137 1.22 7.75 9.78
N LYS B 138 1.49 8.46 10.88
CA LYS B 138 2.65 8.16 11.72
C LYS B 138 2.54 6.81 12.41
N TYR B 139 1.34 6.38 12.79
CA TYR B 139 1.22 5.19 13.63
C TYR B 139 -0.20 4.65 13.54
N GLY B 140 -0.32 3.34 13.43
CA GLY B 140 -1.60 2.67 13.36
C GLY B 140 -1.78 1.93 12.06
N HIS B 141 -2.61 0.88 12.07
CA HIS B 141 -3.03 0.24 10.84
C HIS B 141 -3.74 1.26 9.95
N GLN B 142 -3.62 1.07 8.65
CA GLN B 142 -4.23 1.96 7.69
C GLN B 142 -5.07 1.11 6.72
N SER B 143 -5.74 1.77 5.80
CA SER B 143 -6.70 1.11 4.94
C SER B 143 -6.29 1.25 3.47
N LEU B 144 -6.56 0.21 2.70
CA LEU B 144 -6.56 0.29 1.24
C LEU B 144 -8.00 0.28 0.78
N VAL B 145 -8.43 1.39 0.17
CA VAL B 145 -9.82 1.61 -0.18
C VAL B 145 -10.13 0.94 -1.50
N ASP B 146 -11.17 0.10 -1.52
CA ASP B 146 -11.64 -0.47 -2.78
C ASP B 146 -12.36 0.60 -3.61
N GLY B 147 -11.81 0.92 -4.79
CA GLY B 147 -12.36 2.00 -5.61
C GLY B 147 -13.76 1.73 -6.14
N ILE B 148 -14.11 0.46 -6.34
CA ILE B 148 -15.49 0.12 -6.70
C ILE B 148 -16.45 0.54 -5.60
N MET B 149 -16.16 0.12 -4.37
CA MET B 149 -17.03 0.47 -3.25
C MET B 149 -17.08 1.97 -3.04
N LYS B 150 -15.95 2.66 -3.13
CA LYS B 150 -15.88 4.08 -2.76
C LYS B 150 -16.49 4.97 -3.85
N ASP B 151 -16.08 4.77 -5.10
CA ASP B 151 -16.50 5.66 -6.17
C ASP B 151 -17.65 5.11 -7.00
N GLY B 152 -18.02 3.85 -6.81
CA GLY B 152 -19.10 3.26 -7.58
C GLY B 152 -20.35 2.97 -6.79
N LEU B 153 -20.24 2.31 -5.63
CA LEU B 153 -21.41 1.69 -5.02
C LEU B 153 -21.85 2.26 -3.67
N THR B 154 -21.13 3.24 -3.12
CA THR B 154 -21.44 3.80 -1.81
C THR B 154 -22.04 5.19 -1.97
N ASP B 155 -23.24 5.39 -1.41
CA ASP B 155 -23.80 6.73 -1.36
C ASP B 155 -22.92 7.62 -0.48
N ALA B 156 -22.50 8.76 -1.05
CA ALA B 156 -21.56 9.62 -0.35
C ALA B 156 -22.14 10.17 0.95
N GLY B 157 -23.43 10.51 0.94
CA GLY B 157 -24.07 11.09 2.10
C GLY B 157 -24.11 10.21 3.33
N LYS B 158 -24.87 9.12 3.27
CA LYS B 158 -25.02 8.21 4.40
CA LYS B 158 -25.01 8.22 4.41
C LYS B 158 -23.86 7.22 4.52
N GLN B 159 -22.94 7.20 3.56
CA GLN B 159 -21.86 6.21 3.51
C GLN B 159 -22.43 4.79 3.53
N GLU B 160 -23.55 4.59 2.85
CA GLU B 160 -24.21 3.29 2.76
C GLU B 160 -24.10 2.72 1.36
N LEU B 161 -23.86 1.41 1.29
CA LEU B 161 -23.92 0.71 0.01
C LEU B 161 -25.30 0.83 -0.59
N MET B 162 -25.36 0.89 -1.92
CA MET B 162 -26.64 1.03 -2.61
C MET B 162 -27.54 -0.17 -2.37
N GLY B 163 -26.95 -1.34 -2.14
CA GLY B 163 -27.75 -2.51 -1.77
C GLY B 163 -28.59 -2.29 -0.53
N LEU B 164 -28.00 -1.71 0.51
CA LEU B 164 -28.77 -1.40 1.71
C LEU B 164 -29.86 -0.38 1.40
N GLN B 165 -29.67 0.46 0.38
CA GLN B 165 -30.72 1.36 -0.06
C GLN B 165 -31.72 0.67 -0.98
N ALA B 166 -31.31 -0.41 -1.66
CA ALA B 166 -32.30 -1.26 -2.31
C ALA B 166 -33.15 -1.97 -1.27
N GLU B 167 -32.53 -2.38 -0.16
CA GLU B 167 -33.29 -2.95 0.95
C GLU B 167 -34.25 -1.92 1.53
N GLU B 168 -33.81 -0.67 1.65
CA GLU B 168 -34.70 0.41 2.05
C GLU B 168 -35.85 0.56 1.07
N CYS B 169 -35.58 0.34 -0.23
CA CYS B 169 -36.63 0.46 -1.24
C CYS B 169 -37.66 -0.65 -1.11
N ALA B 170 -37.21 -1.88 -0.85
CA ALA B 170 -38.15 -2.99 -0.64
C ALA B 170 -39.05 -2.74 0.56
N GLN B 171 -38.49 -2.19 1.64
CA GLN B 171 -39.30 -1.86 2.80
C GLN B 171 -40.29 -0.74 2.50
N ASP B 172 -39.97 0.13 1.55
CA ASP B 172 -40.82 1.27 1.25
C ASP B 172 -42.04 0.87 0.43
N HIS B 173 -41.86 0.04 -0.59
CA HIS B 173 -42.93 -0.27 -1.53
C HIS B 173 -43.44 -1.70 -1.43
N GLY B 174 -42.99 -2.45 -0.42
CA GLY B 174 -43.55 -3.76 -0.15
C GLY B 174 -43.26 -4.83 -1.19
N PHE B 175 -41.99 -5.20 -1.33
CA PHE B 175 -41.58 -6.29 -2.21
C PHE B 175 -40.75 -7.28 -1.42
N SER B 176 -41.17 -8.54 -1.43
CA SER B 176 -40.58 -9.58 -0.60
C SER B 176 -39.32 -10.14 -1.23
N ARG B 177 -38.59 -10.92 -0.43
CA ARG B 177 -37.50 -11.73 -0.97
C ARG B 177 -38.01 -12.65 -2.08
N GLU B 178 -39.23 -13.18 -1.93
CA GLU B 178 -39.79 -14.04 -2.97
C GLU B 178 -40.14 -13.25 -4.23
N GLN B 179 -40.72 -12.06 -4.06
CA GLN B 179 -41.09 -11.27 -5.24
C GLN B 179 -39.86 -10.80 -6.00
N GLN B 180 -38.80 -10.42 -5.29
CA GLN B 180 -37.56 -10.06 -5.97
C GLN B 180 -36.90 -11.28 -6.60
N ASP B 181 -36.98 -12.43 -5.95
CA ASP B 181 -36.38 -13.64 -6.49
C ASP B 181 -37.10 -14.11 -7.75
N GLU B 182 -38.44 -14.03 -7.78
CA GLU B 182 -39.18 -14.50 -8.95
C GLU B 182 -39.08 -13.54 -10.13
N TYR B 183 -38.87 -12.24 -9.86
CA TYR B 183 -38.56 -11.31 -10.93
C TYR B 183 -37.20 -11.61 -11.55
N ALA B 184 -36.20 -11.87 -10.70
CA ALA B 184 -34.85 -12.14 -11.19
C ALA B 184 -34.85 -13.36 -12.10
N ILE B 185 -35.51 -14.43 -11.67
CA ILE B 185 -35.65 -15.62 -12.52
C ILE B 185 -36.31 -15.26 -13.84
N ARG B 186 -37.35 -14.45 -13.81
CA ARG B 186 -38.04 -14.11 -15.06
C ARG B 186 -37.13 -13.34 -16.00
N THR B 187 -36.38 -12.36 -15.49
CA THR B 187 -35.48 -11.61 -16.38
C THR B 187 -34.30 -12.46 -16.83
N TYR B 188 -33.87 -13.42 -15.99
CA TYR B 188 -32.86 -14.38 -16.42
C TYR B 188 -33.38 -15.25 -17.55
N GLU B 189 -34.65 -15.66 -17.48
CA GLU B 189 -35.22 -16.47 -18.55
C GLU B 189 -35.37 -15.65 -19.82
N LYS B 190 -35.76 -14.38 -19.69
CA LYS B 190 -35.87 -13.51 -20.86
C LYS B 190 -34.50 -13.30 -21.52
N ALA B 191 -33.46 -13.09 -20.70
CA ALA B 191 -32.11 -12.93 -21.26
C ALA B 191 -31.63 -14.21 -21.93
N GLN B 192 -31.93 -15.36 -21.33
CA GLN B 192 -31.54 -16.63 -21.95
C GLN B 192 -32.34 -16.90 -23.22
N ALA B 193 -33.64 -16.61 -23.21
CA ALA B 193 -34.44 -16.79 -24.42
C ALA B 193 -33.94 -15.89 -25.55
N ALA B 194 -33.63 -14.63 -25.24
CA ALA B 194 -33.09 -13.73 -26.24
C ALA B 194 -31.74 -14.23 -26.77
N GLN B 195 -30.86 -14.65 -25.85
CA GLN B 195 -29.63 -15.33 -26.24
C GLN B 195 -29.90 -16.52 -27.14
N LYS B 196 -30.89 -17.34 -26.76
CA LYS B 196 -31.20 -18.55 -27.52
C LYS B 196 -31.64 -18.22 -28.94
N ALA B 197 -32.51 -17.23 -29.10
CA ALA B 197 -33.02 -16.86 -30.42
C ALA B 197 -32.02 -16.05 -31.22
N GLY B 198 -30.87 -15.68 -30.65
CA GLY B 198 -29.90 -14.86 -31.35
C GLY B 198 -30.26 -13.39 -31.44
N LEU B 199 -31.14 -12.91 -30.56
CA LEU B 199 -31.62 -11.53 -30.62
C LEU B 199 -30.59 -10.51 -30.17
N PHE B 200 -29.49 -10.95 -29.57
CA PHE B 200 -28.38 -10.07 -29.23
C PHE B 200 -27.32 -10.04 -30.32
N ASP B 201 -27.45 -10.84 -31.39
CA ASP B 201 -26.35 -11.00 -32.34
C ASP B 201 -26.04 -9.70 -33.07
N GLU B 202 -27.06 -8.93 -33.45
CA GLU B 202 -26.81 -7.71 -34.20
C GLU B 202 -26.13 -6.66 -33.33
N GLU B 203 -26.63 -6.47 -32.12
CA GLU B 203 -26.13 -5.37 -31.28
C GLU B 203 -24.76 -5.66 -30.68
N ILE B 204 -24.40 -6.92 -30.45
CA ILE B 204 -23.14 -7.28 -29.80
C ILE B 204 -22.02 -7.32 -30.84
N ALA B 205 -20.90 -6.68 -30.52
CA ALA B 205 -19.69 -6.80 -31.34
C ALA B 205 -18.72 -7.76 -30.65
N PRO B 206 -18.55 -9.00 -31.15
CA PRO B 206 -17.65 -9.95 -30.48
C PRO B 206 -16.24 -9.39 -30.32
N ILE B 207 -15.58 -9.83 -29.25
CA ILE B 207 -14.25 -9.35 -28.90
C ILE B 207 -13.25 -10.49 -29.15
N GLN B 208 -12.17 -10.17 -29.83
CA GLN B 208 -11.09 -11.11 -30.11
C GLN B 208 -9.94 -10.81 -29.16
N LEU B 209 -9.50 -11.82 -28.42
CA LEU B 209 -8.40 -11.66 -27.48
C LEU B 209 -7.16 -12.34 -28.04
N PRO B 210 -6.08 -11.61 -28.30
CA PRO B 210 -4.91 -12.19 -28.97
C PRO B 210 -4.30 -13.33 -28.17
N GLY B 211 -4.13 -14.47 -28.82
CA GLY B 211 -3.52 -15.63 -28.19
C GLY B 211 -4.52 -16.70 -27.78
N LYS B 215 -1.44 -19.80 -30.84
CA LYS B 215 -1.46 -18.82 -31.92
C LYS B 215 -2.87 -18.30 -32.30
N PRO B 216 -3.88 -19.18 -32.40
CA PRO B 216 -5.24 -18.69 -32.70
C PRO B 216 -5.77 -17.77 -31.62
N ASP B 217 -6.91 -17.14 -31.92
CA ASP B 217 -7.48 -16.10 -31.07
C ASP B 217 -8.76 -16.57 -30.40
N VAL B 218 -8.88 -16.25 -29.11
CA VAL B 218 -10.10 -16.52 -28.35
C VAL B 218 -11.11 -15.41 -28.60
N THR B 219 -12.38 -15.78 -28.75
CA THR B 219 -13.45 -14.83 -29.05
C THR B 219 -14.52 -14.88 -27.97
N VAL B 220 -14.86 -13.72 -27.43
CA VAL B 220 -15.96 -13.57 -26.49
C VAL B 220 -17.17 -13.07 -27.27
N THR B 221 -18.20 -13.91 -27.42
CA THR B 221 -19.38 -13.51 -28.17
C THR B 221 -20.62 -13.27 -27.32
N GLN B 222 -20.81 -14.01 -26.24
CA GLN B 222 -22.01 -13.91 -25.42
C GLN B 222 -21.76 -13.09 -24.16
N ASP B 223 -22.85 -12.53 -23.62
CA ASP B 223 -22.82 -11.97 -22.27
C ASP B 223 -22.58 -13.08 -21.26
N GLU B 224 -21.71 -12.82 -20.27
CA GLU B 224 -21.24 -13.91 -19.43
C GLU B 224 -22.22 -14.29 -18.32
N GLU B 225 -23.02 -13.35 -17.83
CA GLU B 225 -23.91 -13.59 -16.69
C GLU B 225 -25.16 -14.44 -16.95
N PRO B 226 -25.86 -14.31 -18.09
CA PRO B 226 -27.15 -15.01 -18.22
C PRO B 226 -27.10 -16.51 -17.98
N LYS B 227 -25.99 -17.18 -18.33
CA LYS B 227 -25.93 -18.63 -18.17
C LYS B 227 -25.80 -19.07 -16.73
N ASN B 228 -25.56 -18.14 -15.79
CA ASN B 228 -25.29 -18.49 -14.40
C ASN B 228 -26.54 -18.72 -13.57
N LEU B 229 -27.73 -18.58 -14.14
CA LEU B 229 -28.95 -18.79 -13.38
C LEU B 229 -29.00 -20.21 -12.81
N ASN B 230 -29.20 -20.31 -11.50
CA ASN B 230 -29.51 -21.58 -10.83
C ASN B 230 -30.67 -21.28 -9.88
N PRO B 231 -31.90 -21.67 -10.26
CA PRO B 231 -33.07 -21.17 -9.53
C PRO B 231 -33.16 -21.64 -8.08
N GLU B 232 -32.69 -22.83 -7.75
CA GLU B 232 -32.76 -23.24 -6.34
C GLU B 232 -31.65 -22.61 -5.52
N LYS B 233 -30.44 -22.49 -6.09
CA LYS B 233 -29.42 -21.68 -5.43
C LYS B 233 -29.91 -20.25 -5.21
N LEU B 234 -30.57 -19.67 -6.22
CA LEU B 234 -31.05 -18.30 -6.09
C LEU B 234 -32.07 -18.16 -4.96
N ARG B 235 -32.97 -19.14 -4.81
CA ARG B 235 -33.97 -19.05 -3.76
C ARG B 235 -33.43 -19.43 -2.39
N ALA B 236 -32.29 -20.11 -2.32
CA ALA B 236 -31.73 -20.57 -1.05
C ALA B 236 -30.60 -19.70 -0.51
N ILE B 237 -30.02 -18.84 -1.34
CA ILE B 237 -28.89 -18.02 -0.91
C ILE B 237 -29.30 -17.15 0.28
N LYS B 238 -28.34 -16.92 1.18
CA LYS B 238 -28.57 -15.99 2.27
C LYS B 238 -28.58 -14.56 1.75
N PRO B 239 -29.30 -13.65 2.40
CA PRO B 239 -29.32 -12.25 1.96
C PRO B 239 -27.95 -11.60 2.08
N ALA B 240 -27.74 -10.57 1.26
CA ALA B 240 -26.40 -10.01 1.09
C ALA B 240 -26.10 -8.82 1.98
N PHE B 241 -27.11 -8.06 2.39
CA PHE B 241 -26.89 -6.83 3.13
C PHE B 241 -27.49 -6.82 4.53
N ILE B 242 -28.52 -7.61 4.78
CA ILE B 242 -29.10 -7.72 6.12
C ILE B 242 -29.25 -9.20 6.46
N PRO B 243 -28.41 -9.75 7.34
CA PRO B 243 -28.53 -11.17 7.68
C PRO B 243 -29.92 -11.50 8.22
N GLY B 244 -30.49 -12.59 7.73
CA GLY B 244 -31.76 -13.07 8.24
C GLY B 244 -32.99 -12.50 7.55
N SER B 245 -33.20 -11.20 7.64
CA SER B 245 -34.43 -10.57 7.21
C SER B 245 -34.32 -9.80 5.90
N GLY B 246 -33.13 -9.70 5.31
CA GLY B 246 -32.98 -8.96 4.07
C GLY B 246 -33.63 -9.68 2.90
N THR B 247 -34.12 -8.87 1.94
CA THR B 247 -34.70 -9.39 0.71
C THR B 247 -33.77 -9.26 -0.50
N VAL B 248 -32.83 -8.30 -0.46
CA VAL B 248 -31.87 -8.12 -1.54
C VAL B 248 -30.76 -9.14 -1.41
N THR B 249 -30.48 -9.84 -2.50
CA THR B 249 -29.41 -10.82 -2.55
C THR B 249 -28.49 -10.50 -3.73
N ALA B 250 -27.34 -11.17 -3.76
CA ALA B 250 -26.49 -11.06 -4.94
C ALA B 250 -27.15 -11.64 -6.19
N PRO B 251 -27.83 -12.78 -6.15
CA PRO B 251 -28.51 -13.26 -7.37
C PRO B 251 -29.61 -12.33 -7.88
N ASN B 252 -30.35 -11.63 -7.02
CA ASN B 252 -31.40 -10.72 -7.49
C ASN B 252 -30.93 -9.27 -7.59
N SER B 253 -29.64 -8.99 -7.38
CA SER B 253 -29.03 -7.71 -7.65
C SER B 253 -28.27 -7.78 -8.97
N SER B 254 -27.88 -6.60 -9.49
CA SER B 254 -26.98 -6.60 -10.63
C SER B 254 -25.57 -7.00 -10.17
N PRO B 255 -24.79 -7.60 -11.05
CA PRO B 255 -23.41 -7.94 -10.69
C PRO B 255 -22.46 -6.77 -10.93
N LEU B 256 -21.18 -6.99 -10.68
CA LEU B 256 -20.12 -6.13 -11.17
C LEU B 256 -19.70 -6.66 -12.53
N ASN B 257 -19.48 -5.76 -13.48
CA ASN B 257 -19.28 -6.21 -14.86
C ASN B 257 -18.38 -5.25 -15.62
N ASP B 258 -17.90 -5.74 -16.77
CA ASP B 258 -17.11 -4.97 -17.72
C ASP B 258 -17.85 -4.92 -19.05
N GLY B 259 -17.89 -3.75 -19.68
CA GLY B 259 -18.55 -3.63 -20.97
C GLY B 259 -18.58 -2.19 -21.41
N ALA B 260 -18.96 -2.00 -22.67
CA ALA B 260 -19.07 -0.67 -23.25
C ALA B 260 -20.17 -0.70 -24.30
N ALA B 261 -20.63 0.49 -24.66
CA ALA B 261 -21.70 0.65 -25.64
C ALA B 261 -21.65 2.07 -26.18
N ALA B 262 -22.00 2.22 -27.46
CA ALA B 262 -21.90 3.49 -28.15
C ALA B 262 -23.01 3.60 -29.20
N VAL B 263 -23.44 4.83 -29.45
CA VAL B 263 -24.40 5.14 -30.50
C VAL B 263 -23.85 6.32 -31.30
N VAL B 264 -24.20 6.36 -32.58
CA VAL B 264 -23.77 7.44 -33.47
C VAL B 264 -24.97 8.35 -33.73
N LEU B 265 -24.79 9.64 -33.49
CA LEU B 265 -25.83 10.64 -33.63
C LEU B 265 -25.49 11.58 -34.79
N VAL B 266 -26.49 11.91 -35.60
CA VAL B 266 -26.27 12.85 -36.70
C VAL B 266 -27.38 13.88 -36.71
N SER B 267 -27.07 15.04 -37.27
CA SER B 267 -28.07 16.08 -37.52
C SER B 267 -28.84 15.77 -38.80
N GLU B 268 -30.06 16.31 -38.88
CA GLU B 268 -30.90 16.10 -40.06
C GLU B 268 -30.18 16.56 -41.33
N ALA B 269 -29.40 17.63 -41.24
CA ALA B 269 -28.65 18.11 -42.39
C ALA B 269 -27.70 17.04 -42.91
N LYS B 270 -26.86 16.48 -42.03
CA LYS B 270 -25.90 15.47 -42.47
C LYS B 270 -26.58 14.16 -42.85
N LEU B 271 -27.73 13.87 -42.25
CA LEU B 271 -28.47 12.65 -42.59
C LEU B 271 -28.82 12.62 -44.07
N LYS B 272 -29.24 13.76 -44.61
CA LYS B 272 -29.55 13.83 -46.04
C LYS B 272 -28.31 14.14 -46.86
N GLU B 273 -27.43 14.99 -46.34
CA GLU B 273 -26.22 15.36 -47.07
C GLU B 273 -25.37 14.13 -47.40
N LEU B 274 -25.31 13.16 -46.49
CA LEU B 274 -24.61 11.90 -46.73
C LEU B 274 -25.55 10.79 -47.18
N ASN B 275 -26.87 11.03 -47.17
CA ASN B 275 -27.88 10.04 -47.51
C ASN B 275 -27.74 8.79 -46.63
N LEU B 276 -27.85 9.00 -45.32
CA LEU B 276 -27.75 7.94 -44.33
C LEU B 276 -29.14 7.44 -43.95
N LYS B 277 -29.24 6.13 -43.70
CA LYS B 277 -30.49 5.53 -43.28
C LYS B 277 -30.60 5.57 -41.77
N PRO B 278 -31.53 6.33 -41.20
CA PRO B 278 -31.61 6.41 -39.73
C PRO B 278 -32.24 5.18 -39.11
N VAL B 279 -31.75 4.81 -37.93
CA VAL B 279 -32.36 3.74 -37.16
C VAL B 279 -33.46 4.27 -36.25
N ALA B 280 -33.25 5.44 -35.66
CA ALA B 280 -34.19 5.96 -34.68
C ALA B 280 -34.06 7.48 -34.60
N LYS B 281 -35.03 8.10 -33.95
CA LYS B 281 -35.01 9.53 -33.70
C LYS B 281 -35.19 9.77 -32.21
N ILE B 282 -34.35 10.63 -31.66
CA ILE B 282 -34.47 11.04 -30.26
C ILE B 282 -35.62 12.04 -30.15
N LEU B 283 -36.64 11.68 -29.38
CA LEU B 283 -37.82 12.53 -29.22
C LEU B 283 -37.77 13.37 -27.96
N GLY B 284 -37.03 12.97 -26.94
CA GLY B 284 -36.94 13.73 -25.73
C GLY B 284 -36.17 12.97 -24.66
N TRP B 285 -35.85 13.68 -23.59
CA TRP B 285 -35.14 13.09 -22.47
C TRP B 285 -35.58 13.78 -21.18
N GLY B 286 -35.23 13.17 -20.06
CA GLY B 286 -35.52 13.76 -18.77
C GLY B 286 -34.54 13.34 -17.70
N ASP B 287 -33.98 14.30 -16.97
CA ASP B 287 -33.21 14.00 -15.78
C ASP B 287 -34.05 14.35 -14.56
N ALA B 288 -33.93 13.53 -13.52
CA ALA B 288 -34.60 13.79 -12.26
C ALA B 288 -33.71 13.32 -11.12
N ALA B 289 -33.98 13.83 -9.93
CA ALA B 289 -33.22 13.45 -8.75
C ALA B 289 -34.07 13.73 -7.53
N GLN B 290 -33.92 12.89 -6.51
CA GLN B 290 -34.60 13.09 -5.23
C GLN B 290 -33.65 12.74 -4.11
N GLN B 291 -34.19 12.29 -2.98
CA GLN B 291 -33.36 11.94 -1.84
CA GLN B 291 -33.36 11.94 -1.84
C GLN B 291 -32.34 10.88 -2.25
N PRO B 292 -31.05 11.07 -1.95
CA PRO B 292 -30.03 10.09 -2.38
C PRO B 292 -30.33 8.65 -2.04
N SER B 293 -30.85 8.37 -0.84
CA SER B 293 -31.16 7.01 -0.45
C SER B 293 -32.42 6.47 -1.14
N LYS B 294 -33.15 7.33 -1.85
CA LYS B 294 -34.33 6.90 -2.61
C LYS B 294 -34.08 6.96 -4.11
N PHE B 295 -32.82 6.87 -4.54
CA PHE B 295 -32.50 6.90 -5.96
C PHE B 295 -33.21 5.80 -6.73
N THR B 296 -33.57 4.70 -6.04
CA THR B 296 -34.17 3.55 -6.70
C THR B 296 -35.45 3.91 -7.43
N THR B 297 -36.22 4.86 -6.91
CA THR B 297 -37.47 5.29 -7.52
C THR B 297 -37.35 6.63 -8.23
N ALA B 298 -36.12 7.13 -8.41
CA ALA B 298 -35.94 8.33 -9.22
C ALA B 298 -36.41 8.17 -10.67
N PRO B 299 -36.28 7.01 -11.32
CA PRO B 299 -36.85 6.89 -12.68
C PRO B 299 -38.34 7.18 -12.76
N ALA B 300 -39.09 6.96 -11.67
CA ALA B 300 -40.50 7.31 -11.64
C ALA B 300 -40.75 8.81 -11.73
N LEU B 301 -39.71 9.63 -11.57
CA LEU B 301 -39.75 11.03 -11.92
C LEU B 301 -39.15 11.31 -13.29
N ALA B 302 -38.02 10.68 -13.61
CA ALA B 302 -37.35 10.97 -14.88
C ALA B 302 -38.16 10.46 -16.08
N ILE B 303 -38.86 9.34 -15.92
CA ILE B 303 -39.56 8.75 -17.05
C ILE B 303 -40.75 9.61 -17.47
N PRO B 304 -41.64 10.05 -16.56
CA PRO B 304 -42.69 10.98 -17.00
C PRO B 304 -42.14 12.29 -17.55
N LYS B 305 -41.02 12.78 -17.02
CA LYS B 305 -40.45 14.03 -17.52
C LYS B 305 -39.94 13.86 -18.95
N ALA B 306 -39.33 12.71 -19.27
CA ALA B 306 -38.86 12.47 -20.63
C ALA B 306 -40.02 12.26 -21.60
N LEU B 307 -41.11 11.64 -21.14
CA LEU B 307 -42.28 11.51 -22.01
C LEU B 307 -42.89 12.88 -22.32
N LYS B 308 -43.01 13.73 -21.29
CA LYS B 308 -43.52 15.08 -21.49
C LYS B 308 -42.64 15.84 -22.47
N HIS B 309 -41.32 15.77 -22.29
CA HIS B 309 -40.38 16.43 -23.19
C HIS B 309 -40.56 15.95 -24.63
N ALA B 310 -40.89 14.67 -24.81
CA ALA B 310 -41.14 14.11 -26.13
C ALA B 310 -42.58 14.29 -26.60
N GLY B 311 -43.48 14.73 -25.72
CA GLY B 311 -44.88 14.82 -26.09
C GLY B 311 -45.51 13.48 -26.40
N VAL B 312 -45.18 12.46 -25.61
CA VAL B 312 -45.61 11.08 -25.84
C VAL B 312 -46.25 10.56 -24.57
N GLY B 313 -47.28 9.73 -24.71
CA GLY B 313 -47.95 9.16 -23.57
C GLY B 313 -47.39 7.81 -23.18
N GLN B 314 -47.45 7.51 -21.88
CA GLN B 314 -46.89 6.27 -21.36
C GLN B 314 -47.53 5.05 -22.00
N ASP B 315 -48.80 5.16 -22.41
CA ASP B 315 -49.47 4.06 -23.10
C ASP B 315 -49.05 3.92 -24.55
N ALA B 316 -48.49 4.97 -25.15
CA ALA B 316 -47.99 4.87 -26.51
C ALA B 316 -46.69 4.08 -26.60
N ILE B 317 -45.97 3.93 -25.49
CA ILE B 317 -44.67 3.28 -25.51
C ILE B 317 -44.85 1.79 -25.74
N ASP B 318 -44.13 1.26 -26.72
CA ASP B 318 -44.20 -0.16 -27.03
C ASP B 318 -43.28 -1.01 -26.16
N ALA B 319 -42.14 -0.45 -25.74
CA ALA B 319 -41.20 -1.20 -24.93
C ALA B 319 -40.44 -0.24 -24.02
N PHE B 320 -40.28 -0.65 -22.76
CA PHE B 320 -39.49 0.07 -21.76
C PHE B 320 -38.25 -0.74 -21.42
N GLU B 321 -37.14 -0.03 -21.20
CA GLU B 321 -35.93 -0.54 -20.59
C GLU B 321 -35.76 0.22 -19.28
N ILE B 322 -36.03 -0.43 -18.15
CA ILE B 322 -35.83 0.14 -16.83
C ILE B 322 -34.67 -0.60 -16.20
N ASN B 323 -33.51 0.06 -16.11
CA ASN B 323 -32.29 -0.64 -15.74
C ASN B 323 -32.43 -1.31 -14.39
N GLU B 324 -32.13 -2.60 -14.35
CA GLU B 324 -32.28 -3.40 -13.13
C GLU B 324 -31.00 -3.32 -12.30
N ALA B 325 -30.79 -2.17 -11.65
CA ALA B 325 -29.75 -2.09 -10.64
C ALA B 325 -29.95 -3.18 -9.61
N PHE B 326 -31.18 -3.30 -9.11
CA PHE B 326 -31.63 -4.42 -8.31
C PHE B 326 -33.02 -4.78 -8.81
N SER B 327 -33.42 -6.05 -8.60
CA SER B 327 -34.74 -6.45 -9.03
C SER B 327 -35.83 -5.55 -8.44
N VAL B 328 -35.62 -5.08 -7.21
CA VAL B 328 -36.63 -4.26 -6.55
C VAL B 328 -36.74 -2.90 -7.24
N VAL B 329 -35.68 -2.44 -7.90
CA VAL B 329 -35.76 -1.18 -8.64
C VAL B 329 -36.82 -1.29 -9.74
N ALA B 330 -36.76 -2.36 -10.53
CA ALA B 330 -37.74 -2.53 -11.61
C ALA B 330 -39.15 -2.72 -11.04
N LEU B 331 -39.27 -3.48 -9.95
CA LEU B 331 -40.59 -3.73 -9.37
C LEU B 331 -41.20 -2.44 -8.82
N ALA B 332 -40.39 -1.66 -8.10
CA ALA B 332 -40.89 -0.43 -7.50
C ALA B 332 -41.29 0.59 -8.57
N ASN B 333 -40.44 0.76 -9.58
CA ASN B 333 -40.74 1.74 -10.62
C ASN B 333 -41.92 1.29 -11.46
N MET B 334 -42.04 0.00 -11.75
CA MET B 334 -43.23 -0.50 -12.46
C MET B 334 -44.49 -0.24 -11.66
N LYS B 335 -44.48 -0.60 -10.37
CA LYS B 335 -45.62 -0.34 -9.51
C LYS B 335 -45.93 1.16 -9.44
N LEU B 336 -44.92 1.97 -9.15
CA LEU B 336 -45.12 3.41 -8.98
C LEU B 336 -45.64 4.06 -10.25
N LEU B 337 -45.21 3.58 -11.42
CA LEU B 337 -45.59 4.19 -12.69
C LEU B 337 -46.79 3.53 -13.37
N GLY B 338 -47.23 2.38 -12.88
CA GLY B 338 -48.33 1.69 -13.51
C GLY B 338 -47.97 1.16 -14.90
N ILE B 339 -46.83 0.49 -14.99
CA ILE B 339 -46.34 -0.08 -16.23
C ILE B 339 -46.30 -1.59 -16.07
N PRO B 340 -47.01 -2.35 -16.90
CA PRO B 340 -46.98 -3.81 -16.76
C PRO B 340 -45.64 -4.39 -17.21
N GLU B 341 -45.24 -5.47 -16.53
CA GLU B 341 -43.95 -6.10 -16.82
C GLU B 341 -43.86 -6.62 -18.24
N GLU B 342 -44.98 -6.97 -18.85
CA GLU B 342 -45.03 -7.45 -20.23
C GLU B 342 -44.53 -6.42 -21.24
N LYS B 343 -44.17 -5.20 -20.83
CA LYS B 343 -43.58 -4.21 -21.73
C LYS B 343 -42.21 -3.75 -21.26
N VAL B 344 -41.56 -4.47 -20.35
CA VAL B 344 -40.37 -3.99 -19.65
C VAL B 344 -39.26 -5.03 -19.78
N ASN B 345 -38.10 -4.59 -20.27
CA ASN B 345 -36.90 -5.42 -20.36
C ASN B 345 -37.20 -6.76 -21.05
N LEU B 346 -37.73 -6.66 -22.26
CA LEU B 346 -38.27 -7.84 -22.93
C LEU B 346 -37.19 -8.85 -23.30
N HIS B 347 -35.93 -8.41 -23.41
CA HIS B 347 -34.81 -9.31 -23.63
C HIS B 347 -33.98 -9.52 -22.37
N GLY B 348 -34.54 -9.21 -21.21
CA GLY B 348 -33.81 -9.26 -19.96
C GLY B 348 -33.17 -7.94 -19.60
N GLY B 349 -32.73 -7.84 -18.34
CA GLY B 349 -32.10 -6.64 -17.83
C GLY B 349 -30.80 -6.89 -17.08
N ALA B 350 -30.32 -5.86 -16.36
CA ALA B 350 -28.95 -5.90 -15.84
C ALA B 350 -28.76 -6.97 -14.78
N VAL B 351 -29.82 -7.34 -14.07
CA VAL B 351 -29.73 -8.45 -13.11
C VAL B 351 -29.20 -9.71 -13.79
N ALA B 352 -29.68 -9.98 -15.01
CA ALA B 352 -29.23 -11.14 -15.78
C ALA B 352 -28.09 -10.84 -16.73
N ILE B 353 -28.02 -9.62 -17.26
CA ILE B 353 -27.10 -9.29 -18.35
C ILE B 353 -25.78 -8.74 -17.81
N GLY B 354 -25.84 -7.98 -16.72
CA GLY B 354 -24.65 -7.32 -16.21
C GLY B 354 -24.82 -5.83 -16.15
N HIS B 355 -24.04 -5.19 -15.28
CA HIS B 355 -24.16 -3.76 -14.99
C HIS B 355 -22.78 -3.13 -14.95
N PRO B 356 -22.15 -2.91 -16.11
CA PRO B 356 -20.92 -2.09 -16.13
C PRO B 356 -21.31 -0.62 -16.02
N ILE B 357 -21.13 -0.02 -14.84
CA ILE B 357 -21.98 1.09 -14.43
C ILE B 357 -21.86 2.30 -15.38
N GLY B 358 -20.65 2.60 -15.85
CA GLY B 358 -20.51 3.72 -16.77
C GLY B 358 -21.10 3.49 -18.15
N ALA B 359 -21.32 2.23 -18.53
CA ALA B 359 -21.83 1.91 -19.86
C ALA B 359 -23.31 1.60 -19.88
N SER B 360 -23.91 1.19 -18.75
CA SER B 360 -25.24 0.60 -18.78
C SER B 360 -26.30 1.55 -19.33
N GLY B 361 -26.13 2.86 -19.14
CA GLY B 361 -27.10 3.80 -19.69
C GLY B 361 -27.18 3.73 -21.21
N ALA B 362 -26.04 3.49 -21.86
CA ALA B 362 -26.00 3.30 -23.30
C ALA B 362 -26.32 1.88 -23.71
N ARG B 363 -25.92 0.90 -22.88
CA ARG B 363 -26.20 -0.50 -23.14
C ARG B 363 -27.70 -0.74 -23.26
N ILE B 364 -28.49 -0.17 -22.35
CA ILE B 364 -29.93 -0.45 -22.38
C ILE B 364 -30.58 0.23 -23.58
N LEU B 365 -30.01 1.34 -24.07
CA LEU B 365 -30.54 1.96 -25.28
C LEU B 365 -30.24 1.10 -26.50
N THR B 366 -29.05 0.51 -26.56
CA THR B 366 -28.71 -0.43 -27.62
C THR B 366 -29.66 -1.61 -27.62
N THR B 367 -29.92 -2.18 -26.44
CA THR B 367 -30.84 -3.31 -26.33
C THR B 367 -32.27 -2.90 -26.66
N LEU B 368 -32.65 -1.69 -26.24
CA LEU B 368 -34.00 -1.20 -26.53
C LEU B 368 -34.25 -1.14 -28.04
N LEU B 369 -33.30 -0.59 -28.81
CA LEU B 369 -33.45 -0.57 -30.26
C LEU B 369 -33.63 -1.99 -30.80
N GLY B 370 -32.93 -2.96 -30.20
CA GLY B 370 -33.09 -4.34 -30.63
C GLY B 370 -34.45 -4.92 -30.27
N VAL B 371 -34.96 -4.61 -29.08
CA VAL B 371 -36.29 -5.05 -28.68
C VAL B 371 -37.35 -4.47 -29.61
N LEU B 372 -37.24 -3.19 -29.95
CA LEU B 372 -38.25 -2.56 -30.80
C LEU B 372 -38.26 -3.18 -32.19
N LYS B 373 -37.07 -3.49 -32.72
CA LYS B 373 -37.00 -4.22 -33.99
C LYS B 373 -37.63 -5.60 -33.87
N ALA B 374 -37.23 -6.36 -32.84
CA ALA B 374 -37.68 -7.74 -32.73
C ALA B 374 -39.18 -7.84 -32.49
N LYS B 375 -39.75 -6.98 -31.65
CA LYS B 375 -41.15 -7.07 -31.30
C LYS B 375 -42.03 -6.15 -32.16
N LYS B 376 -41.47 -5.54 -33.20
CA LYS B 376 -42.20 -4.67 -34.12
C LYS B 376 -42.94 -3.56 -33.37
N GLY B 377 -42.15 -2.79 -32.60
CA GLY B 377 -42.63 -1.60 -31.93
C GLY B 377 -41.98 -0.34 -32.51
N LYS B 378 -42.56 0.81 -32.16
CA LYS B 378 -42.08 2.08 -32.70
C LYS B 378 -41.57 3.05 -31.63
N LEU B 379 -42.23 3.14 -30.49
CA LEU B 379 -41.84 4.08 -29.43
C LEU B 379 -41.22 3.33 -28.27
N GLY B 380 -40.06 3.80 -27.81
CA GLY B 380 -39.38 3.18 -26.69
C GLY B 380 -38.93 4.22 -25.68
N CYS B 381 -38.79 3.77 -24.44
CA CYS B 381 -38.33 4.63 -23.36
C CYS B 381 -37.32 3.88 -22.51
N ALA B 382 -36.15 4.47 -22.32
CA ALA B 382 -35.10 3.92 -21.48
C ALA B 382 -34.92 4.82 -20.26
N GLY B 383 -34.90 4.22 -19.08
CA GLY B 383 -34.73 4.94 -17.84
C GLY B 383 -33.79 4.23 -16.88
N ILE B 384 -32.85 4.96 -16.31
CA ILE B 384 -31.82 4.34 -15.48
C ILE B 384 -31.56 5.24 -14.27
N CYS B 385 -31.63 4.65 -13.08
CA CYS B 385 -31.33 5.32 -11.83
C CYS B 385 -29.83 5.29 -11.57
N ASN B 386 -29.35 6.26 -10.77
CA ASN B 386 -27.93 6.33 -10.42
C ASN B 386 -27.77 6.64 -8.94
N GLY B 387 -26.68 6.14 -8.36
CA GLY B 387 -26.40 6.43 -6.96
C GLY B 387 -26.22 7.93 -6.75
N GLY B 388 -26.70 8.41 -5.60
CA GLY B 388 -26.73 9.84 -5.32
C GLY B 388 -28.09 10.47 -5.39
N GLY B 389 -29.09 9.78 -5.93
CA GLY B 389 -30.46 10.25 -5.94
C GLY B 389 -31.06 10.50 -7.31
N GLY B 390 -30.28 10.39 -8.39
CA GLY B 390 -30.73 10.80 -9.69
C GLY B 390 -31.21 9.66 -10.59
N ALA B 391 -31.74 10.06 -11.74
CA ALA B 391 -32.08 9.15 -12.83
C ALA B 391 -32.09 9.93 -14.13
N SER B 392 -31.92 9.21 -15.25
CA SER B 392 -32.03 9.80 -16.58
C SER B 392 -32.91 8.90 -17.43
N ALA B 393 -33.63 9.51 -18.38
CA ALA B 393 -34.55 8.79 -19.25
C ALA B 393 -34.55 9.40 -20.64
N LEU B 394 -34.88 8.56 -21.63
CA LEU B 394 -34.81 8.97 -23.04
C LEU B 394 -35.92 8.27 -23.81
N VAL B 395 -36.55 9.01 -24.72
CA VAL B 395 -37.62 8.49 -25.56
C VAL B 395 -37.13 8.47 -27.00
N VAL B 396 -37.19 7.30 -27.62
CA VAL B 396 -36.76 7.13 -29.00
C VAL B 396 -37.92 6.62 -29.83
N GLU B 397 -37.91 6.95 -31.11
CA GLU B 397 -38.86 6.43 -32.09
C GLU B 397 -38.08 5.66 -33.14
N LEU B 398 -38.40 4.37 -33.31
CA LEU B 398 -37.73 3.56 -34.31
C LEU B 398 -38.23 3.93 -35.71
N LEU B 399 -37.30 4.17 -36.62
CA LEU B 399 -37.66 4.64 -37.96
C LEU B 399 -37.65 3.51 -38.99
N MET C 2 28.13 -20.76 38.07
CA MET C 2 28.78 -19.92 37.05
C MET C 2 30.26 -19.75 37.35
N SER C 3 30.65 -20.01 38.61
CA SER C 3 32.05 -19.87 38.97
C SER C 3 32.93 -20.90 38.26
N SER C 4 32.42 -22.13 38.11
CA SER C 4 33.16 -23.22 37.47
C SER C 4 33.25 -23.06 35.95
N LEU C 5 32.67 -22.02 35.38
CA LEU C 5 32.59 -21.57 33.99
C LEU C 5 33.66 -20.50 33.71
N PRO C 6 34.30 -20.53 32.54
CA PRO C 6 35.37 -19.55 32.26
C PRO C 6 34.86 -18.12 32.35
N ALA C 7 35.76 -17.20 32.71
CA ALA C 7 35.37 -15.82 32.92
C ALA C 7 35.07 -15.11 31.60
N VAL C 8 34.14 -14.17 31.64
CA VAL C 8 33.83 -13.31 30.51
C VAL C 8 33.95 -11.87 30.98
N TYR C 9 34.80 -11.09 30.33
CA TYR C 9 35.00 -9.69 30.69
C TYR C 9 34.35 -8.77 29.68
N ILE C 10 33.73 -7.72 30.20
CA ILE C 10 33.33 -6.57 29.38
C ILE C 10 34.51 -5.60 29.35
N VAL C 11 35.06 -5.36 28.15
CA VAL C 11 36.16 -4.40 28.04
C VAL C 11 35.71 -3.04 27.52
N SER C 12 34.48 -2.91 27.03
CA SER C 12 33.94 -1.59 26.72
C SER C 12 32.45 -1.71 26.41
N SER C 13 31.78 -0.56 26.33
CA SER C 13 30.39 -0.46 25.92
C SER C 13 30.19 0.92 25.33
N ALA C 14 29.14 1.06 24.51
CA ALA C 14 28.78 2.34 23.93
C ALA C 14 27.33 2.29 23.47
N ARG C 15 26.70 3.45 23.39
CA ARG C 15 25.37 3.50 22.81
C ARG C 15 25.21 4.77 22.02
N THR C 16 24.30 4.73 21.05
CA THR C 16 23.85 5.96 20.40
C THR C 16 23.03 6.78 21.39
N PRO C 17 22.86 8.08 21.13
CA PRO C 17 21.74 8.79 21.75
C PRO C 17 20.47 8.03 21.39
N VAL C 18 19.45 8.13 22.23
CA VAL C 18 18.16 7.53 21.92
C VAL C 18 17.30 8.62 21.28
N GLY C 19 16.88 8.38 20.04
CA GLY C 19 16.05 9.35 19.32
C GLY C 19 14.56 9.12 19.50
N SER C 20 13.80 10.20 19.46
CA SER C 20 12.36 10.06 19.51
C SER C 20 11.82 9.46 18.22
N PHE C 21 10.64 8.86 18.31
CA PHE C 21 9.90 8.35 17.17
C PHE C 21 9.76 9.44 16.10
N LEU C 22 10.22 9.12 14.88
CA LEU C 22 10.24 10.07 13.75
C LEU C 22 11.03 11.33 14.10
N GLY C 23 12.02 11.21 14.97
CA GLY C 23 12.75 12.36 15.47
C GLY C 23 14.19 12.41 15.01
N SER C 24 15.11 12.66 15.96
CA SER C 24 16.46 13.13 15.61
C SER C 24 17.26 12.10 14.82
N LEU C 25 16.98 10.82 15.00
CA LEU C 25 17.70 9.76 14.31
C LEU C 25 16.84 8.99 13.31
N SER C 26 15.66 9.50 12.96
CA SER C 26 14.75 8.78 12.08
C SER C 26 15.29 8.61 10.66
N SER C 27 16.32 9.36 10.26
CA SER C 27 16.91 9.15 8.95
C SER C 27 17.86 7.96 8.87
N LEU C 28 18.23 7.35 10.00
CA LEU C 28 19.20 6.25 10.04
C LEU C 28 18.50 4.90 10.13
N THR C 29 19.05 3.90 9.45
CA THR C 29 18.47 2.56 9.55
C THR C 29 18.96 1.86 10.81
N ALA C 30 18.29 0.75 11.16
CA ALA C 30 18.73 0.00 12.32
C ALA C 30 20.18 -0.44 12.20
N PRO C 31 20.68 -0.93 11.05
CA PRO C 31 22.09 -1.33 10.97
C PRO C 31 23.03 -0.14 11.05
N GLN C 32 22.61 1.05 10.60
CA GLN C 32 23.45 2.23 10.72
C GLN C 32 23.62 2.63 12.17
N LEU C 33 22.53 2.55 12.96
CA LEU C 33 22.64 2.79 14.39
C LEU C 33 23.53 1.74 15.04
N GLY C 34 23.32 0.47 14.70
CA GLY C 34 24.10 -0.60 15.33
C GLY C 34 25.58 -0.49 15.02
N ALA C 35 25.91 -0.25 13.74
CA ALA C 35 27.30 -0.09 13.36
C ALA C 35 27.95 1.05 14.13
N HIS C 36 27.23 2.16 14.29
CA HIS C 36 27.77 3.28 15.05
C HIS C 36 28.12 2.87 16.48
N ALA C 37 27.22 2.13 17.14
CA ALA C 37 27.47 1.73 18.53
C ALA C 37 28.61 0.74 18.62
N ILE C 38 28.66 -0.22 17.69
CA ILE C 38 29.76 -1.20 17.68
C ILE C 38 31.10 -0.50 17.48
N LYS C 39 31.18 0.38 16.47
CA LYS C 39 32.45 1.03 16.19
C LYS C 39 32.90 1.90 17.37
N ALA C 40 31.96 2.63 18.00
CA ALA C 40 32.33 3.43 19.17
C ALA C 40 32.80 2.58 20.34
N ALA C 41 32.14 1.44 20.61
CA ALA C 41 32.58 0.60 21.72
C ALA C 41 34.00 0.08 21.50
N LEU C 42 34.30 -0.37 20.26
CA LEU C 42 35.63 -0.92 19.98
C LEU C 42 36.72 0.15 20.05
N ALA C 43 36.40 1.38 19.64
CA ALA C 43 37.41 2.45 19.65
C ALA C 43 37.92 2.74 21.07
N LYS C 44 37.13 2.39 22.08
CA LYS C 44 37.53 2.61 23.47
C LYS C 44 38.53 1.60 24.00
N VAL C 45 38.67 0.42 23.39
CA VAL C 45 39.51 -0.63 23.97
C VAL C 45 40.95 -0.44 23.50
N ASP C 46 41.81 -0.02 24.43
CA ASP C 46 43.23 0.15 24.14
C ASP C 46 43.90 -1.23 24.00
N GLY C 47 44.40 -1.55 22.80
CA GLY C 47 45.07 -2.81 22.57
C GLY C 47 44.26 -3.83 21.77
N LEU C 48 43.00 -3.55 21.50
CA LEU C 48 42.15 -4.46 20.73
C LEU C 48 41.80 -3.79 19.42
N LYS C 49 41.85 -4.60 18.29
CA LYS C 49 41.46 -4.06 17.00
C LYS C 49 40.08 -4.58 16.60
N PRO C 50 39.35 -3.81 15.78
CA PRO C 50 38.09 -4.34 15.24
C PRO C 50 38.28 -5.66 14.51
N SER C 51 39.43 -5.87 13.85
CA SER C 51 39.73 -7.13 13.17
C SER C 51 39.93 -8.30 14.13
N ASP C 52 40.08 -8.05 15.43
CA ASP C 52 40.08 -9.13 16.41
C ASP C 52 38.67 -9.66 16.73
N VAL C 53 37.59 -8.97 16.36
CA VAL C 53 36.27 -9.44 16.73
C VAL C 53 35.90 -10.66 15.89
N GLN C 54 35.52 -11.74 16.56
CA GLN C 54 35.24 -13.00 15.88
C GLN C 54 33.76 -13.27 15.66
N GLU C 55 32.90 -12.83 16.57
CA GLU C 55 31.49 -13.18 16.50
C GLU C 55 30.65 -12.03 17.06
N VAL C 56 29.46 -11.86 16.48
CA VAL C 56 28.53 -10.78 16.81
C VAL C 56 27.16 -11.40 17.06
N PHE C 57 26.54 -11.04 18.19
CA PHE C 57 25.13 -11.34 18.42
C PHE C 57 24.44 -9.99 18.58
N PHE C 58 23.42 -9.71 17.78
CA PHE C 58 22.77 -8.40 17.89
C PHE C 58 21.26 -8.54 17.90
N GLY C 59 20.63 -7.92 18.90
CA GLY C 59 19.17 -7.91 18.96
C GLY C 59 18.55 -6.98 17.93
N ASN C 60 17.36 -7.36 17.48
CA ASN C 60 16.54 -6.53 16.58
C ASN C 60 15.17 -7.19 16.50
N VAL C 61 14.10 -6.45 16.77
CA VAL C 61 12.77 -7.05 16.86
C VAL C 61 12.00 -6.89 15.55
N ILE C 62 11.85 -5.65 15.08
CA ILE C 62 11.07 -5.36 13.88
C ILE C 62 12.07 -5.30 12.72
N SER C 63 12.41 -6.47 12.17
CA SER C 63 13.43 -6.58 11.15
C SER C 63 12.88 -6.41 9.73
N ALA C 64 11.57 -6.20 9.59
CA ALA C 64 11.00 -6.07 8.25
C ALA C 64 11.63 -4.91 7.50
N ASN C 65 12.05 -5.18 6.26
CA ASN C 65 12.65 -4.23 5.35
C ASN C 65 14.05 -3.78 5.78
N VAL C 66 14.62 -4.39 6.82
CA VAL C 66 16.01 -4.08 7.17
C VAL C 66 16.99 -4.77 6.22
N GLY C 67 16.54 -5.84 5.54
CA GLY C 67 17.40 -6.61 4.66
C GLY C 67 17.99 -7.81 5.37
N GLN C 68 18.73 -8.62 4.61
CA GLN C 68 19.34 -9.86 5.13
C GLN C 68 20.14 -9.64 6.40
N ASN C 69 19.84 -10.46 7.43
CA ASN C 69 20.59 -10.56 8.70
C ASN C 69 20.99 -9.19 9.26
N PRO C 70 20.11 -8.52 10.00
CA PRO C 70 20.49 -7.20 10.58
C PRO C 70 21.85 -7.17 11.27
N ALA C 71 22.16 -8.18 12.11
CA ALA C 71 23.41 -8.21 12.85
C ALA C 71 24.63 -8.20 11.93
N ARG C 72 24.53 -8.89 10.79
CA ARG C 72 25.63 -8.89 9.83
C ARG C 72 25.82 -7.49 9.25
N GLN C 73 24.73 -6.81 8.90
CA GLN C 73 24.85 -5.45 8.38
C GLN C 73 25.47 -4.53 9.41
N CYS C 74 25.06 -4.65 10.68
CA CYS C 74 25.67 -3.89 11.77
C CYS C 74 27.17 -4.14 11.84
N ALA C 75 27.57 -5.42 11.84
CA ALA C 75 28.99 -5.77 11.93
C ALA C 75 29.79 -5.21 10.75
N LEU C 76 29.31 -5.44 9.52
CA LEU C 76 30.08 -4.97 8.37
C LEU C 76 30.08 -3.45 8.29
N GLY C 77 28.94 -2.82 8.61
CA GLY C 77 28.88 -1.37 8.66
C GLY C 77 29.83 -0.76 9.69
N ALA C 78 30.11 -1.49 10.77
CA ALA C 78 31.07 -1.01 11.77
C ALA C 78 32.52 -1.22 11.36
N GLY C 79 32.78 -1.88 10.24
CA GLY C 79 34.14 -2.13 9.81
C GLY C 79 34.74 -3.44 10.28
N LEU C 80 33.92 -4.38 10.78
CA LEU C 80 34.42 -5.68 11.20
C LEU C 80 34.74 -6.55 9.97
N GLU C 81 35.56 -7.58 10.18
CA GLU C 81 36.00 -8.42 9.07
C GLU C 81 34.85 -9.24 8.52
N GLU C 82 34.90 -9.50 7.21
CA GLU C 82 33.94 -10.39 6.56
C GLU C 82 33.96 -11.78 7.16
N SER C 83 35.02 -12.15 7.87
CA SER C 83 35.10 -13.44 8.54
C SER C 83 34.26 -13.51 9.82
N THR C 84 33.67 -12.39 10.23
CA THR C 84 32.95 -12.37 11.50
C THR C 84 31.65 -13.17 11.41
N ILE C 85 31.39 -13.98 12.43
CA ILE C 85 30.14 -14.74 12.52
CA ILE C 85 30.15 -14.75 12.55
C ILE C 85 29.06 -13.84 13.10
N CYS C 86 27.92 -13.72 12.37
CA CYS C 86 26.89 -12.77 12.79
C CYS C 86 25.51 -13.41 12.88
N THR C 87 24.86 -13.24 14.03
CA THR C 87 23.52 -13.77 14.28
C THR C 87 22.61 -12.68 14.84
N THR C 88 21.41 -12.54 14.27
CA THR C 88 20.39 -11.62 14.80
C THR C 88 19.47 -12.36 15.77
N VAL C 89 19.17 -11.71 16.90
CA VAL C 89 18.45 -12.28 18.05
C VAL C 89 17.14 -11.53 18.23
N ASN C 90 16.04 -12.25 18.45
CA ASN C 90 14.74 -11.64 18.74
C ASN C 90 14.14 -12.33 19.96
N LYS C 91 14.21 -11.65 21.10
CA LYS C 91 13.44 -12.01 22.28
C LYS C 91 12.61 -10.80 22.69
N VAL C 92 12.00 -10.16 21.69
CA VAL C 92 11.26 -8.89 21.82
C VAL C 92 12.11 -7.93 22.63
N CYS C 93 11.52 -7.32 23.68
CA CYS C 93 12.20 -6.25 24.42
C CYS C 93 13.49 -6.74 25.10
N ALA C 94 13.67 -8.04 25.26
CA ALA C 94 14.88 -8.54 25.91
C ALA C 94 15.98 -8.87 24.92
N SER C 95 15.78 -8.63 23.62
CA SER C 95 16.72 -9.13 22.60
C SER C 95 18.15 -8.66 22.87
N GLY C 96 18.30 -7.38 23.21
CA GLY C 96 19.63 -6.84 23.39
C GLY C 96 20.39 -7.47 24.53
N LEU C 97 19.68 -7.87 25.61
CA LEU C 97 20.36 -8.54 26.72
C LEU C 97 20.56 -10.03 26.44
N LYS C 98 19.58 -10.70 25.83
CA LYS C 98 19.80 -12.09 25.44
C LYS C 98 20.99 -12.21 24.49
N ALA C 99 21.16 -11.23 23.58
CA ALA C 99 22.31 -11.28 22.68
C ALA C 99 23.63 -11.30 23.45
N ILE C 100 23.75 -10.48 24.50
CA ILE C 100 24.95 -10.45 25.33
C ILE C 100 25.14 -11.78 26.07
N ILE C 101 24.05 -12.38 26.54
CA ILE C 101 24.15 -13.70 27.18
C ILE C 101 24.69 -14.73 26.20
N LEU C 102 24.15 -14.73 24.98
CA LEU C 102 24.62 -15.70 23.99
C LEU C 102 26.07 -15.44 23.59
N GLY C 103 26.47 -14.17 23.53
CA GLY C 103 27.87 -13.86 23.30
C GLY C 103 28.77 -14.37 24.42
N ALA C 104 28.34 -14.17 25.67
CA ALA C 104 29.12 -14.71 26.80
C ALA C 104 29.23 -16.22 26.72
N GLN C 105 28.13 -16.91 26.40
CA GLN C 105 28.17 -18.36 26.32
C GLN C 105 29.14 -18.83 25.25
N THR C 106 29.22 -18.09 24.14
CA THR C 106 30.08 -18.48 23.04
C THR C 106 31.55 -18.38 23.42
N ILE C 107 31.92 -17.41 24.27
CA ILE C 107 33.26 -17.39 24.86
C ILE C 107 33.45 -18.56 25.81
N MET C 108 32.43 -18.83 26.63
CA MET C 108 32.56 -19.86 27.66
C MET C 108 32.72 -21.25 27.05
N THR C 109 32.06 -21.52 25.92
CA THR C 109 32.28 -22.84 25.32
C THR C 109 33.52 -22.87 24.45
N GLY C 110 34.29 -21.78 24.39
CA GLY C 110 35.55 -21.78 23.68
C GLY C 110 35.48 -21.49 22.21
N ASN C 111 34.31 -21.16 21.66
CA ASN C 111 34.19 -20.95 20.23
C ASN C 111 34.58 -19.53 19.79
N ALA C 112 34.73 -18.60 20.71
CA ALA C 112 35.28 -17.29 20.40
C ALA C 112 36.07 -16.80 21.60
N ASP C 113 37.02 -15.88 21.32
CA ASP C 113 37.71 -15.15 22.36
C ASP C 113 37.34 -13.67 22.38
N VAL C 114 36.80 -13.14 21.30
CA VAL C 114 36.37 -11.74 21.23
C VAL C 114 34.99 -11.69 20.57
N VAL C 115 34.02 -11.09 21.27
CA VAL C 115 32.64 -11.05 20.83
C VAL C 115 32.08 -9.65 21.02
N VAL C 116 31.30 -9.18 20.06
CA VAL C 116 30.51 -7.96 20.20
C VAL C 116 29.06 -8.37 20.31
N ALA C 117 28.35 -7.84 21.31
CA ALA C 117 26.93 -8.13 21.43
C ALA C 117 26.19 -6.87 21.84
N GLY C 118 24.90 -6.84 21.51
CA GLY C 118 24.07 -5.69 21.86
C GLY C 118 22.79 -5.75 21.08
N GLY C 119 22.25 -4.59 20.73
CA GLY C 119 21.06 -4.59 19.91
C GLY C 119 20.80 -3.24 19.30
N THR C 120 19.86 -3.20 18.37
CA THR C 120 19.52 -1.98 17.65
C THR C 120 18.03 -1.99 17.34
N GLU C 121 17.43 -0.81 17.21
CA GLU C 121 16.07 -0.73 16.70
C GLU C 121 15.86 0.61 16.05
N SER C 122 15.25 0.62 14.88
CA SER C 122 14.77 1.86 14.26
C SER C 122 13.25 1.70 14.19
N MET C 123 12.56 2.17 15.23
CA MET C 123 11.11 2.10 15.15
C MET C 123 10.58 3.09 14.12
N SER C 124 11.29 4.22 13.91
CA SER C 124 10.88 5.18 12.88
C SER C 124 10.76 4.52 11.51
N ASN C 125 11.62 3.55 11.22
CA ASN C 125 11.68 2.97 9.88
C ASN C 125 11.03 1.60 9.80
N ALA C 126 10.29 1.21 10.84
CA ALA C 126 9.44 0.03 10.72
C ALA C 126 8.38 0.27 9.65
N PRO C 127 8.20 -0.65 8.69
CA PRO C 127 7.24 -0.45 7.60
C PRO C 127 5.82 -0.83 8.01
N HIS C 128 4.90 -0.61 7.07
CA HIS C 128 3.58 -1.22 7.06
C HIS C 128 3.58 -2.42 6.11
N TYR C 129 2.69 -3.38 6.38
CA TYR C 129 2.64 -4.63 5.62
C TYR C 129 1.34 -4.72 4.83
N LEU C 130 1.42 -5.26 3.62
CA LEU C 130 0.27 -5.69 2.84
C LEU C 130 0.33 -7.22 2.75
N PRO C 131 -0.49 -7.93 3.52
CA PRO C 131 -0.29 -9.38 3.68
C PRO C 131 -0.88 -10.30 2.63
N ASN C 132 -1.84 -9.84 1.82
CA ASN C 132 -2.59 -10.72 0.92
CA ASN C 132 -2.59 -10.72 0.92
C ASN C 132 -2.41 -10.36 -0.55
N LEU C 133 -1.28 -9.74 -0.90
CA LEU C 133 -1.07 -9.38 -2.30
C LEU C 133 -0.70 -10.58 -3.16
N ARG C 134 -0.10 -11.64 -2.59
CA ARG C 134 0.38 -12.74 -3.45
C ARG C 134 -0.77 -13.55 -4.04
N THR C 135 -1.76 -13.87 -3.23
CA THR C 135 -2.92 -14.57 -3.76
C THR C 135 -4.00 -13.62 -4.20
N GLY C 136 -3.98 -12.39 -3.69
CA GLY C 136 -4.93 -11.37 -4.08
C GLY C 136 -6.12 -11.28 -3.15
N ALA C 137 -6.88 -10.20 -3.33
CA ALA C 137 -8.15 -10.01 -2.64
C ALA C 137 -9.08 -9.39 -3.67
N LYS C 138 -10.12 -10.14 -4.07
CA LYS C 138 -10.90 -9.74 -5.24
C LYS C 138 -11.77 -8.51 -4.99
N TYR C 139 -12.26 -8.32 -3.76
CA TYR C 139 -13.24 -7.28 -3.54
C TYR C 139 -13.27 -6.93 -2.06
N GLY C 140 -13.27 -5.63 -1.75
CA GLY C 140 -13.32 -5.17 -0.38
C GLY C 140 -12.16 -4.28 0.03
N HIS C 141 -12.43 -3.38 0.98
CA HIS C 141 -11.36 -2.65 1.64
C HIS C 141 -10.39 -3.62 2.28
N GLN C 142 -9.10 -3.27 2.27
CA GLN C 142 -8.05 -4.13 2.79
C GLN C 142 -7.19 -3.32 3.76
N SER C 143 -6.48 -4.03 4.63
CA SER C 143 -5.75 -3.41 5.71
C SER C 143 -4.26 -3.36 5.41
N LEU C 144 -3.63 -2.25 5.82
CA LEU C 144 -2.17 -2.11 5.85
C LEU C 144 -1.72 -2.22 7.31
N VAL C 145 -0.97 -3.26 7.62
CA VAL C 145 -0.65 -3.61 9.00
C VAL C 145 0.55 -2.79 9.47
N ASP C 146 0.40 -2.12 10.62
CA ASP C 146 1.51 -1.40 11.22
C ASP C 146 2.47 -2.41 11.85
N GLY C 147 3.70 -2.46 11.33
CA GLY C 147 4.64 -3.47 11.78
C GLY C 147 5.07 -3.29 13.23
N ILE C 148 5.07 -2.04 13.73
CA ILE C 148 5.33 -1.83 15.14
C ILE C 148 4.27 -2.51 15.99
N MET C 149 3.00 -2.27 15.67
CA MET C 149 1.92 -2.87 16.46
C MET C 149 1.96 -4.38 16.37
N LYS C 150 2.16 -4.91 15.16
CA LYS C 150 2.05 -6.34 14.91
CA LYS C 150 2.04 -6.34 14.93
C LYS C 150 3.21 -7.12 15.52
N ASP C 151 4.43 -6.70 15.23
CA ASP C 151 5.60 -7.47 15.58
C ASP C 151 6.33 -6.96 16.81
N GLY C 152 5.99 -5.76 17.27
CA GLY C 152 6.63 -5.20 18.44
C GLY C 152 5.75 -5.14 19.68
N LEU C 153 4.49 -4.68 19.56
CA LEU C 153 3.73 -4.23 20.73
C LEU C 153 2.53 -5.08 21.11
N THR C 154 2.16 -6.07 20.31
CA THR C 154 0.93 -6.82 20.52
C THR C 154 1.30 -8.24 20.96
N ASP C 155 0.77 -8.65 22.11
CA ASP C 155 0.91 -10.04 22.53
C ASP C 155 0.19 -10.95 21.53
N ALA C 156 0.93 -11.96 21.03
CA ALA C 156 0.41 -12.80 19.94
C ALA C 156 -0.80 -13.61 20.36
N GLY C 157 -0.81 -14.11 21.60
CA GLY C 157 -1.90 -14.95 22.07
C GLY C 157 -3.24 -14.26 22.17
N LYS C 158 -3.31 -13.17 22.92
CA LYS C 158 -4.57 -12.46 23.15
C LYS C 158 -4.84 -11.37 22.12
N GLN C 159 -3.87 -11.05 21.25
CA GLN C 159 -4.00 -9.95 20.31
C GLN C 159 -4.23 -8.62 21.03
N GLU C 160 -3.64 -8.42 22.20
CA GLU C 160 -3.82 -7.16 22.89
C GLU C 160 -2.48 -6.45 23.06
N LEU C 161 -2.53 -5.13 22.90
CA LEU C 161 -1.36 -4.29 23.06
C LEU C 161 -0.78 -4.44 24.46
N MET C 162 0.54 -4.26 24.56
CA MET C 162 1.17 -4.47 25.85
C MET C 162 0.74 -3.41 26.87
N GLY C 163 0.32 -2.23 26.41
CA GLY C 163 -0.25 -1.25 27.31
C GLY C 163 -1.50 -1.76 28.02
N LEU C 164 -2.29 -2.61 27.34
CA LEU C 164 -3.45 -3.20 28.01
C LEU C 164 -3.01 -4.18 29.09
N GLN C 165 -1.93 -4.91 28.84
CA GLN C 165 -1.39 -5.81 29.85
C GLN C 165 -0.69 -5.04 30.96
N ALA C 166 -0.18 -3.84 30.67
CA ALA C 166 0.29 -2.97 31.74
C ALA C 166 -0.86 -2.59 32.68
N GLU C 167 -2.04 -2.31 32.13
CA GLU C 167 -3.20 -2.03 32.99
C GLU C 167 -3.51 -3.23 33.89
N GLU C 168 -3.48 -4.43 33.32
CA GLU C 168 -3.70 -5.63 34.12
C GLU C 168 -2.69 -5.69 35.27
N CYS C 169 -1.45 -5.26 35.02
CA CYS C 169 -0.45 -5.16 36.09
C CYS C 169 -0.86 -4.14 37.16
N ALA C 170 -1.30 -2.95 36.73
CA ALA C 170 -1.77 -1.95 37.68
C ALA C 170 -2.93 -2.50 38.51
N GLN C 171 -3.88 -3.19 37.88
CA GLN C 171 -5.00 -3.76 38.61
C GLN C 171 -4.53 -4.86 39.56
N ASP C 172 -3.73 -5.81 39.04
CA ASP C 172 -3.28 -6.94 39.85
C ASP C 172 -2.56 -6.47 41.11
N HIS C 173 -1.66 -5.49 40.99
CA HIS C 173 -0.75 -5.14 42.08
C HIS C 173 -1.13 -3.85 42.80
N GLY C 174 -2.24 -3.21 42.45
CA GLY C 174 -2.72 -2.06 43.22
C GLY C 174 -1.95 -0.77 43.06
N PHE C 175 -1.54 -0.42 41.84
CA PHE C 175 -0.90 0.86 41.60
C PHE C 175 -1.85 1.82 40.90
N SER C 176 -2.01 3.00 41.48
CA SER C 176 -2.91 4.02 40.95
C SER C 176 -2.26 4.80 39.83
N ARG C 177 -3.11 5.51 39.08
CA ARG C 177 -2.65 6.53 38.14
C ARG C 177 -1.62 7.46 38.79
N GLU C 178 -1.90 7.91 40.02
CA GLU C 178 -1.01 8.88 40.65
C GLU C 178 0.33 8.26 41.05
N GLN C 179 0.34 6.99 41.46
CA GLN C 179 1.61 6.37 41.80
C GLN C 179 2.49 6.21 40.56
N GLN C 180 1.88 5.83 39.43
CA GLN C 180 2.61 5.69 38.19
C GLN C 180 3.12 7.03 37.67
N ASP C 181 2.30 8.09 37.81
CA ASP C 181 2.70 9.43 37.38
C ASP C 181 3.85 9.99 38.22
N GLU C 182 3.80 9.79 39.54
CA GLU C 182 4.87 10.32 40.37
C GLU C 182 6.16 9.51 40.20
N TYR C 183 6.05 8.22 39.86
CA TYR C 183 7.23 7.47 39.43
C TYR C 183 7.81 8.08 38.16
N ALA C 184 6.95 8.34 37.16
CA ALA C 184 7.41 8.86 35.89
C ALA C 184 8.13 10.20 36.07
N ILE C 185 7.54 11.10 36.84
CA ILE C 185 8.18 12.39 37.13
C ILE C 185 9.55 12.17 37.77
N ARG C 186 9.64 11.25 38.75
CA ARG C 186 10.93 10.99 39.38
C ARG C 186 11.96 10.46 38.39
N THR C 187 11.56 9.55 37.49
CA THR C 187 12.57 9.00 36.58
C THR C 187 12.96 10.03 35.51
N TYR C 188 12.02 10.88 35.09
CA TYR C 188 12.39 12.02 34.24
C TYR C 188 13.38 12.95 34.96
N GLU C 189 13.17 13.24 36.24
CA GLU C 189 14.07 14.12 36.97
C GLU C 189 15.46 13.50 37.09
N LYS C 190 15.52 12.20 37.34
CA LYS C 190 16.82 11.53 37.40
C LYS C 190 17.54 11.58 36.05
N ALA C 191 16.80 11.39 34.94
CA ALA C 191 17.42 11.42 33.61
C ALA C 191 17.91 12.82 33.28
N GLN C 192 17.10 13.83 33.57
CA GLN C 192 17.52 15.21 33.36
C GLN C 192 18.74 15.53 34.21
N ALA C 193 18.75 15.12 35.49
CA ALA C 193 19.89 15.44 36.35
C ALA C 193 21.17 14.79 35.83
N ALA C 194 21.09 13.51 35.42
CA ALA C 194 22.25 12.82 34.84
C ALA C 194 22.72 13.49 33.55
N GLN C 195 21.78 13.82 32.65
CA GLN C 195 22.10 14.54 31.44
C GLN C 195 22.86 15.83 31.74
N LYS C 196 22.26 16.68 32.57
CA LYS C 196 22.87 17.95 32.90
CA LYS C 196 22.87 17.95 32.90
C LYS C 196 24.23 17.79 33.57
N ALA C 197 24.40 16.74 34.38
CA ALA C 197 25.68 16.53 35.05
C ALA C 197 26.73 15.88 34.15
N GLY C 198 26.42 15.60 32.89
CA GLY C 198 27.40 14.97 32.02
C GLY C 198 27.58 13.48 32.24
N LEU C 199 26.66 12.84 32.97
CA LEU C 199 26.86 11.47 33.39
C LEU C 199 26.59 10.47 32.28
N PHE C 200 26.00 10.90 31.17
CA PHE C 200 25.87 10.05 29.98
C PHE C 200 26.94 10.32 28.94
N ASP C 201 27.82 11.31 29.19
CA ASP C 201 28.76 11.72 28.14
C ASP C 201 29.67 10.57 27.73
N GLU C 202 30.13 9.77 28.69
CA GLU C 202 31.09 8.71 28.34
C GLU C 202 30.41 7.60 27.55
N GLU C 203 29.19 7.21 27.93
CA GLU C 203 28.55 6.07 27.29
C GLU C 203 27.97 6.42 25.92
N ILE C 204 27.57 7.67 25.71
CA ILE C 204 26.94 8.05 24.45
C ILE C 204 28.01 8.36 23.41
N ALA C 205 27.85 7.80 22.22
CA ALA C 205 28.63 8.18 21.06
C ALA C 205 27.80 9.11 20.19
N PRO C 206 28.08 10.42 20.17
CA PRO C 206 27.28 11.33 19.34
C PRO C 206 27.29 10.95 17.87
N ILE C 207 26.22 11.28 17.18
CA ILE C 207 26.03 10.92 15.78
C ILE C 207 26.09 12.18 14.92
N GLN C 208 26.91 12.14 13.89
CA GLN C 208 27.04 13.24 12.94
C GLN C 208 26.22 12.93 11.69
N LEU C 209 25.18 13.72 11.43
CA LEU C 209 24.35 13.54 10.25
C LEU C 209 24.81 14.48 9.16
N PRO C 210 25.42 13.99 8.09
CA PRO C 210 25.94 14.88 7.04
C PRO C 210 24.82 15.62 6.33
N GLY C 211 25.09 16.89 6.01
CA GLY C 211 24.09 17.70 5.33
C GLY C 211 23.98 17.33 3.86
N PHE C 212 22.74 17.29 3.38
CA PHE C 212 22.45 17.06 1.96
C PHE C 212 22.65 18.35 1.16
N LYS C 215 22.96 21.81 2.82
CA LYS C 215 22.50 21.95 4.20
C LYS C 215 23.63 21.72 5.21
N PRO C 216 23.54 22.39 6.35
CA PRO C 216 24.50 22.13 7.44
C PRO C 216 24.39 20.73 8.00
N ASP C 217 25.53 20.21 8.46
CA ASP C 217 25.54 18.98 9.22
C ASP C 217 24.81 19.17 10.55
N VAL C 218 24.33 18.07 11.10
CA VAL C 218 23.68 18.03 12.40
C VAL C 218 24.38 16.99 13.25
N THR C 219 24.76 17.36 14.47
CA THR C 219 25.30 16.44 15.45
C THR C 219 24.23 16.18 16.50
N VAL C 220 23.87 14.91 16.68
CA VAL C 220 22.93 14.49 17.70
C VAL C 220 23.74 13.98 18.88
N THR C 221 23.63 14.67 20.02
CA THR C 221 24.49 14.43 21.16
C THR C 221 23.76 13.84 22.35
N GLN C 222 22.51 14.22 22.58
CA GLN C 222 21.83 13.80 23.78
C GLN C 222 20.56 13.00 23.46
N ASP C 223 20.12 12.22 24.45
CA ASP C 223 18.83 11.56 24.33
C ASP C 223 17.74 12.61 24.12
N GLU C 224 16.81 12.31 23.21
CA GLU C 224 15.81 13.30 22.83
C GLU C 224 14.69 13.44 23.87
N GLU C 225 14.29 12.34 24.53
CA GLU C 225 13.08 12.36 25.36
C GLU C 225 13.16 13.07 26.71
N PRO C 226 14.26 12.98 27.49
CA PRO C 226 14.21 13.52 28.88
C PRO C 226 13.70 14.96 28.99
N LYS C 227 14.08 15.83 28.07
CA LYS C 227 13.67 17.23 28.15
C LYS C 227 12.15 17.41 27.98
N ASN C 228 11.43 16.40 27.53
CA ASN C 228 10.00 16.57 27.27
C ASN C 228 9.13 16.58 28.51
N LEU C 229 9.67 16.39 29.71
CA LEU C 229 8.85 16.39 30.90
C LEU C 229 8.11 17.72 31.07
N ASN C 230 6.80 17.64 31.18
CA ASN C 230 5.94 18.74 31.64
C ASN C 230 5.06 18.16 32.73
N PRO C 231 5.38 18.43 34.01
CA PRO C 231 4.63 17.78 35.11
C PRO C 231 3.13 18.05 35.10
N GLU C 232 2.71 19.30 34.89
CA GLU C 232 1.29 19.61 34.84
CA GLU C 232 1.29 19.62 34.83
C GLU C 232 0.59 18.84 33.74
N LYS C 233 1.15 18.85 32.53
CA LYS C 233 0.53 18.13 31.42
C LYS C 233 0.54 16.62 31.68
N LEU C 234 1.64 16.11 32.26
CA LEU C 234 1.74 14.67 32.52
C LEU C 234 0.63 14.22 33.47
N ARG C 235 0.32 15.04 34.47
CA ARG C 235 -0.73 14.69 35.43
C ARG C 235 -2.13 14.89 34.89
N ALA C 236 -2.29 15.70 33.83
CA ALA C 236 -3.63 16.00 33.33
C ALA C 236 -4.04 15.15 32.13
N ILE C 237 -3.10 14.48 31.47
CA ILE C 237 -3.43 13.80 30.21
C ILE C 237 -4.41 12.65 30.46
N LYS C 238 -5.18 12.32 29.43
CA LYS C 238 -6.12 11.22 29.50
C LYS C 238 -5.37 9.88 29.53
N PRO C 239 -6.00 8.83 30.08
CA PRO C 239 -5.41 7.49 29.96
C PRO C 239 -5.27 7.07 28.50
N ALA C 240 -4.29 6.23 28.23
CA ALA C 240 -3.96 5.88 26.85
C ALA C 240 -4.67 4.62 26.36
N PHE C 241 -5.03 3.71 27.26
CA PHE C 241 -5.56 2.41 26.86
C PHE C 241 -6.95 2.08 27.42
N ILE C 242 -7.31 2.59 28.59
CA ILE C 242 -8.65 2.37 29.16
C ILE C 242 -9.28 3.72 29.48
N PRO C 243 -10.32 4.15 28.76
CA PRO C 243 -10.96 5.42 29.09
C PRO C 243 -11.55 5.42 30.50
N GLY C 244 -11.47 6.57 31.16
CA GLY C 244 -12.08 6.75 32.47
C GLY C 244 -11.24 6.21 33.61
N SER C 245 -11.23 4.88 33.76
CA SER C 245 -10.55 4.22 34.88
C SER C 245 -9.10 3.86 34.57
N GLY C 246 -8.59 4.19 33.40
CA GLY C 246 -7.23 3.79 33.05
C GLY C 246 -6.19 4.53 33.88
N THR C 247 -5.08 3.84 34.13
CA THR C 247 -3.97 4.42 34.88
C THR C 247 -2.70 4.59 34.05
N VAL C 248 -2.60 3.89 32.93
CA VAL C 248 -1.42 3.93 32.07
C VAL C 248 -1.61 5.01 31.01
N THR C 249 -0.61 5.86 30.85
CA THR C 249 -0.67 6.99 29.93
C THR C 249 0.54 6.96 29.01
N ALA C 250 0.48 7.74 27.95
CA ALA C 250 1.67 7.91 27.14
C ALA C 250 2.81 8.52 27.94
N PRO C 251 2.61 9.60 28.74
CA PRO C 251 3.71 10.12 29.56
C PRO C 251 4.30 9.13 30.58
N ASN C 252 3.52 8.24 31.20
CA ASN C 252 4.12 7.35 32.20
C ASN C 252 4.49 5.98 31.62
N SER C 253 4.49 5.84 30.30
CA SER C 253 4.93 4.64 29.59
C SER C 253 6.18 4.98 28.77
N SER C 254 6.91 3.95 28.35
CA SER C 254 8.02 4.19 27.44
CA SER C 254 8.02 4.14 27.42
C SER C 254 7.49 4.72 26.11
N PRO C 255 8.27 5.58 25.45
CA PRO C 255 7.91 6.02 24.09
C PRO C 255 8.34 4.95 23.09
N LEU C 256 8.11 5.23 21.80
CA LEU C 256 8.77 4.52 20.70
C LEU C 256 10.00 5.31 20.31
N ASN C 257 11.10 4.61 19.99
CA ASN C 257 12.41 5.27 19.93
C ASN C 257 13.33 4.52 18.99
N ASP C 258 14.40 5.21 18.58
CA ASP C 258 15.46 4.68 17.74
C ASP C 258 16.76 4.66 18.53
N GLY C 259 17.56 3.61 18.42
CA GLY C 259 18.85 3.62 19.08
C GLY C 259 19.49 2.26 19.04
N ALA C 260 20.78 2.24 19.40
CA ALA C 260 21.51 0.98 19.46
C ALA C 260 22.53 1.05 20.59
N ALA C 261 22.95 -0.12 21.06
CA ALA C 261 23.97 -0.21 22.10
C ALA C 261 24.77 -1.50 21.89
N ALA C 262 26.03 -1.47 22.32
CA ALA C 262 26.92 -2.60 22.08
C ALA C 262 27.90 -2.74 23.26
N VAL C 263 28.27 -3.99 23.55
CA VAL C 263 29.36 -4.28 24.49
C VAL C 263 30.39 -5.18 23.78
N VAL C 264 31.64 -5.07 24.23
CA VAL C 264 32.73 -5.88 23.72
C VAL C 264 33.13 -6.84 24.83
N LEU C 265 33.13 -8.14 24.52
CA LEU C 265 33.37 -9.23 25.47
C LEU C 265 34.65 -9.96 25.09
N VAL C 266 35.47 -10.32 26.08
CA VAL C 266 36.68 -11.10 25.81
C VAL C 266 36.84 -12.19 26.85
N SER C 267 37.53 -13.27 26.45
CA SER C 267 37.94 -14.33 27.37
C SER C 267 39.09 -13.90 28.26
N GLU C 268 39.30 -14.70 29.32
CA GLU C 268 40.44 -14.48 30.20
C GLU C 268 41.76 -14.53 29.43
N ALA C 269 41.92 -15.54 28.57
CA ALA C 269 43.16 -15.70 27.82
C ALA C 269 43.44 -14.48 26.93
N LYS C 270 42.42 -14.00 26.23
CA LYS C 270 42.59 -12.84 25.36
C LYS C 270 42.89 -11.58 26.17
N LEU C 271 42.21 -11.40 27.30
CA LEU C 271 42.48 -10.26 28.17
C LEU C 271 43.96 -10.18 28.49
N LYS C 272 44.55 -11.29 28.92
CA LYS C 272 45.96 -11.33 29.29
C LYS C 272 46.86 -11.21 28.05
N GLU C 273 46.50 -11.88 26.95
CA GLU C 273 47.33 -11.86 25.75
C GLU C 273 47.56 -10.43 25.27
N LEU C 274 46.49 -9.65 25.16
CA LEU C 274 46.56 -8.30 24.65
C LEU C 274 46.70 -7.26 25.77
N ASN C 275 46.81 -7.70 27.01
CA ASN C 275 46.98 -6.81 28.16
C ASN C 275 45.87 -5.77 28.19
N LEU C 276 44.63 -6.24 28.11
CA LEU C 276 43.47 -5.36 28.07
C LEU C 276 43.03 -4.98 29.48
N LYS C 277 42.51 -3.76 29.59
CA LYS C 277 41.95 -3.26 30.83
CA LYS C 277 41.94 -3.26 30.84
C LYS C 277 40.45 -3.58 30.88
N PRO C 278 40.01 -4.50 31.73
CA PRO C 278 38.57 -4.82 31.77
C PRO C 278 37.79 -3.75 32.50
N VAL C 279 36.59 -3.48 31.99
CA VAL C 279 35.65 -2.59 32.69
C VAL C 279 34.88 -3.37 33.75
N ALA C 280 34.40 -4.56 33.40
CA ALA C 280 33.56 -5.32 34.31
C ALA C 280 33.67 -6.81 33.99
N LYS C 281 33.15 -7.63 34.88
CA LYS C 281 33.10 -9.06 34.68
C LYS C 281 31.63 -9.51 34.71
N ILE C 282 31.24 -10.35 33.77
CA ILE C 282 29.90 -10.93 33.83
C ILE C 282 29.91 -12.02 34.91
N LEU C 283 29.03 -11.89 35.91
CA LEU C 283 28.98 -12.88 36.98
C LEU C 283 27.93 -13.95 36.75
N GLY C 284 26.82 -13.62 36.12
CA GLY C 284 25.81 -14.63 35.82
C GLY C 284 24.63 -13.98 35.15
N TRP C 285 23.65 -14.82 34.79
CA TRP C 285 22.46 -14.32 34.10
C TRP C 285 21.31 -15.29 34.35
N GLY C 286 20.12 -14.83 34.00
CA GLY C 286 18.96 -15.71 34.12
C GLY C 286 17.83 -15.23 33.23
N ASP C 287 17.19 -16.16 32.55
CA ASP C 287 15.97 -15.91 31.79
C ASP C 287 14.82 -16.60 32.51
N ALA C 288 13.64 -16.01 32.46
CA ALA C 288 12.45 -16.65 33.00
C ALA C 288 11.25 -16.23 32.17
N ALA C 289 10.14 -16.94 32.36
CA ALA C 289 8.92 -16.64 31.62
C ALA C 289 7.73 -17.11 32.43
N GLN C 290 6.59 -16.48 32.19
CA GLN C 290 5.34 -16.87 32.84
C GLN C 290 4.22 -16.56 31.84
N GLN C 291 2.99 -16.47 32.34
CA GLN C 291 1.84 -16.19 31.51
C GLN C 291 2.09 -14.95 30.66
N PRO C 292 1.85 -15.00 29.34
CA PRO C 292 2.18 -13.85 28.50
C PRO C 292 1.61 -12.52 28.98
N SER C 293 0.35 -12.48 29.46
CA SER C 293 -0.18 -11.19 29.90
C SER C 293 0.43 -10.73 31.21
N LYS C 294 1.18 -11.59 31.92
CA LYS C 294 1.92 -11.19 33.11
C LYS C 294 3.40 -10.96 32.83
N PHE C 295 3.77 -10.68 31.57
CA PHE C 295 5.16 -10.38 31.25
C PHE C 295 5.71 -9.25 32.13
N THR C 296 4.82 -8.34 32.55
CA THR C 296 5.23 -7.19 33.35
C THR C 296 6.03 -7.57 34.59
N THR C 297 5.73 -8.72 35.20
CA THR C 297 6.42 -9.10 36.42
C THR C 297 7.31 -10.33 36.25
N ALA C 298 7.56 -10.74 35.01
CA ALA C 298 8.59 -11.74 34.78
C ALA C 298 9.98 -11.35 35.30
N PRO C 299 10.39 -10.08 35.40
CA PRO C 299 11.69 -9.80 36.04
C PRO C 299 11.78 -10.26 37.48
N ALA C 300 10.65 -10.34 38.19
CA ALA C 300 10.66 -10.85 39.55
C ALA C 300 11.07 -12.33 39.61
N LEU C 301 11.02 -13.04 38.48
CA LEU C 301 11.60 -14.37 38.39
C LEU C 301 13.03 -14.34 37.85
N ALA C 302 13.30 -13.55 36.81
CA ALA C 302 14.61 -13.58 36.17
C ALA C 302 15.71 -13.02 37.08
N ILE C 303 15.42 -11.95 37.82
CA ILE C 303 16.46 -11.35 38.68
C ILE C 303 16.96 -12.31 39.74
N PRO C 304 16.10 -12.93 40.59
CA PRO C 304 16.60 -13.95 41.52
C PRO C 304 17.37 -15.07 40.84
N LYS C 305 16.90 -15.50 39.66
CA LYS C 305 17.58 -16.55 38.92
C LYS C 305 18.99 -16.11 38.52
N ALA C 306 19.13 -14.85 38.05
CA ALA C 306 20.45 -14.37 37.67
C ALA C 306 21.35 -14.21 38.89
N LEU C 307 20.80 -13.72 40.00
CA LEU C 307 21.57 -13.57 41.22
C LEU C 307 22.04 -14.92 41.73
N LYS C 308 21.17 -15.94 41.70
CA LYS C 308 21.59 -17.29 42.09
C LYS C 308 22.69 -17.81 41.16
N HIS C 309 22.53 -17.60 39.85
CA HIS C 309 23.55 -18.05 38.90
C HIS C 309 24.88 -17.36 39.19
N ALA C 310 24.83 -16.08 39.57
CA ALA C 310 26.04 -15.31 39.88
C ALA C 310 26.60 -15.60 41.27
N GLY C 311 25.88 -16.33 42.11
CA GLY C 311 26.30 -16.51 43.50
C GLY C 311 26.29 -15.25 44.34
N VAL C 312 25.38 -14.32 44.09
CA VAL C 312 25.33 -13.02 44.76
C VAL C 312 23.97 -12.86 45.41
N GLY C 313 23.96 -12.32 46.63
CA GLY C 313 22.68 -11.99 47.27
C GLY C 313 22.11 -10.69 46.73
N GLN C 314 20.77 -10.58 46.77
CA GLN C 314 20.11 -9.37 46.29
C GLN C 314 20.60 -8.14 47.04
N ASP C 315 20.86 -8.28 48.35
CA ASP C 315 21.28 -7.15 49.19
C ASP C 315 22.68 -6.65 48.84
N ALA C 316 23.51 -7.49 48.22
CA ALA C 316 24.85 -7.08 47.79
C ALA C 316 24.84 -6.17 46.56
N ILE C 317 23.74 -6.12 45.82
CA ILE C 317 23.72 -5.32 44.59
C ILE C 317 23.76 -3.84 44.94
N ASP C 318 24.62 -3.08 44.25
CA ASP C 318 24.69 -1.65 44.51
C ASP C 318 23.74 -0.82 43.65
N ALA C 319 23.41 -1.29 42.44
CA ALA C 319 22.50 -0.58 41.56
C ALA C 319 21.78 -1.60 40.69
N PHE C 320 20.48 -1.40 40.50
CA PHE C 320 19.70 -2.18 39.55
C PHE C 320 19.28 -1.30 38.39
N GLU C 321 19.21 -1.90 37.21
CA GLU C 321 18.46 -1.37 36.08
C GLU C 321 17.29 -2.31 35.86
N ILE C 322 16.07 -1.82 36.12
CA ILE C 322 14.83 -2.52 35.81
C ILE C 322 14.18 -1.76 34.66
N ASN C 323 14.13 -2.37 33.47
CA ASN C 323 13.71 -1.60 32.30
C ASN C 323 12.29 -1.12 32.48
N GLU C 324 12.07 0.18 32.21
CA GLU C 324 10.77 0.82 32.40
C GLU C 324 9.94 0.75 31.11
N ALA C 325 9.56 -0.47 30.73
CA ALA C 325 8.58 -0.57 29.66
C ALA C 325 7.38 0.31 29.96
N PHE C 326 6.95 0.31 31.23
CA PHE C 326 5.94 1.21 31.77
C PHE C 326 6.38 1.55 33.18
N SER C 327 5.94 2.71 33.68
CA SER C 327 6.22 3.02 35.09
C SER C 327 5.74 1.88 35.98
N VAL C 328 4.58 1.31 35.67
CA VAL C 328 4.01 0.28 36.54
C VAL C 328 4.89 -0.95 36.61
N VAL C 329 5.66 -1.23 35.56
CA VAL C 329 6.57 -2.39 35.54
C VAL C 329 7.67 -2.21 36.58
N ALA C 330 8.29 -1.04 36.63
CA ALA C 330 9.27 -0.80 37.68
C ALA C 330 8.63 -0.83 39.06
N LEU C 331 7.46 -0.22 39.23
CA LEU C 331 6.81 -0.24 40.54
C LEU C 331 6.52 -1.67 41.00
N ALA C 332 5.98 -2.50 40.09
CA ALA C 332 5.54 -3.84 40.50
C ALA C 332 6.74 -4.73 40.82
N ASN C 333 7.80 -4.65 40.02
CA ASN C 333 8.96 -5.50 40.28
C ASN C 333 9.72 -5.03 41.53
N MET C 334 9.78 -3.71 41.77
CA MET C 334 10.34 -3.28 43.06
C MET C 334 9.53 -3.82 44.24
N LYS C 335 8.20 -3.79 44.14
CA LYS C 335 7.35 -4.28 45.22
C LYS C 335 7.57 -5.78 45.43
N LEU C 336 7.59 -6.57 44.34
CA LEU C 336 7.65 -8.02 44.48
C LEU C 336 9.02 -8.50 45.00
N LEU C 337 10.09 -7.84 44.58
CA LEU C 337 11.44 -8.18 45.01
C LEU C 337 11.86 -7.47 46.28
N GLY C 338 11.13 -6.45 46.72
CA GLY C 338 11.55 -5.69 47.89
C GLY C 338 12.81 -4.90 47.65
N ILE C 339 12.92 -4.25 46.51
CA ILE C 339 14.08 -3.43 46.16
C ILE C 339 13.68 -1.97 46.33
N PRO C 340 14.37 -1.18 47.14
CA PRO C 340 14.00 0.22 47.29
C PRO C 340 14.32 1.01 46.02
N GLU C 341 13.48 2.01 45.74
CA GLU C 341 13.67 2.78 44.52
C GLU C 341 15.03 3.49 44.49
N GLU C 342 15.61 3.80 45.67
CA GLU C 342 16.89 4.51 45.61
C GLU C 342 18.02 3.64 45.08
N LYS C 343 17.79 2.35 44.78
CA LYS C 343 18.77 1.49 44.14
C LYS C 343 18.46 1.20 42.67
N VAL C 344 17.45 1.84 42.11
CA VAL C 344 16.87 1.46 40.81
C VAL C 344 16.99 2.62 39.85
N ASN C 345 17.49 2.34 38.63
CA ASN C 345 17.57 3.31 37.53
C ASN C 345 18.05 4.68 38.03
N LEU C 346 19.26 4.70 38.57
CA LEU C 346 19.73 5.89 39.27
CA LEU C 346 19.73 5.89 39.27
C LEU C 346 19.92 7.08 38.35
N HIS C 347 20.05 6.85 37.03
CA HIS C 347 20.14 7.90 36.03
C HIS C 347 18.88 8.01 35.19
N GLY C 348 17.75 7.52 35.70
CA GLY C 348 16.50 7.49 34.95
C GLY C 348 16.37 6.21 34.12
N GLY C 349 15.16 5.98 33.67
CA GLY C 349 14.93 4.79 32.86
C GLY C 349 14.21 5.08 31.56
N ALA C 350 13.82 4.00 30.86
CA ALA C 350 13.26 4.08 29.52
C ALA C 350 12.02 4.98 29.41
N VAL C 351 11.27 5.19 30.49
CA VAL C 351 10.12 6.09 30.41
C VAL C 351 10.57 7.49 30.00
N ALA C 352 11.71 7.92 30.54
CA ALA C 352 12.31 9.23 30.27
C ALA C 352 13.36 9.18 29.17
N ILE C 353 14.09 8.07 29.04
CA ILE C 353 15.21 8.01 28.10
C ILE C 353 14.79 7.50 26.72
N GLY C 354 13.79 6.63 26.65
CA GLY C 354 13.42 6.01 25.40
C GLY C 354 13.61 4.51 25.41
N HIS C 355 12.90 3.81 24.53
CA HIS C 355 12.80 2.35 24.54
C HIS C 355 12.88 1.81 23.11
N PRO C 356 14.07 1.85 22.47
CA PRO C 356 14.24 1.16 21.18
C PRO C 356 14.31 -0.34 21.42
N ILE C 357 13.22 -1.05 21.12
CA ILE C 357 12.94 -2.29 21.83
C ILE C 357 14.08 -3.31 21.66
N GLY C 358 14.59 -3.50 20.44
CA GLY C 358 15.66 -4.47 20.23
C GLY C 358 16.98 -4.09 20.89
N ALA C 359 17.18 -2.81 21.20
CA ALA C 359 18.43 -2.36 21.79
C ALA C 359 18.39 -2.18 23.30
N SER C 360 17.19 -2.08 23.90
CA SER C 360 17.06 -1.63 25.28
C SER C 360 17.77 -2.55 26.27
N GLY C 361 17.79 -3.86 26.02
CA GLY C 361 18.49 -4.75 26.93
C GLY C 361 19.98 -4.47 27.02
N ALA C 362 20.59 -4.04 25.92
CA ALA C 362 21.98 -3.65 25.94
C ALA C 362 22.15 -2.21 26.38
N ARG C 363 21.17 -1.35 26.04
CA ARG C 363 21.20 0.04 26.51
C ARG C 363 21.21 0.10 28.04
N ILE C 364 20.34 -0.66 28.71
CA ILE C 364 20.33 -0.55 30.17
C ILE C 364 21.63 -1.09 30.76
N LEU C 365 22.28 -2.06 30.10
CA LEU C 365 23.57 -2.52 30.62
C LEU C 365 24.64 -1.46 30.51
N THR C 366 24.72 -0.77 29.36
CA THR C 366 25.64 0.35 29.20
CA THR C 366 25.69 0.31 29.25
C THR C 366 25.41 1.40 30.28
N THR C 367 24.15 1.73 30.53
CA THR C 367 23.85 2.76 31.53
C THR C 367 24.18 2.27 32.93
N LEU C 368 23.91 0.99 33.22
CA LEU C 368 24.26 0.42 34.51
C LEU C 368 25.74 0.56 34.82
N LEU C 369 26.59 0.31 33.83
CA LEU C 369 28.03 0.43 34.07
C LEU C 369 28.40 1.87 34.39
N GLY C 370 27.76 2.83 33.74
CA GLY C 370 27.98 4.22 34.07
C GLY C 370 27.48 4.61 35.46
N VAL C 371 26.35 4.01 35.88
CA VAL C 371 25.82 4.23 37.23
C VAL C 371 26.80 3.69 38.27
N LEU C 372 27.31 2.48 38.04
CA LEU C 372 28.25 1.89 39.00
C LEU C 372 29.52 2.73 39.11
N LYS C 373 30.06 3.20 37.97
CA LYS C 373 31.23 4.06 38.04
C LYS C 373 30.92 5.37 38.76
N ALA C 374 29.82 6.04 38.39
CA ALA C 374 29.50 7.35 38.96
C ALA C 374 29.19 7.27 40.45
N LYS C 375 28.51 6.21 40.88
CA LYS C 375 28.14 6.04 42.27
C LYS C 375 29.12 5.19 43.05
N LYS C 376 30.27 4.85 42.46
CA LYS C 376 31.32 4.08 43.12
C LYS C 376 30.79 2.73 43.62
N GLY C 377 29.91 2.10 42.83
CA GLY C 377 29.39 0.78 43.18
C GLY C 377 30.26 -0.32 42.62
N LYS C 378 29.96 -1.55 43.04
CA LYS C 378 30.70 -2.71 42.55
C LYS C 378 29.83 -3.70 41.82
N LEU C 379 28.65 -4.00 42.34
CA LEU C 379 27.80 -5.07 41.81
C LEU C 379 26.53 -4.47 41.20
N GLY C 380 26.21 -4.85 39.97
CA GLY C 380 25.04 -4.36 39.30
C GLY C 380 24.20 -5.50 38.76
N CYS C 381 22.91 -5.24 38.64
CA CYS C 381 21.98 -6.20 38.05
C CYS C 381 21.02 -5.47 37.12
N ALA C 382 20.94 -5.92 35.87
CA ALA C 382 20.00 -5.40 34.87
C ALA C 382 18.92 -6.45 34.61
N GLY C 383 17.67 -6.02 34.59
CA GLY C 383 16.58 -6.94 34.28
C GLY C 383 15.57 -6.29 33.33
N ILE C 384 15.02 -7.04 32.38
CA ILE C 384 14.16 -6.46 31.35
C ILE C 384 13.09 -7.49 30.98
N CYS C 385 11.82 -7.08 31.02
CA CYS C 385 10.71 -7.92 30.63
C CYS C 385 10.55 -7.86 29.12
N ASN C 386 9.79 -8.80 28.57
CA ASN C 386 9.57 -8.79 27.13
C ASN C 386 8.17 -9.32 26.84
N GLY C 387 7.56 -8.76 25.80
CA GLY C 387 6.27 -9.21 25.34
C GLY C 387 6.33 -10.70 25.10
N GLY C 388 5.25 -11.40 25.46
CA GLY C 388 5.20 -12.83 25.35
C GLY C 388 5.30 -13.54 26.67
N GLY C 389 5.70 -12.83 27.74
CA GLY C 389 5.76 -13.40 29.06
C GLY C 389 7.16 -13.52 29.65
N GLY C 390 8.21 -13.14 28.89
CA GLY C 390 9.58 -13.42 29.32
C GLY C 390 10.24 -12.28 30.06
N ALA C 391 11.43 -12.58 30.59
CA ALA C 391 12.35 -11.57 31.11
C ALA C 391 13.75 -12.16 31.06
N SER C 392 14.74 -11.27 30.97
CA SER C 392 16.15 -11.63 31.05
C SER C 392 16.84 -10.70 32.05
N ALA C 393 17.83 -11.25 32.76
CA ALA C 393 18.55 -10.50 33.79
C ALA C 393 20.01 -10.91 33.76
N LEU C 394 20.87 -9.96 34.11
CA LEU C 394 22.31 -10.20 34.09
C LEU C 394 22.98 -9.49 35.25
N VAL C 395 23.99 -10.13 35.85
CA VAL C 395 24.73 -9.55 36.97
C VAL C 395 26.16 -9.25 36.53
N VAL C 396 26.66 -8.06 36.85
CA VAL C 396 28.02 -7.65 36.50
C VAL C 396 28.73 -7.14 37.75
N GLU C 397 30.06 -7.25 37.74
CA GLU C 397 30.94 -6.70 38.76
C GLU C 397 31.87 -5.68 38.11
N LEU C 398 31.85 -4.45 38.60
CA LEU C 398 32.76 -3.43 38.09
C LEU C 398 34.16 -3.68 38.62
N LEU C 399 35.16 -3.60 37.74
CA LEU C 399 36.53 -3.87 38.18
C LEU C 399 37.37 -2.61 38.21
N MET D 2 35.99 -29.02 23.06
CA MET D 2 34.63 -29.51 22.98
C MET D 2 34.40 -30.70 23.92
N SER D 3 35.28 -31.70 23.82
CA SER D 3 35.10 -32.92 24.60
C SER D 3 35.17 -32.65 26.11
N SER D 4 35.85 -31.59 26.52
CA SER D 4 35.96 -31.25 27.94
C SER D 4 34.74 -30.50 28.47
N LEU D 5 33.70 -30.36 27.67
CA LEU D 5 32.44 -29.75 28.07
C LEU D 5 31.34 -30.81 28.15
N PRO D 6 30.23 -30.52 28.84
CA PRO D 6 29.15 -31.53 28.96
C PRO D 6 28.63 -31.99 27.60
N ALA D 7 28.31 -33.28 27.51
CA ALA D 7 27.81 -33.85 26.27
C ALA D 7 26.37 -33.43 26.03
N VAL D 8 25.99 -33.33 24.75
CA VAL D 8 24.64 -32.97 24.35
C VAL D 8 24.10 -34.06 23.44
N TYR D 9 22.94 -34.60 23.78
CA TYR D 9 22.33 -35.71 23.04
C TYR D 9 21.06 -35.25 22.34
N ILE D 10 20.89 -35.68 21.10
CA ILE D 10 19.62 -35.54 20.38
C ILE D 10 18.78 -36.76 20.76
N VAL D 11 17.60 -36.53 21.35
CA VAL D 11 16.73 -37.65 21.69
C VAL D 11 15.57 -37.82 20.70
N SER D 12 15.32 -36.85 19.83
CA SER D 12 14.36 -36.99 18.74
C SER D 12 14.51 -35.84 17.77
N SER D 13 13.84 -36.00 16.61
CA SER D 13 13.72 -34.95 15.61
C SER D 13 12.46 -35.20 14.80
N ALA D 14 11.96 -34.14 14.17
CA ALA D 14 10.76 -34.25 13.33
C ALA D 14 10.70 -33.06 12.39
N ARG D 15 10.06 -33.25 11.26
CA ARG D 15 9.87 -32.12 10.35
C ARG D 15 8.49 -32.20 9.73
N THR D 16 7.97 -31.04 9.30
CA THR D 16 6.83 -31.03 8.42
C THR D 16 7.25 -31.54 7.05
N PRO D 17 6.31 -31.99 6.23
CA PRO D 17 6.55 -32.02 4.79
C PRO D 17 6.98 -30.63 4.35
N VAL D 18 7.70 -30.54 3.25
CA VAL D 18 8.10 -29.24 2.73
C VAL D 18 7.14 -28.88 1.60
N GLY D 19 6.41 -27.80 1.78
CA GLY D 19 5.41 -27.41 0.81
C GLY D 19 5.99 -26.42 -0.21
N SER D 20 5.39 -26.41 -1.40
CA SER D 20 5.76 -25.47 -2.45
C SER D 20 5.23 -24.07 -2.15
N PHE D 21 5.85 -23.09 -2.80
CA PHE D 21 5.44 -21.69 -2.68
C PHE D 21 3.99 -21.53 -3.10
N LEU D 22 3.16 -20.94 -2.22
CA LEU D 22 1.71 -20.81 -2.43
C LEU D 22 1.05 -22.17 -2.66
N GLY D 23 1.68 -23.22 -2.11
CA GLY D 23 1.26 -24.60 -2.31
C GLY D 23 0.55 -25.25 -1.13
N SER D 24 0.92 -26.51 -0.84
CA SER D 24 0.11 -27.39 0.02
C SER D 24 0.02 -26.91 1.46
N LEU D 25 1.02 -26.18 1.95
CA LEU D 25 1.05 -25.71 3.32
C LEU D 25 0.84 -24.19 3.41
N SER D 26 0.51 -23.54 2.29
CA SER D 26 0.47 -22.08 2.30
C SER D 26 -0.65 -21.52 3.18
N SER D 27 -1.61 -22.35 3.62
CA SER D 27 -2.61 -21.83 4.55
C SER D 27 -2.14 -21.76 5.99
N LEU D 28 -0.96 -22.30 6.33
CA LEU D 28 -0.45 -22.29 7.70
C LEU D 28 0.61 -21.21 7.86
N THR D 29 0.62 -20.58 9.03
CA THR D 29 1.64 -19.59 9.39
C THR D 29 2.91 -20.28 9.84
N ALA D 30 4.01 -19.51 9.90
CA ALA D 30 5.27 -20.10 10.34
C ALA D 30 5.19 -20.66 11.75
N PRO D 31 4.53 -20.00 12.73
CA PRO D 31 4.40 -20.63 14.05
C PRO D 31 3.55 -21.89 14.05
N GLN D 32 2.55 -21.99 13.16
CA GLN D 32 1.77 -23.23 13.10
C GLN D 32 2.62 -24.39 12.59
N LEU D 33 3.46 -24.15 11.57
CA LEU D 33 4.39 -25.18 11.12
C LEU D 33 5.39 -25.55 12.21
N GLY D 34 5.96 -24.54 12.88
CA GLY D 34 6.96 -24.83 13.89
C GLY D 34 6.39 -25.57 15.09
N ALA D 35 5.19 -25.18 15.53
CA ALA D 35 4.54 -25.90 16.63
C ALA D 35 4.29 -27.36 16.27
N HIS D 36 3.91 -27.59 15.01
CA HIS D 36 3.66 -28.96 14.54
C HIS D 36 4.91 -29.81 14.63
N ALA D 37 6.06 -29.28 14.17
CA ALA D 37 7.31 -30.02 14.23
C ALA D 37 7.78 -30.25 15.67
N ILE D 38 7.65 -29.23 16.53
CA ILE D 38 8.04 -29.38 17.93
C ILE D 38 7.19 -30.45 18.61
N LYS D 39 5.87 -30.35 18.49
CA LYS D 39 4.98 -31.33 19.09
C LYS D 39 5.31 -32.74 18.60
N ALA D 40 5.57 -32.88 17.30
CA ALA D 40 5.82 -34.21 16.76
C ALA D 40 7.16 -34.77 17.23
N ALA D 41 8.20 -33.91 17.34
CA ALA D 41 9.47 -34.40 17.87
C ALA D 41 9.34 -34.83 19.33
N LEU D 42 8.60 -34.08 20.13
CA LEU D 42 8.52 -34.45 21.55
C LEU D 42 7.71 -35.72 21.75
N ALA D 43 6.72 -35.96 20.90
CA ALA D 43 5.91 -37.17 21.03
C ALA D 43 6.74 -38.45 20.89
N LYS D 44 7.89 -38.39 20.22
CA LYS D 44 8.74 -39.56 19.98
C LYS D 44 9.60 -39.96 21.17
N VAL D 45 9.75 -39.12 22.19
CA VAL D 45 10.69 -39.39 23.27
C VAL D 45 9.98 -40.09 24.42
N ASP D 46 10.24 -41.39 24.54
CA ASP D 46 9.73 -42.18 25.65
C ASP D 46 10.33 -41.70 26.97
N GLY D 47 9.50 -41.25 27.89
CA GLY D 47 9.94 -40.85 29.22
C GLY D 47 10.22 -39.37 29.42
N LEU D 48 9.96 -38.54 28.41
CA LEU D 48 10.12 -37.09 28.46
C LEU D 48 8.76 -36.44 28.22
N LYS D 49 8.43 -35.45 29.01
CA LYS D 49 7.18 -34.75 28.85
C LYS D 49 7.43 -33.40 28.19
N PRO D 50 6.46 -32.87 27.45
CA PRO D 50 6.63 -31.49 26.95
C PRO D 50 6.88 -30.49 28.06
N SER D 51 6.34 -30.72 29.26
CA SER D 51 6.56 -29.80 30.36
C SER D 51 8.00 -29.82 30.86
N ASP D 52 8.80 -30.80 30.44
CA ASP D 52 10.21 -30.85 30.79
C ASP D 52 11.07 -29.90 29.96
N VAL D 53 10.56 -29.38 28.84
CA VAL D 53 11.36 -28.52 27.96
C VAL D 53 11.52 -27.16 28.63
N GLN D 54 12.78 -26.75 28.82
CA GLN D 54 13.07 -25.51 29.52
C GLN D 54 13.29 -24.32 28.61
N GLU D 55 13.73 -24.54 27.37
CA GLU D 55 14.15 -23.43 26.53
C GLU D 55 14.04 -23.84 25.07
N VAL D 56 13.73 -22.86 24.22
CA VAL D 56 13.54 -23.07 22.80
C VAL D 56 14.37 -22.02 22.05
N PHE D 57 15.12 -22.46 21.04
CA PHE D 57 15.75 -21.57 20.06
C PHE D 57 15.19 -21.95 18.72
N PHE D 58 14.54 -21.01 18.02
CA PHE D 58 13.91 -21.37 16.74
C PHE D 58 14.28 -20.37 15.67
N GLY D 59 14.76 -20.90 14.55
CA GLY D 59 15.09 -20.05 13.42
C GLY D 59 13.85 -19.54 12.69
N ASN D 60 13.97 -18.33 12.15
CA ASN D 60 12.94 -17.72 11.30
C ASN D 60 13.56 -16.50 10.66
N VAL D 61 13.47 -16.37 9.34
CA VAL D 61 14.15 -15.26 8.66
C VAL D 61 13.18 -14.13 8.36
N ILE D 62 12.11 -14.43 7.63
CA ILE D 62 11.17 -13.41 7.21
C ILE D 62 10.04 -13.36 8.25
N SER D 63 10.29 -12.64 9.33
CA SER D 63 9.39 -12.62 10.47
C SER D 63 8.32 -11.55 10.35
N ALA D 64 8.39 -10.70 9.31
CA ALA D 64 7.37 -9.65 9.11
C ALA D 64 5.96 -10.24 9.15
N ASN D 65 5.12 -9.66 10.02
CA ASN D 65 3.71 -10.02 10.17
C ASN D 65 3.49 -11.38 10.82
N VAL D 66 4.55 -12.03 11.32
CA VAL D 66 4.38 -13.27 12.08
C VAL D 66 3.93 -12.98 13.51
N GLY D 67 4.18 -11.77 14.00
CA GLY D 67 3.83 -11.40 15.36
C GLY D 67 5.00 -11.56 16.29
N GLN D 68 4.80 -11.12 17.53
CA GLN D 68 5.85 -11.11 18.54
C GLN D 68 6.52 -12.47 18.66
N ASN D 69 7.86 -12.46 18.61
CA ASN D 69 8.72 -13.60 18.94
C ASN D 69 8.20 -14.89 18.31
N PRO D 70 8.47 -15.13 17.02
CA PRO D 70 8.02 -16.39 16.39
C PRO D 70 8.33 -17.65 17.19
N ALA D 71 9.52 -17.76 17.78
CA ALA D 71 9.88 -18.96 18.55
C ALA D 71 8.94 -19.17 19.72
N ARG D 72 8.56 -18.09 20.42
CA ARG D 72 7.63 -18.21 21.54
C ARG D 72 6.26 -18.69 21.08
N GLN D 73 5.81 -18.20 19.91
CA GLN D 73 4.54 -18.69 19.37
C GLN D 73 4.64 -20.17 18.99
N CYS D 74 5.77 -20.59 18.41
CA CYS D 74 5.97 -22.02 18.12
C CYS D 74 5.89 -22.84 19.39
N ALA D 75 6.54 -22.37 20.45
CA ALA D 75 6.61 -23.12 21.69
C ALA D 75 5.24 -23.26 22.33
N LEU D 76 4.54 -22.13 22.48
CA LEU D 76 3.22 -22.18 23.08
C LEU D 76 2.24 -22.97 22.20
N GLY D 77 2.35 -22.82 20.88
CA GLY D 77 1.48 -23.57 20.00
C GLY D 77 1.71 -25.06 20.07
N ALA D 78 2.92 -25.48 20.43
CA ALA D 78 3.22 -26.90 20.56
C ALA D 78 2.82 -27.46 21.93
N GLY D 79 2.28 -26.64 22.82
CA GLY D 79 1.89 -27.12 24.13
C GLY D 79 2.95 -27.04 25.19
N LEU D 80 4.05 -26.30 24.95
CA LEU D 80 5.05 -26.14 26.00
C LEU D 80 4.55 -25.21 27.10
N GLU D 81 5.19 -25.30 28.26
CA GLU D 81 4.81 -24.49 29.41
C GLU D 81 5.13 -23.02 29.14
N GLU D 82 4.32 -22.13 29.73
CA GLU D 82 4.59 -20.70 29.67
C GLU D 82 5.88 -20.33 30.38
N SER D 83 6.45 -21.22 31.20
CA SER D 83 7.77 -21.02 31.81
C SER D 83 8.93 -21.20 30.83
N THR D 84 8.67 -21.64 29.60
CA THR D 84 9.74 -21.96 28.67
C THR D 84 10.39 -20.68 28.14
N ILE D 85 11.73 -20.64 28.16
CA ILE D 85 12.52 -19.53 27.61
CA ILE D 85 12.46 -19.51 27.60
C ILE D 85 12.58 -19.67 26.10
N CYS D 86 12.21 -18.63 25.35
CA CYS D 86 12.09 -18.73 23.90
C CYS D 86 12.79 -17.59 23.18
N THR D 87 13.62 -17.94 22.19
CA THR D 87 14.35 -16.94 21.42
C THR D 87 14.28 -17.29 19.95
N THR D 88 13.95 -16.29 19.11
CA THR D 88 13.98 -16.45 17.66
C THR D 88 15.35 -16.02 17.15
N VAL D 89 15.88 -16.78 16.19
CA VAL D 89 17.26 -16.66 15.70
CA VAL D 89 17.22 -16.47 15.70
C VAL D 89 17.20 -16.37 14.20
N ASN D 90 18.00 -15.44 13.70
CA ASN D 90 18.06 -15.18 12.26
C ASN D 90 19.53 -15.13 11.85
N LYS D 91 19.97 -16.17 11.16
CA LYS D 91 21.23 -16.17 10.42
C LYS D 91 20.90 -16.59 8.98
N VAL D 92 19.85 -15.97 8.44
CA VAL D 92 19.26 -16.27 7.13
C VAL D 92 19.14 -17.79 6.96
N CYS D 93 19.66 -18.32 5.85
CA CYS D 93 19.54 -19.75 5.53
C CYS D 93 20.12 -20.69 6.60
N ALA D 94 21.04 -20.21 7.44
CA ALA D 94 21.61 -21.07 8.48
C ALA D 94 20.87 -20.99 9.81
N SER D 95 19.73 -20.28 9.86
CA SER D 95 19.08 -19.98 11.15
C SER D 95 18.74 -21.24 11.95
N GLY D 96 18.21 -22.28 11.28
CA GLY D 96 17.77 -23.46 11.98
C GLY D 96 18.91 -24.27 12.55
N LEU D 97 20.10 -24.21 11.93
CA LEU D 97 21.24 -24.93 12.47
C LEU D 97 21.92 -24.11 13.56
N LYS D 98 22.02 -22.78 13.39
CA LYS D 98 22.57 -21.96 14.47
C LYS D 98 21.69 -22.05 15.71
N ALA D 99 20.37 -22.18 15.52
CA ALA D 99 19.47 -22.37 16.66
C ALA D 99 19.85 -23.62 17.47
N ILE D 100 20.10 -24.74 16.77
CA ILE D 100 20.51 -25.98 17.43
C ILE D 100 21.85 -25.80 18.15
N ILE D 101 22.79 -25.11 17.51
CA ILE D 101 24.07 -24.81 18.14
C ILE D 101 23.88 -24.05 19.44
N LEU D 102 23.05 -22.99 19.40
CA LEU D 102 22.83 -22.20 20.61
C LEU D 102 22.16 -23.04 21.69
N GLY D 103 21.23 -23.90 21.28
CA GLY D 103 20.58 -24.77 22.22
C GLY D 103 21.56 -25.72 22.88
N ALA D 104 22.48 -26.28 22.08
CA ALA D 104 23.52 -27.13 22.65
C ALA D 104 24.38 -26.37 23.65
N GLN D 105 24.77 -25.14 23.30
CA GLN D 105 25.61 -24.35 24.18
C GLN D 105 24.90 -24.06 25.51
N THR D 106 23.58 -23.83 25.45
CA THR D 106 22.81 -23.55 26.66
C THR D 106 22.79 -24.75 27.60
N ILE D 107 22.80 -25.97 27.04
CA ILE D 107 22.97 -27.14 27.89
C ILE D 107 24.40 -27.22 28.42
N MET D 108 25.36 -26.92 27.56
CA MET D 108 26.77 -27.06 27.96
C MET D 108 27.12 -26.08 29.07
N THR D 109 26.52 -24.89 29.10
CA THR D 109 26.84 -23.96 30.18
C THR D 109 26.00 -24.20 31.43
N GLY D 110 25.13 -25.21 31.42
CA GLY D 110 24.42 -25.61 32.61
C GLY D 110 23.13 -24.86 32.85
N ASN D 111 22.67 -24.04 31.89
CA ASN D 111 21.47 -23.24 32.07
C ASN D 111 20.20 -23.95 31.65
N ALA D 112 20.32 -25.12 31.04
CA ALA D 112 19.16 -25.92 30.69
C ALA D 112 19.61 -27.36 30.66
N ASP D 113 18.66 -28.27 30.91
CA ASP D 113 18.92 -29.68 30.64
C ASP D 113 18.07 -30.25 29.52
N VAL D 114 16.99 -29.57 29.11
CA VAL D 114 16.14 -30.03 28.01
C VAL D 114 15.84 -28.81 27.13
N VAL D 115 16.19 -28.90 25.85
CA VAL D 115 16.12 -27.76 24.93
C VAL D 115 15.52 -28.26 23.61
N VAL D 116 14.56 -27.52 23.06
CA VAL D 116 14.05 -27.77 21.72
C VAL D 116 14.64 -26.70 20.80
N ALA D 117 15.18 -27.12 19.66
CA ALA D 117 15.72 -26.16 18.71
C ALA D 117 15.36 -26.58 17.30
N GLY D 118 15.41 -25.62 16.39
CA GLY D 118 15.13 -25.90 15.00
C GLY D 118 14.76 -24.59 14.29
N GLY D 119 13.88 -24.70 13.31
CA GLY D 119 13.47 -23.48 12.62
C GLY D 119 12.21 -23.67 11.80
N THR D 120 11.65 -22.53 11.38
CA THR D 120 10.41 -22.54 10.61
C THR D 120 10.46 -21.41 9.59
N GLU D 121 9.77 -21.61 8.47
CA GLU D 121 9.58 -20.54 7.51
C GLU D 121 8.28 -20.78 6.75
N SER D 122 7.50 -19.71 6.58
CA SER D 122 6.38 -19.71 5.65
C SER D 122 6.67 -18.61 4.63
N MET D 123 7.30 -19.00 3.53
CA MET D 123 7.56 -18.02 2.48
C MET D 123 6.28 -17.63 1.78
N SER D 124 5.30 -18.54 1.73
CA SER D 124 3.99 -18.22 1.14
C SER D 124 3.37 -17.00 1.82
N ASN D 125 3.55 -16.86 3.13
CA ASN D 125 2.90 -15.81 3.88
C ASN D 125 3.85 -14.65 4.21
N ALA D 126 4.99 -14.56 3.56
CA ALA D 126 5.81 -13.36 3.65
C ALA D 126 5.04 -12.19 3.02
N PRO D 127 4.89 -11.06 3.71
CA PRO D 127 4.10 -9.96 3.14
C PRO D 127 4.93 -9.11 2.17
N HIS D 128 4.25 -8.11 1.59
CA HIS D 128 4.89 -6.97 0.97
C HIS D 128 4.97 -5.82 1.97
N TYR D 129 5.94 -4.92 1.78
CA TYR D 129 6.16 -3.79 2.67
C TYR D 129 5.85 -2.47 1.98
N LEU D 130 5.21 -1.57 2.72
CA LEU D 130 5.13 -0.17 2.32
C LEU D 130 6.03 0.63 3.26
N PRO D 131 7.22 1.09 2.82
CA PRO D 131 8.23 1.63 3.74
C PRO D 131 8.15 3.11 4.13
N ASN D 132 7.34 3.93 3.46
CA ASN D 132 7.45 5.36 3.72
C ASN D 132 6.10 5.98 4.06
N LEU D 133 5.18 5.19 4.63
CA LEU D 133 3.86 5.70 5.00
C LEU D 133 3.93 6.65 6.20
N ARG D 134 4.90 6.49 7.10
CA ARG D 134 4.93 7.27 8.33
C ARG D 134 5.30 8.73 8.07
N THR D 135 6.37 8.95 7.33
CA THR D 135 6.77 10.30 6.96
C THR D 135 6.07 10.78 5.70
N GLY D 136 5.50 9.87 4.94
CA GLY D 136 4.85 10.21 3.70
C GLY D 136 5.82 10.32 2.55
N ALA D 137 5.26 10.33 1.35
CA ALA D 137 5.99 10.57 0.12
C ALA D 137 5.10 11.50 -0.70
N LYS D 138 5.54 12.75 -0.90
CA LYS D 138 4.63 13.80 -1.33
C LYS D 138 4.16 13.62 -2.77
N TYR D 139 5.05 13.15 -3.65
CA TYR D 139 4.74 13.12 -5.08
C TYR D 139 5.63 12.07 -5.75
N GLY D 140 5.02 11.24 -6.59
CA GLY D 140 5.75 10.22 -7.33
C GLY D 140 5.28 8.79 -7.10
N HIS D 141 5.48 7.92 -8.07
CA HIS D 141 5.16 6.51 -7.87
C HIS D 141 6.01 5.95 -6.74
N GLN D 142 5.45 5.04 -5.97
CA GLN D 142 6.15 4.40 -4.86
C GLN D 142 6.19 2.90 -5.10
N SER D 143 6.95 2.20 -4.29
CA SER D 143 7.11 0.76 -4.45
CA SER D 143 7.13 0.76 -4.43
C SER D 143 6.53 0.02 -3.25
N LEU D 144 6.06 -1.20 -3.51
CA LEU D 144 5.68 -2.15 -2.48
C LEU D 144 6.76 -3.23 -2.50
N VAL D 145 7.52 -3.33 -1.41
CA VAL D 145 8.71 -4.18 -1.39
C VAL D 145 8.32 -5.63 -1.11
N ASP D 146 8.80 -6.55 -1.94
CA ASP D 146 8.56 -7.96 -1.68
C ASP D 146 9.47 -8.41 -0.53
N GLY D 147 8.87 -8.84 0.57
CA GLY D 147 9.64 -9.19 1.77
C GLY D 147 10.57 -10.38 1.56
N ILE D 148 10.18 -11.35 0.72
CA ILE D 148 11.07 -12.47 0.39
C ILE D 148 12.35 -11.93 -0.26
N MET D 149 12.19 -11.06 -1.25
CA MET D 149 13.36 -10.52 -1.94
C MET D 149 14.21 -9.70 -0.98
N LYS D 150 13.56 -8.85 -0.18
CA LYS D 150 14.30 -7.88 0.63
C LYS D 150 15.00 -8.55 1.81
N ASP D 151 14.27 -9.35 2.60
CA ASP D 151 14.84 -9.87 3.82
C ASP D 151 15.37 -11.29 3.69
N GLY D 152 15.00 -12.00 2.64
CA GLY D 152 15.52 -13.34 2.44
C GLY D 152 16.58 -13.47 1.36
N LEU D 153 16.35 -12.92 0.17
CA LEU D 153 17.08 -13.38 -1.02
C LEU D 153 18.04 -12.35 -1.62
N THR D 154 18.18 -11.14 -1.08
CA THR D 154 18.99 -10.10 -1.70
C THR D 154 20.21 -9.79 -0.86
N ASP D 155 21.40 -9.89 -1.45
CA ASP D 155 22.60 -9.47 -0.73
C ASP D 155 22.51 -7.97 -0.43
N ALA D 156 22.73 -7.60 0.84
CA ALA D 156 22.48 -6.21 1.22
C ALA D 156 23.49 -5.26 0.56
N GLY D 157 24.76 -5.67 0.45
CA GLY D 157 25.79 -4.79 -0.08
C GLY D 157 25.71 -4.57 -1.57
N LYS D 158 25.53 -5.67 -2.32
CA LYS D 158 25.46 -5.61 -3.77
C LYS D 158 24.04 -5.38 -4.29
N GLN D 159 23.02 -5.53 -3.44
CA GLN D 159 21.62 -5.38 -3.87
C GLN D 159 21.32 -6.29 -5.06
N GLU D 160 21.88 -7.51 -5.02
CA GLU D 160 21.68 -8.49 -6.07
C GLU D 160 21.09 -9.76 -5.46
N LEU D 161 20.16 -10.37 -6.19
CA LEU D 161 19.54 -11.60 -5.73
C LEU D 161 20.56 -12.74 -5.66
N MET D 162 20.25 -13.74 -4.82
CA MET D 162 21.16 -14.86 -4.60
C MET D 162 21.47 -15.62 -5.88
N GLY D 163 20.54 -15.66 -6.83
CA GLY D 163 20.81 -16.32 -8.10
C GLY D 163 22.01 -15.72 -8.81
N LEU D 164 22.20 -14.40 -8.67
CA LEU D 164 23.38 -13.77 -9.26
C LEU D 164 24.66 -14.12 -8.50
N GLN D 165 24.57 -14.33 -7.18
CA GLN D 165 25.70 -14.91 -6.45
C GLN D 165 25.97 -16.33 -6.88
N ALA D 166 24.92 -17.10 -7.20
CA ALA D 166 25.12 -18.43 -7.73
C ALA D 166 25.92 -18.39 -9.03
N GLU D 167 25.66 -17.39 -9.88
CA GLU D 167 26.43 -17.25 -11.13
C GLU D 167 27.88 -16.90 -10.85
N GLU D 168 28.13 -16.03 -9.87
CA GLU D 168 29.51 -15.82 -9.41
C GLU D 168 30.17 -17.14 -9.03
N CYS D 169 29.43 -18.03 -8.36
CA CYS D 169 30.00 -19.31 -7.94
C CYS D 169 30.32 -20.18 -9.15
N ALA D 170 29.42 -20.22 -10.12
CA ALA D 170 29.67 -20.98 -11.36
C ALA D 170 30.90 -20.42 -12.10
N GLN D 171 31.01 -19.10 -12.16
CA GLN D 171 32.18 -18.49 -12.81
C GLN D 171 33.46 -18.74 -12.02
N ASP D 172 33.42 -18.57 -10.68
CA ASP D 172 34.63 -18.68 -9.86
C ASP D 172 35.20 -20.09 -9.86
N HIS D 173 34.35 -21.11 -9.83
CA HIS D 173 34.79 -22.50 -9.69
C HIS D 173 34.59 -23.34 -10.94
N GLY D 174 34.10 -22.75 -12.03
CA GLY D 174 34.11 -23.38 -13.33
C GLY D 174 33.09 -24.48 -13.53
N PHE D 175 31.82 -24.25 -13.20
CA PHE D 175 30.76 -25.21 -13.44
C PHE D 175 29.79 -24.68 -14.50
N SER D 176 29.61 -25.47 -15.55
CA SER D 176 28.78 -25.08 -16.69
C SER D 176 27.29 -25.32 -16.39
N ARG D 177 26.43 -24.80 -17.27
CA ARG D 177 25.01 -25.11 -17.23
C ARG D 177 24.77 -26.61 -17.20
N GLU D 178 25.51 -27.35 -18.03
CA GLU D 178 25.30 -28.79 -18.15
C GLU D 178 25.64 -29.52 -16.85
N GLN D 179 26.79 -29.18 -16.24
CA GLN D 179 27.15 -29.80 -14.96
C GLN D 179 26.12 -29.51 -13.88
N GLN D 180 25.60 -28.28 -13.84
CA GLN D 180 24.60 -27.95 -12.84
C GLN D 180 23.31 -28.73 -13.07
N ASP D 181 22.91 -28.88 -14.33
CA ASP D 181 21.67 -29.57 -14.68
C ASP D 181 21.76 -31.05 -14.35
N GLU D 182 22.90 -31.69 -14.66
CA GLU D 182 23.04 -33.11 -14.33
C GLU D 182 23.12 -33.32 -12.83
N TYR D 183 23.69 -32.38 -12.08
CA TYR D 183 23.62 -32.46 -10.62
C TYR D 183 22.18 -32.40 -10.15
N ALA D 184 21.39 -31.46 -10.69
CA ALA D 184 20.02 -31.31 -10.24
C ALA D 184 19.19 -32.55 -10.53
N ILE D 185 19.35 -33.14 -11.71
CA ILE D 185 18.61 -34.37 -12.04
C ILE D 185 18.99 -35.48 -11.08
N ARG D 186 20.28 -35.62 -10.77
CA ARG D 186 20.70 -36.66 -9.83
C ARG D 186 20.02 -36.49 -8.47
N THR D 187 19.97 -35.25 -7.96
CA THR D 187 19.43 -35.06 -6.62
C THR D 187 17.91 -35.23 -6.61
N TYR D 188 17.20 -34.82 -7.68
CA TYR D 188 15.79 -35.17 -7.81
C TYR D 188 15.58 -36.69 -7.82
N GLU D 189 16.41 -37.41 -8.59
CA GLU D 189 16.30 -38.87 -8.63
C GLU D 189 16.47 -39.49 -7.25
N LYS D 190 17.45 -39.00 -6.48
CA LYS D 190 17.68 -39.52 -5.13
C LYS D 190 16.49 -39.20 -4.21
N ALA D 191 15.95 -37.99 -4.30
CA ALA D 191 14.79 -37.63 -3.47
C ALA D 191 13.58 -38.48 -3.83
N GLN D 192 13.34 -38.70 -5.13
CA GLN D 192 12.21 -39.55 -5.53
C GLN D 192 12.41 -40.99 -5.10
N ALA D 193 13.64 -41.50 -5.22
CA ALA D 193 13.90 -42.87 -4.78
C ALA D 193 13.61 -43.01 -3.29
N ALA D 194 14.07 -42.06 -2.49
CA ALA D 194 13.87 -42.08 -1.04
C ALA D 194 12.39 -41.97 -0.68
N GLN D 195 11.68 -41.05 -1.34
CA GLN D 195 10.23 -40.94 -1.14
C GLN D 195 9.53 -42.28 -1.35
N LYS D 196 9.74 -42.88 -2.52
CA LYS D 196 9.04 -44.10 -2.89
C LYS D 196 9.39 -45.26 -1.97
N ALA D 197 10.64 -45.32 -1.51
CA ALA D 197 11.09 -46.39 -0.61
C ALA D 197 10.70 -46.16 0.84
N GLY D 198 9.95 -45.09 1.13
CA GLY D 198 9.46 -44.84 2.47
C GLY D 198 10.47 -44.21 3.41
N LEU D 199 11.59 -43.74 2.89
CA LEU D 199 12.69 -43.37 3.76
C LEU D 199 12.48 -42.02 4.45
N PHE D 200 11.52 -41.21 4.02
CA PHE D 200 11.17 -40.00 4.75
C PHE D 200 9.98 -40.20 5.69
N ASP D 201 9.36 -41.39 5.68
CA ASP D 201 8.17 -41.63 6.50
C ASP D 201 8.41 -41.34 7.97
N GLU D 202 9.57 -41.75 8.48
CA GLU D 202 9.83 -41.61 9.90
C GLU D 202 10.03 -40.15 10.30
N GLU D 203 10.82 -39.40 9.52
CA GLU D 203 11.12 -38.03 9.93
C GLU D 203 9.95 -37.08 9.70
N ILE D 204 9.10 -37.35 8.71
CA ILE D 204 8.02 -36.43 8.39
C ILE D 204 6.83 -36.66 9.32
N ALA D 205 6.31 -35.58 9.89
CA ALA D 205 5.04 -35.61 10.59
C ALA D 205 3.97 -35.03 9.68
N PRO D 206 3.12 -35.86 9.07
CA PRO D 206 2.08 -35.33 8.16
C PRO D 206 1.21 -34.26 8.82
N ILE D 207 0.69 -33.37 7.98
CA ILE D 207 -0.16 -32.25 8.41
C ILE D 207 -1.60 -32.49 7.95
N GLN D 208 -2.54 -32.41 8.90
CA GLN D 208 -3.96 -32.54 8.64
C GLN D 208 -4.57 -31.14 8.47
N LEU D 209 -5.18 -30.90 7.32
CA LEU D 209 -5.74 -29.57 7.11
C LEU D 209 -7.25 -29.61 7.33
N PRO D 210 -7.79 -28.74 8.19
CA PRO D 210 -9.24 -28.74 8.40
C PRO D 210 -9.98 -28.52 7.10
N GLY D 211 -10.97 -29.38 6.84
CA GLY D 211 -11.78 -29.27 5.64
C GLY D 211 -13.07 -28.51 5.87
N LYS D 215 -16.11 -29.29 2.17
CA LYS D 215 -14.99 -30.12 1.74
C LYS D 215 -14.45 -30.94 2.92
N PRO D 216 -13.92 -32.13 2.64
CA PRO D 216 -13.34 -32.97 3.70
C PRO D 216 -11.92 -32.51 4.01
N ASP D 217 -11.32 -33.18 4.98
CA ASP D 217 -9.97 -32.84 5.40
C ASP D 217 -8.95 -33.28 4.35
N VAL D 218 -7.88 -32.49 4.22
CA VAL D 218 -6.73 -32.85 3.41
C VAL D 218 -5.59 -33.23 4.35
N THR D 219 -4.87 -34.30 4.01
CA THR D 219 -3.64 -34.66 4.70
C THR D 219 -2.48 -34.43 3.75
N VAL D 220 -1.47 -33.69 4.20
CA VAL D 220 -0.24 -33.47 3.45
C VAL D 220 0.82 -34.37 4.06
N THR D 221 1.27 -35.37 3.29
CA THR D 221 2.22 -36.34 3.80
C THR D 221 3.58 -36.31 3.12
N GLN D 222 3.66 -35.81 1.88
CA GLN D 222 4.86 -35.82 1.06
C GLN D 222 5.40 -34.40 0.86
N ASP D 223 6.73 -34.30 0.77
CA ASP D 223 7.34 -33.10 0.19
C ASP D 223 6.79 -32.85 -1.21
N GLU D 224 6.49 -31.58 -1.51
CA GLU D 224 5.77 -31.25 -2.73
C GLU D 224 6.67 -31.23 -3.97
N GLU D 225 7.93 -30.81 -3.81
CA GLU D 225 8.78 -30.53 -4.97
C GLU D 225 9.33 -31.76 -5.71
N PRO D 226 9.70 -32.87 -5.06
CA PRO D 226 10.42 -33.93 -5.79
C PRO D 226 9.72 -34.44 -7.05
N LYS D 227 8.39 -34.55 -7.03
CA LYS D 227 7.66 -35.10 -8.17
C LYS D 227 7.75 -34.20 -9.40
N ASN D 228 8.20 -32.94 -9.25
CA ASN D 228 8.17 -31.98 -10.34
C ASN D 228 9.29 -32.17 -11.36
N LEU D 229 10.27 -33.02 -11.10
CA LEU D 229 11.33 -33.30 -12.07
C LEU D 229 10.75 -33.66 -13.44
N ASN D 230 11.18 -32.90 -14.45
CA ASN D 230 10.99 -33.24 -15.86
C ASN D 230 12.33 -33.01 -16.52
N PRO D 231 13.11 -34.06 -16.76
CA PRO D 231 14.49 -33.85 -17.22
C PRO D 231 14.60 -33.13 -18.55
N GLU D 232 13.63 -33.35 -19.47
CA GLU D 232 13.65 -32.67 -20.76
C GLU D 232 13.42 -31.17 -20.59
N LYS D 233 12.39 -30.80 -19.83
CA LYS D 233 12.14 -29.38 -19.59
C LYS D 233 13.28 -28.74 -18.81
N LEU D 234 13.89 -29.49 -17.88
CA LEU D 234 15.00 -28.93 -17.11
C LEU D 234 16.18 -28.60 -18.01
N ARG D 235 16.51 -29.49 -18.95
CA ARG D 235 17.68 -29.23 -19.80
C ARG D 235 17.42 -28.13 -20.82
N ALA D 236 16.15 -27.83 -21.10
CA ALA D 236 15.83 -26.89 -22.18
C ALA D 236 15.42 -25.51 -21.68
N ILE D 237 15.13 -25.34 -20.39
CA ILE D 237 14.62 -24.06 -19.91
C ILE D 237 15.68 -22.96 -20.03
N LYS D 238 15.22 -21.73 -20.25
CA LYS D 238 16.13 -20.59 -20.32
C LYS D 238 16.69 -20.25 -18.95
N PRO D 239 17.91 -19.71 -18.89
CA PRO D 239 18.49 -19.32 -17.61
C PRO D 239 17.67 -18.23 -16.94
N ALA D 240 17.75 -18.18 -15.61
CA ALA D 240 16.84 -17.36 -14.83
C ALA D 240 17.41 -16.00 -14.44
N PHE D 241 18.73 -15.84 -14.43
CA PHE D 241 19.31 -14.61 -13.91
C PHE D 241 20.18 -13.87 -14.91
N ILE D 242 20.82 -14.57 -15.85
CA ILE D 242 21.65 -13.95 -16.87
C ILE D 242 21.20 -14.46 -18.23
N PRO D 243 20.57 -13.63 -19.06
CA PRO D 243 20.08 -14.11 -20.36
C PRO D 243 21.21 -14.60 -21.26
N GLY D 244 20.96 -15.70 -21.97
CA GLY D 244 21.91 -16.23 -22.93
C GLY D 244 23.05 -17.04 -22.35
N SER D 245 23.95 -16.38 -21.61
CA SER D 245 25.14 -17.05 -21.11
C SER D 245 24.98 -17.58 -19.69
N GLY D 246 23.82 -17.38 -19.07
CA GLY D 246 23.62 -17.83 -17.71
C GLY D 246 23.60 -19.34 -17.58
N THR D 247 23.90 -19.82 -16.36
CA THR D 247 23.95 -21.24 -16.06
C THR D 247 22.97 -21.67 -14.99
N VAL D 248 22.49 -20.73 -14.18
CA VAL D 248 21.59 -21.01 -13.07
C VAL D 248 20.16 -20.91 -13.61
N THR D 249 19.32 -21.87 -13.26
CA THR D 249 17.94 -21.88 -13.70
C THR D 249 17.04 -22.12 -12.51
N ALA D 250 15.73 -21.91 -12.70
CA ALA D 250 14.83 -22.27 -11.62
C ALA D 250 14.85 -23.76 -11.33
N PRO D 251 14.83 -24.66 -12.32
CA PRO D 251 14.94 -26.09 -12.01
C PRO D 251 16.22 -26.47 -11.29
N ASN D 252 17.36 -25.84 -11.55
CA ASN D 252 18.58 -26.28 -10.87
C ASN D 252 18.93 -25.41 -9.66
N SER D 253 18.02 -24.52 -9.23
CA SER D 253 18.10 -23.80 -7.97
C SER D 253 17.10 -24.37 -6.97
N SER D 254 17.32 -24.10 -5.68
CA SER D 254 16.28 -24.40 -4.71
C SER D 254 15.04 -23.56 -5.00
N PRO D 255 13.85 -24.07 -4.69
CA PRO D 255 12.64 -23.24 -4.79
C PRO D 255 12.46 -22.37 -3.55
N LEU D 256 11.36 -21.62 -3.57
CA LEU D 256 10.83 -20.99 -2.35
C LEU D 256 9.84 -21.98 -1.73
N ASN D 257 9.85 -22.12 -0.41
CA ASN D 257 9.09 -23.20 0.23
C ASN D 257 8.63 -22.82 1.63
N ASP D 258 7.74 -23.65 2.17
CA ASP D 258 7.22 -23.57 3.53
C ASP D 258 7.60 -24.85 4.29
N GLY D 259 8.00 -24.72 5.56
CA GLY D 259 8.21 -25.90 6.38
C GLY D 259 8.87 -25.58 7.70
N ALA D 260 8.93 -26.59 8.56
CA ALA D 260 9.60 -26.45 9.85
C ALA D 260 10.27 -27.78 10.23
N ALA D 261 11.23 -27.68 11.14
CA ALA D 261 11.93 -28.86 11.65
C ALA D 261 12.44 -28.55 13.07
N ALA D 262 12.44 -29.60 13.92
CA ALA D 262 12.84 -29.42 15.31
C ALA D 262 13.59 -30.65 15.79
N VAL D 263 14.53 -30.42 16.71
CA VAL D 263 15.22 -31.49 17.42
C VAL D 263 15.07 -31.25 18.93
N VAL D 264 15.14 -32.34 19.68
CA VAL D 264 15.08 -32.29 21.13
C VAL D 264 16.45 -32.67 21.66
N LEU D 265 17.04 -31.77 22.45
CA LEU D 265 18.37 -31.91 23.02
C LEU D 265 18.29 -32.11 24.52
N VAL D 266 19.10 -33.03 25.06
CA VAL D 266 19.14 -33.20 26.51
C VAL D 266 20.58 -33.36 26.98
N SER D 267 20.81 -32.98 28.23
CA SER D 267 22.10 -33.16 28.88
C SER D 267 22.32 -34.63 29.26
N GLU D 268 23.58 -34.96 29.53
CA GLU D 268 23.92 -36.31 30.00
C GLU D 268 23.19 -36.63 31.29
N ALA D 269 23.24 -35.71 32.26
CA ALA D 269 22.58 -35.93 33.55
C ALA D 269 21.10 -36.22 33.38
N LYS D 270 20.43 -35.45 32.52
CA LYS D 270 19.00 -35.61 32.34
C LYS D 270 18.68 -36.91 31.60
N LEU D 271 19.50 -37.27 30.61
CA LEU D 271 19.37 -38.56 29.95
C LEU D 271 19.34 -39.68 30.98
N LYS D 272 20.30 -39.67 31.91
CA LYS D 272 20.34 -40.67 32.97
C LYS D 272 19.13 -40.56 33.91
N GLU D 273 18.78 -39.34 34.33
CA GLU D 273 17.70 -39.17 35.31
C GLU D 273 16.38 -39.74 34.79
N LEU D 274 16.07 -39.49 33.51
CA LEU D 274 14.81 -39.93 32.93
C LEU D 274 14.94 -41.25 32.16
N ASN D 275 16.14 -41.85 32.15
CA ASN D 275 16.38 -43.12 31.46
C ASN D 275 15.98 -43.04 29.98
N LEU D 276 16.48 -42.00 29.31
CA LEU D 276 16.13 -41.71 27.92
C LEU D 276 17.07 -42.44 26.95
N LYS D 277 16.52 -42.84 25.80
CA LYS D 277 17.31 -43.46 24.74
C LYS D 277 17.73 -42.39 23.74
N PRO D 278 19.01 -42.04 23.65
CA PRO D 278 19.42 -41.01 22.68
C PRO D 278 19.50 -41.56 21.27
N VAL D 279 19.12 -40.71 20.31
CA VAL D 279 19.27 -41.03 18.90
C VAL D 279 20.69 -40.76 18.43
N ALA D 280 21.26 -39.64 18.87
CA ALA D 280 22.55 -39.19 18.39
C ALA D 280 23.20 -38.30 19.44
N LYS D 281 24.51 -38.10 19.27
CA LYS D 281 25.31 -37.19 20.10
C LYS D 281 25.85 -36.07 19.21
N ILE D 282 25.76 -34.83 19.68
CA ILE D 282 26.41 -33.73 18.99
C ILE D 282 27.91 -33.77 19.32
N LEU D 283 28.75 -33.87 18.28
CA LEU D 283 30.20 -33.93 18.50
C LEU D 283 30.89 -32.58 18.37
N GLY D 284 30.38 -31.70 17.53
CA GLY D 284 31.00 -30.39 17.40
C GLY D 284 30.26 -29.59 16.35
N TRP D 285 30.70 -28.34 16.20
CA TRP D 285 30.11 -27.46 15.20
C TRP D 285 31.11 -26.39 14.80
N GLY D 286 30.78 -25.68 13.74
CA GLY D 286 31.54 -24.51 13.37
C GLY D 286 30.77 -23.54 12.50
N ASP D 287 30.94 -22.25 12.76
CA ASP D 287 30.49 -21.20 11.87
C ASP D 287 31.71 -20.58 11.19
N ALA D 288 31.52 -20.09 9.97
CA ALA D 288 32.55 -19.34 9.25
C ALA D 288 31.85 -18.32 8.35
N ALA D 289 32.63 -17.38 7.82
CA ALA D 289 32.07 -16.38 6.93
C ALA D 289 33.18 -15.78 6.07
N GLN D 290 32.78 -15.23 4.93
CA GLN D 290 33.71 -14.61 4.01
C GLN D 290 32.95 -13.55 3.24
N GLN D 291 33.50 -13.10 2.11
CA GLN D 291 32.87 -12.04 1.34
C GLN D 291 31.40 -12.36 1.10
N PRO D 292 30.48 -11.42 1.37
CA PRO D 292 29.04 -11.73 1.25
C PRO D 292 28.61 -12.36 -0.08
N SER D 293 29.06 -11.81 -1.21
CA SER D 293 28.64 -12.42 -2.48
C SER D 293 29.25 -13.79 -2.70
N LYS D 294 30.21 -14.20 -1.87
CA LYS D 294 30.82 -15.52 -1.96
C LYS D 294 30.26 -16.46 -0.89
N PHE D 295 29.06 -16.16 -0.38
CA PHE D 295 28.51 -17.00 0.68
C PHE D 295 28.39 -18.45 0.23
N THR D 296 28.26 -18.66 -1.09
CA THR D 296 28.07 -19.98 -1.67
C THR D 296 29.16 -20.96 -1.26
N THR D 297 30.39 -20.49 -1.05
CA THR D 297 31.45 -21.42 -0.66
C THR D 297 31.92 -21.22 0.78
N ALA D 298 31.16 -20.47 1.59
CA ALA D 298 31.44 -20.44 3.03
C ALA D 298 31.43 -21.83 3.67
N PRO D 299 30.65 -22.82 3.22
CA PRO D 299 30.74 -24.15 3.87
C PRO D 299 32.11 -24.80 3.73
N ALA D 300 32.90 -24.45 2.72
CA ALA D 300 34.25 -24.98 2.63
C ALA D 300 35.13 -24.50 3.78
N LEU D 301 34.72 -23.49 4.54
CA LEU D 301 35.39 -23.11 5.78
C LEU D 301 34.71 -23.69 7.02
N ALA D 302 33.36 -23.68 7.05
CA ALA D 302 32.64 -24.09 8.24
C ALA D 302 32.78 -25.59 8.48
N ILE D 303 32.75 -26.39 7.41
CA ILE D 303 32.84 -27.84 7.57
C ILE D 303 34.17 -28.25 8.18
N PRO D 304 35.34 -27.83 7.66
CA PRO D 304 36.59 -28.20 8.34
C PRO D 304 36.65 -27.69 9.78
N LYS D 305 36.07 -26.52 10.03
CA LYS D 305 36.05 -25.99 11.39
C LYS D 305 35.23 -26.89 12.32
N ALA D 306 34.06 -27.34 11.85
CA ALA D 306 33.24 -28.22 12.67
C ALA D 306 33.96 -29.55 12.93
N LEU D 307 34.56 -30.13 11.89
CA LEU D 307 35.27 -31.40 12.07
C LEU D 307 36.39 -31.27 13.08
N LYS D 308 37.14 -30.16 13.01
CA LYS D 308 38.21 -29.94 13.98
C LYS D 308 37.64 -29.76 15.39
N HIS D 309 36.57 -28.97 15.51
CA HIS D 309 35.90 -28.84 16.80
C HIS D 309 35.43 -30.20 17.31
N ALA D 310 34.94 -31.06 16.41
CA ALA D 310 34.47 -32.39 16.77
C ALA D 310 35.62 -33.38 17.01
N GLY D 311 36.85 -33.03 16.64
CA GLY D 311 37.94 -34.01 16.68
C GLY D 311 37.75 -35.17 15.73
N VAL D 312 37.20 -34.92 14.56
CA VAL D 312 36.85 -35.96 13.59
C VAL D 312 37.52 -35.62 12.26
N GLY D 313 38.11 -36.63 11.62
CA GLY D 313 38.66 -36.45 10.29
C GLY D 313 37.58 -36.47 9.21
N GLN D 314 37.80 -35.68 8.16
CA GLN D 314 36.83 -35.59 7.08
C GLN D 314 36.52 -36.96 6.46
N ASP D 315 37.55 -37.80 6.26
CA ASP D 315 37.36 -39.10 5.62
C ASP D 315 36.53 -40.07 6.47
N ALA D 316 36.45 -39.84 7.78
CA ALA D 316 35.66 -40.69 8.68
C ALA D 316 34.16 -40.40 8.59
N ILE D 317 33.76 -39.30 7.97
CA ILE D 317 32.35 -39.00 7.85
C ILE D 317 31.67 -39.98 6.90
N ASP D 318 30.55 -40.56 7.33
CA ASP D 318 29.83 -41.51 6.49
C ASP D 318 28.84 -40.84 5.55
N ALA D 319 28.30 -39.69 5.94
CA ALA D 319 27.39 -38.96 5.07
C ALA D 319 27.49 -37.47 5.38
N PHE D 320 27.42 -36.66 4.33
CA PHE D 320 27.33 -35.22 4.45
C PHE D 320 25.97 -34.73 3.95
N GLU D 321 25.43 -33.71 4.62
CA GLU D 321 24.36 -32.89 4.05
C GLU D 321 24.97 -31.53 3.75
N ILE D 322 25.08 -31.21 2.46
CA ILE D 322 25.54 -29.90 2.00
C ILE D 322 24.33 -29.21 1.40
N ASN D 323 23.83 -28.16 2.06
CA ASN D 323 22.53 -27.64 1.65
C ASN D 323 22.61 -27.11 0.22
N GLU D 324 21.64 -27.53 -0.60
CA GLU D 324 21.65 -27.20 -2.02
C GLU D 324 20.90 -25.89 -2.28
N ALA D 325 21.43 -24.78 -1.75
CA ALA D 325 20.85 -23.49 -2.11
C ALA D 325 20.69 -23.38 -3.62
N PHE D 326 21.70 -23.85 -4.35
CA PHE D 326 21.73 -24.04 -5.80
C PHE D 326 22.52 -25.30 -6.07
N SER D 327 22.31 -25.92 -7.25
CA SER D 327 23.14 -27.07 -7.59
C SER D 327 24.62 -26.67 -7.56
N VAL D 328 24.94 -25.49 -8.07
CA VAL D 328 26.33 -25.06 -8.12
C VAL D 328 26.94 -24.96 -6.71
N VAL D 329 26.13 -24.73 -5.68
CA VAL D 329 26.67 -24.65 -4.31
C VAL D 329 27.22 -26.00 -3.86
N ALA D 330 26.44 -27.07 -4.05
CA ALA D 330 26.95 -28.40 -3.76
C ALA D 330 28.18 -28.73 -4.60
N LEU D 331 28.13 -28.46 -5.91
CA LEU D 331 29.27 -28.77 -6.77
C LEU D 331 30.54 -28.06 -6.30
N ALA D 332 30.42 -26.78 -5.97
CA ALA D 332 31.63 -26.02 -5.62
C ALA D 332 32.19 -26.46 -4.28
N ASN D 333 31.32 -26.72 -3.30
CA ASN D 333 31.85 -27.13 -2.00
C ASN D 333 32.42 -28.54 -2.05
N MET D 334 31.81 -29.44 -2.83
CA MET D 334 32.41 -30.77 -3.01
C MET D 334 33.80 -30.67 -3.62
N LYS D 335 33.96 -29.79 -4.63
CA LYS D 335 35.26 -29.62 -5.26
C LYS D 335 36.29 -29.06 -4.27
N LEU D 336 35.93 -27.98 -3.56
CA LEU D 336 36.90 -27.34 -2.67
C LEU D 336 37.33 -28.28 -1.56
N LEU D 337 36.41 -29.09 -1.04
CA LEU D 337 36.66 -29.94 0.10
C LEU D 337 37.20 -31.32 -0.28
N GLY D 338 37.07 -31.71 -1.55
CA GLY D 338 37.44 -33.05 -1.96
C GLY D 338 36.49 -34.11 -1.45
N ILE D 339 35.18 -33.83 -1.44
CA ILE D 339 34.16 -34.75 -0.95
C ILE D 339 33.45 -35.37 -2.15
N PRO D 340 33.47 -36.69 -2.33
CA PRO D 340 32.79 -37.29 -3.49
C PRO D 340 31.27 -37.23 -3.33
N GLU D 341 30.59 -37.00 -4.46
CA GLU D 341 29.13 -36.89 -4.43
C GLU D 341 28.49 -38.15 -3.85
N GLU D 342 29.17 -39.28 -3.97
CA GLU D 342 28.68 -40.53 -3.38
C GLU D 342 28.47 -40.47 -1.88
N LYS D 343 28.95 -39.44 -1.20
CA LYS D 343 28.71 -39.29 0.23
C LYS D 343 27.83 -38.09 0.56
N VAL D 344 27.24 -37.45 -0.44
CA VAL D 344 26.56 -36.17 -0.24
C VAL D 344 25.06 -36.30 -0.54
N ASN D 345 24.24 -35.78 0.37
CA ASN D 345 22.81 -35.64 0.19
C ASN D 345 22.18 -36.92 -0.36
N LEU D 346 22.37 -38.01 0.41
CA LEU D 346 22.09 -39.34 -0.11
C LEU D 346 20.61 -39.58 -0.36
N HIS D 347 19.73 -38.79 0.25
CA HIS D 347 18.31 -38.84 -0.04
C HIS D 347 17.85 -37.62 -0.82
N GLY D 348 18.74 -36.95 -1.54
CA GLY D 348 18.39 -35.74 -2.24
C GLY D 348 18.58 -34.51 -1.38
N GLY D 349 18.57 -33.35 -2.03
CA GLY D 349 18.79 -32.12 -1.29
C GLY D 349 17.77 -31.05 -1.65
N ALA D 350 18.02 -29.82 -1.20
CA ALA D 350 17.02 -28.75 -1.26
C ALA D 350 16.59 -28.36 -2.68
N VAL D 351 17.43 -28.63 -3.68
CA VAL D 351 17.00 -28.34 -5.06
C VAL D 351 15.76 -29.16 -5.39
N ALA D 352 15.70 -30.39 -4.89
CA ALA D 352 14.57 -31.30 -5.12
C ALA D 352 13.55 -31.31 -3.99
N ILE D 353 13.95 -31.04 -2.75
CA ILE D 353 13.09 -31.20 -1.58
C ILE D 353 12.43 -29.88 -1.21
N GLY D 354 13.12 -28.77 -1.46
CA GLY D 354 12.67 -27.46 -1.08
C GLY D 354 13.55 -26.83 -0.03
N HIS D 355 13.38 -25.51 0.13
CA HIS D 355 14.29 -24.67 0.93
C HIS D 355 13.49 -23.60 1.67
N PRO D 356 12.77 -23.99 2.75
CA PRO D 356 12.15 -22.98 3.63
C PRO D 356 13.22 -22.41 4.54
N ILE D 357 13.65 -21.18 4.27
CA ILE D 357 15.02 -20.80 4.61
C ILE D 357 15.27 -20.86 6.12
N GLY D 358 14.37 -20.35 6.96
CA GLY D 358 14.65 -20.40 8.41
C GLY D 358 14.68 -21.81 9.00
N ALA D 359 14.10 -22.78 8.29
CA ALA D 359 14.02 -24.16 8.76
C ALA D 359 15.08 -25.08 8.18
N SER D 360 15.72 -24.70 7.06
CA SER D 360 16.51 -25.66 6.29
C SER D 360 17.68 -26.22 7.08
N GLY D 361 18.30 -25.41 7.94
CA GLY D 361 19.44 -25.92 8.70
C GLY D 361 19.07 -27.05 9.63
N ALA D 362 17.87 -27.00 10.22
CA ALA D 362 17.39 -28.12 11.02
C ALA D 362 16.79 -29.21 10.14
N ARG D 363 16.17 -28.81 9.03
CA ARG D 363 15.65 -29.80 8.08
C ARG D 363 16.75 -30.76 7.63
N ILE D 364 17.91 -30.22 7.24
CA ILE D 364 18.95 -31.14 6.72
C ILE D 364 19.49 -32.01 7.84
N LEU D 365 19.52 -31.53 9.10
CA LEU D 365 19.98 -32.38 10.20
C LEU D 365 19.02 -33.56 10.43
N THR D 366 17.72 -33.29 10.37
CA THR D 366 16.73 -34.36 10.51
CA THR D 366 16.77 -34.38 10.54
C THR D 366 16.90 -35.39 9.40
N THR D 367 17.12 -34.92 8.17
CA THR D 367 17.29 -35.84 7.05
C THR D 367 18.59 -36.64 7.18
N LEU D 368 19.66 -36.00 7.64
CA LEU D 368 20.96 -36.67 7.82
C LEU D 368 20.85 -37.82 8.81
N LEU D 369 20.12 -37.61 9.90
CA LEU D 369 19.95 -38.68 10.87
C LEU D 369 19.26 -39.86 10.21
N GLY D 370 18.33 -39.58 9.29
CA GLY D 370 17.69 -40.66 8.54
C GLY D 370 18.65 -41.33 7.56
N VAL D 371 19.51 -40.54 6.93
CA VAL D 371 20.50 -41.09 6.00
C VAL D 371 21.47 -42.01 6.75
N LEU D 372 21.96 -41.58 7.91
CA LEU D 372 22.91 -42.41 8.65
C LEU D 372 22.29 -43.73 9.06
N LYS D 373 21.02 -43.70 9.50
CA LYS D 373 20.36 -44.96 9.82
C LYS D 373 20.18 -45.83 8.57
N ALA D 374 19.63 -45.23 7.49
CA ALA D 374 19.31 -46.02 6.30
C ALA D 374 20.56 -46.61 5.68
N LYS D 375 21.67 -45.87 5.69
CA LYS D 375 22.92 -46.33 5.06
C LYS D 375 23.88 -46.98 6.06
N LYS D 376 23.44 -47.22 7.29
CA LYS D 376 24.26 -47.88 8.30
C LYS D 376 25.55 -47.11 8.56
N GLY D 377 25.45 -45.79 8.65
CA GLY D 377 26.58 -44.94 8.95
C GLY D 377 26.56 -44.47 10.40
N LYS D 378 27.68 -43.92 10.82
CA LYS D 378 27.80 -43.50 12.22
C LYS D 378 28.00 -42.00 12.36
N LEU D 379 28.91 -41.42 11.57
CA LEU D 379 29.30 -40.03 11.68
C LEU D 379 28.73 -39.24 10.51
N GLY D 380 28.02 -38.17 10.83
CA GLY D 380 27.45 -37.32 9.82
C GLY D 380 27.90 -35.88 10.01
N CYS D 381 27.88 -35.11 8.92
CA CYS D 381 28.18 -33.68 9.00
C CYS D 381 27.19 -32.93 8.12
N ALA D 382 26.55 -31.92 8.69
CA ALA D 382 25.67 -31.03 7.94
C ALA D 382 26.33 -29.67 7.83
N GLY D 383 26.29 -29.09 6.63
CA GLY D 383 26.82 -27.75 6.41
C GLY D 383 25.84 -26.94 5.57
N ILE D 384 25.66 -25.66 5.89
CA ILE D 384 24.66 -24.87 5.21
C ILE D 384 25.17 -23.43 5.09
N CYS D 385 25.23 -22.91 3.86
CA CYS D 385 25.62 -21.53 3.61
C CYS D 385 24.44 -20.59 3.85
N ASN D 386 24.73 -19.30 4.05
CA ASN D 386 23.64 -18.35 4.25
C ASN D 386 23.98 -17.00 3.62
N GLY D 387 22.94 -16.35 3.09
CA GLY D 387 23.05 -14.98 2.61
C GLY D 387 23.78 -14.08 3.60
N GLY D 388 24.66 -13.22 3.10
CA GLY D 388 25.50 -12.37 3.93
C GLY D 388 26.93 -12.82 4.00
N GLY D 389 27.22 -14.06 3.61
CA GLY D 389 28.58 -14.55 3.57
C GLY D 389 28.90 -15.68 4.51
N GLY D 390 27.95 -16.12 5.35
CA GLY D 390 28.22 -17.09 6.39
C GLY D 390 27.91 -18.53 6.00
N ALA D 391 28.30 -19.44 6.89
CA ALA D 391 27.88 -20.83 6.83
C ALA D 391 27.97 -21.40 8.22
N SER D 392 27.16 -22.42 8.49
CA SER D 392 27.21 -23.14 9.75
C SER D 392 27.30 -24.63 9.46
N ALA D 393 27.97 -25.36 10.34
CA ALA D 393 28.12 -26.80 10.15
C ALA D 393 28.09 -27.50 11.51
N LEU D 394 27.66 -28.75 11.49
CA LEU D 394 27.52 -29.52 12.72
C LEU D 394 27.90 -30.97 12.44
N VAL D 395 28.52 -31.63 13.42
CA VAL D 395 28.92 -33.03 13.32
C VAL D 395 28.17 -33.81 14.39
N VAL D 396 27.53 -34.93 13.99
CA VAL D 396 26.77 -35.79 14.90
C VAL D 396 27.27 -37.22 14.77
N GLU D 397 27.03 -38.00 15.84
CA GLU D 397 27.31 -39.42 15.87
C GLU D 397 26.00 -40.15 16.13
N LEU D 398 25.60 -41.00 15.19
CA LEU D 398 24.40 -41.79 15.38
C LEU D 398 24.66 -42.92 16.38
N LEU D 399 23.81 -43.03 17.39
CA LEU D 399 24.04 -44.02 18.46
C LEU D 399 23.22 -45.30 18.27
CL CL E . -8.34 16.07 -25.64
CS CS F . 5.33 28.27 -10.10
CS CS G . -29.23 35.13 -2.87
CS CS H . -16.03 38.34 -1.71
CL CL I . -27.38 12.24 -8.66
CS CS J . -27.13 -11.42 -10.51
CS CS K . -22.83 -7.76 -34.93
CS CS L . -18.71 2.79 -42.41
CL CL M . 26.66 -13.90 7.46
CL CL N . 8.59 -14.82 26.04
C1 GOL O . 4.01 15.48 29.54
O1 GOL O . 5.23 15.24 30.23
C2 GOL O . 4.33 15.79 28.06
O2 GOL O . 5.23 16.90 27.95
C3 GOL O . 2.94 16.09 27.44
O3 GOL O . 2.17 14.87 27.52
CS CS P . 7.14 8.91 28.13
CS CS Q . 31.94 9.39 24.42
CS CS R . 40.95 0.34 19.64
CS CS S . 24.98 -3.03 48.67
C1 GOL T . 12.06 -29.21 -14.81
O1 GOL T . 12.19 -30.20 -13.83
C2 GOL T . 10.73 -28.45 -14.55
O2 GOL T . 9.65 -29.31 -14.47
C3 GOL T . 10.61 -27.47 -15.74
O3 GOL T . 10.02 -26.32 -15.29
C1 GOL U . -2.06 -27.27 12.11
O1 GOL U . -1.15 -26.21 12.40
C2 GOL U . -1.29 -28.61 11.90
O2 GOL U . -0.67 -29.08 13.08
C3 GOL U . -2.43 -29.55 11.51
O3 GOL U . -1.83 -30.83 11.33
CS CS V . 14.03 -26.70 -8.25
CS CS W . 6.37 -40.22 11.43
CS CS X . 6.58 -38.17 25.06
CS CS Y . 12.19 -43.88 29.56
CS CS Z . 33.95 -43.36 6.34
#